data_7TXH
#
_entry.id   7TXH
#
_cell.length_a   72.959
_cell.length_b   115.755
_cell.length_c   137.804
_cell.angle_alpha   90.000
_cell.angle_beta   100.314
_cell.angle_gamma   90.000
#
_symmetry.space_group_name_H-M   'P 1 21 1'
#
loop_
_entity.id
_entity.type
_entity.pdbx_description
1 polymer 'Ras-related protein M-Ras'
2 polymer 'Leucine-rich repeat protein SHOC-2'
3 polymer 'Serine/threonine-protein phosphatase PP1-alpha catalytic subunit'
4 non-polymer 'PHOSPHOAMINOPHOSPHONIC ACID-GUANYLATE ESTER'
5 non-polymer 'MAGNESIUM ION'
6 non-polymer GLYCEROL
7 non-polymer 'MANGANESE (II) ION'
8 non-polymer 'PHOSPHATE ION'
9 water water
#
loop_
_entity_poly.entity_id
_entity_poly.type
_entity_poly.pdbx_seq_one_letter_code
_entity_poly.pdbx_strand_id
1 'polypeptide(L)'
;GPMATSAVPSDNLPTYKLVVVGDGGVGKSALTIQFFQKIFVPDYDPTIEDSYLKHTEIDNQWAILDVLDTAGREEFSAMR
EQYMRTGDGFLIVYSVTDKASFEHVDRFHQLILRVKDRESFPMILVANKVDLMHLRKITREQGKEMATKHNIPYIETSAK
DPPLNVDKAFHDLVRVIRQQ
;
A,D
2 'polypeptide(L)'
;GPGTRKKSSNAEVIKELNKCREENSMRLDLSKRSIHILPSSIKELTQLTELYLYSNKLQSLPAEVGCLVNLMTLALSENS
LTSLPDSLDNLKKLRILDLRHNKLREIPSVVYRLDSLTTLYLRFNRITTVEKDIKNLSKLSMLSIRENKIKQLPAEIGEL
CNLITLDVAHNQLEHLPKEIGNCTQITNLDLQHNELLDLPDTIGNLSSLSRLGLRYNRLSAIPRSLAKCSALEELNLENN
NISTLPESLLSSLVKLNSLTLARNCFQLYPVGGPSQFSTIYSLNMEHNRINKIPFGIFSRAKVLSKLNMKDNQLTSLPLD
FGTWTSMVELNLATNQLTKIPEDVSGLVSLEVLILSNNLLKKLPHGLGNLRKLRELDLEENKLESLPNEIAYLKDLQKLV
LTNNQLTTLPRGIGHLTNLTHLGLGENLLTHLPEEIGTLENLEELYLNDNPNLHSLPFELALCSKLSIMSIENCPLSHLP
PQIVAGGPSFIIQFLKMQGPYRAMV
;
B,E
3 'polypeptide(L)'
;SNALNLDSIIGRLLEVQGSRPGKNVQLTENEIRGLCLKSREIFLSQPILLELEAPLKICGDIHGQYYDLLRLFEYGGFPP
ESNYLFLGDYVDRGKQSLETICLLLAYKIKYPENFFLLRGNHECASINRIYGFYDECKRRYNIKLWKTFTDCFNCLPIAA
IVDEKIFCCHGGLSPDLQSMEQIRRIMRPTDVPDQGLLCDLLWSDPDKDVQGWGENDRGVSFTFGAEVVAKFLHKHDLDL
ICRAHQVVEDGYEFFAKRQLVTLFSAPNYCGEFDNAGAMMSVDETLMCSFQILKPAD
;
C,F
#
loop_
_chem_comp.id
_chem_comp.type
_chem_comp.name
_chem_comp.formula
GNP non-polymer 'PHOSPHOAMINOPHOSPHONIC ACID-GUANYLATE ESTER' 'C10 H17 N6 O13 P3'
GOL non-polymer GLYCEROL 'C3 H8 O3'
MG non-polymer 'MAGNESIUM ION' 'Mg 2'
MN non-polymer 'MANGANESE (II) ION' 'Mn 2'
PO4 non-polymer 'PHOSPHATE ION' 'O4 P -3'
#
# COMPACT_ATOMS: atom_id res chain seq x y z
N VAL A 8 26.38 4.01 23.98
CA VAL A 8 26.29 4.88 22.81
C VAL A 8 27.61 5.63 22.59
N PRO A 9 28.27 5.36 21.46
CA PRO A 9 29.57 5.98 21.21
C PRO A 9 29.47 7.49 21.06
N SER A 10 30.61 8.16 21.28
CA SER A 10 30.67 9.61 21.20
C SER A 10 30.64 10.09 19.75
N ASP A 11 31.62 10.92 19.35
CA ASP A 11 31.56 11.56 18.05
C ASP A 11 32.87 11.29 17.33
N ASN A 12 33.80 12.26 17.27
CA ASN A 12 35.02 12.12 16.48
C ASN A 12 36.02 11.24 17.24
N LEU A 13 35.87 9.96 17.05
CA LEU A 13 36.75 9.08 17.79
C LEU A 13 38.01 8.76 16.99
N PRO A 14 39.13 8.52 17.67
CA PRO A 14 40.29 7.98 16.97
C PRO A 14 40.11 6.48 16.72
N THR A 15 40.80 6.00 15.70
CA THR A 15 40.80 4.59 15.35
C THR A 15 42.16 3.99 15.68
N TYR A 16 42.15 2.84 16.35
CA TYR A 16 43.35 2.06 16.66
C TYR A 16 43.35 0.82 15.78
N LYS A 17 44.36 0.68 14.94
CA LYS A 17 44.48 -0.48 14.05
C LYS A 17 45.33 -1.53 14.74
N LEU A 18 44.68 -2.55 15.29
CA LEU A 18 45.33 -3.65 16.00
C LEU A 18 45.48 -4.84 15.05
N VAL A 19 46.68 -5.43 15.02
CA VAL A 19 46.96 -6.55 14.13
C VAL A 19 47.32 -7.75 15.00
N VAL A 20 46.69 -8.90 14.71
CA VAL A 20 46.93 -10.13 15.46
C VAL A 20 47.82 -11.03 14.60
N VAL A 21 49.00 -11.38 15.11
CA VAL A 21 49.95 -12.21 14.36
C VAL A 21 50.42 -13.36 15.24
N GLY A 22 50.95 -14.38 14.60
CA GLY A 22 51.38 -15.60 15.27
C GLY A 22 51.27 -16.79 14.35
N ASP A 23 51.85 -17.92 14.80
CA ASP A 23 51.85 -19.17 14.05
C ASP A 23 50.43 -19.68 13.79
N GLY A 24 50.31 -20.54 12.80
CA GLY A 24 49.00 -21.14 12.50
C GLY A 24 48.48 -21.96 13.66
N GLY A 25 47.18 -21.85 13.91
CA GLY A 25 46.49 -22.66 14.89
C GLY A 25 46.62 -22.22 16.34
N VAL A 26 47.27 -21.08 16.62
CA VAL A 26 47.45 -20.65 18.01
C VAL A 26 46.20 -20.04 18.61
N GLY A 27 45.21 -19.71 17.79
CA GLY A 27 43.97 -19.13 18.26
C GLY A 27 43.74 -17.66 17.97
N LYS A 28 44.47 -17.07 17.02
CA LYS A 28 44.28 -15.66 16.67
C LYS A 28 42.83 -15.39 16.30
N SER A 29 42.26 -16.23 15.44
CA SER A 29 40.90 -15.98 14.95
C SER A 29 39.88 -16.27 16.04
N ALA A 30 40.08 -17.34 16.82
CA ALA A 30 39.12 -17.63 17.89
C ALA A 30 39.10 -16.52 18.92
N LEU A 31 40.28 -15.95 19.23
CA LEU A 31 40.31 -14.82 20.15
C LEU A 31 39.57 -13.63 19.57
N THR A 32 39.83 -13.33 18.29
CA THR A 32 39.20 -12.17 17.66
C THR A 32 37.68 -12.33 17.61
N ILE A 33 37.22 -13.55 17.27
CA ILE A 33 35.79 -13.77 17.11
C ILE A 33 35.09 -13.77 18.45
N GLN A 34 35.71 -14.37 19.48
CA GLN A 34 35.23 -14.22 20.84
C GLN A 34 35.12 -12.75 21.21
N PHE A 35 36.14 -11.96 20.88
CA PHE A 35 36.15 -10.56 21.28
C PHE A 35 35.00 -9.77 20.64
N PHE A 36 34.70 -10.04 19.37
CA PHE A 36 33.68 -9.29 18.62
C PHE A 36 32.29 -9.92 18.69
N GLN A 37 32.18 -11.24 18.47
CA GLN A 37 30.90 -11.92 18.38
C GLN A 37 30.53 -12.66 19.65
N LYS A 38 31.45 -12.78 20.62
CA LYS A 38 31.19 -13.38 21.93
C LYS A 38 30.88 -14.86 21.86
N ILE A 39 31.42 -15.58 20.86
CA ILE A 39 31.31 -17.04 20.83
C ILE A 39 32.70 -17.62 20.62
N PHE A 40 32.83 -18.90 20.96
CA PHE A 40 34.02 -19.68 20.66
C PHE A 40 33.74 -20.58 19.47
N VAL A 41 34.54 -20.44 18.42
CA VAL A 41 34.40 -21.25 17.21
C VAL A 41 35.35 -22.44 17.34
N PRO A 42 34.84 -23.67 17.45
CA PRO A 42 35.71 -24.82 17.70
C PRO A 42 36.40 -25.40 16.47
N ASP A 43 35.85 -25.23 15.26
CA ASP A 43 36.43 -25.85 14.08
C ASP A 43 37.47 -24.95 13.44
N TYR A 44 38.58 -25.55 13.00
CA TYR A 44 39.73 -24.79 12.50
C TYR A 44 39.54 -24.47 11.02
N ASP A 45 39.54 -23.19 10.68
CA ASP A 45 39.54 -22.73 9.28
C ASP A 45 40.67 -21.71 9.11
N PRO A 46 41.74 -22.05 8.40
CA PRO A 46 42.89 -21.12 8.30
C PRO A 46 42.51 -19.77 7.70
N THR A 47 43.09 -18.72 8.28
CA THR A 47 42.85 -17.35 7.83
C THR A 47 43.76 -16.99 6.66
N ILE A 48 43.18 -16.28 5.67
CA ILE A 48 43.97 -15.52 4.71
C ILE A 48 44.16 -14.13 5.28
N GLU A 49 43.06 -13.39 5.38
CA GLU A 49 43.01 -12.09 6.04
C GLU A 49 41.55 -11.78 6.31
N ASP A 50 41.26 -11.30 7.52
CA ASP A 50 39.92 -10.83 7.86
C ASP A 50 40.07 -9.62 8.78
N SER A 51 39.06 -8.75 8.77
CA SER A 51 39.10 -7.58 9.65
C SER A 51 37.75 -7.38 10.31
N TYR A 52 37.80 -6.69 11.45
CA TYR A 52 36.68 -6.53 12.36
C TYR A 52 36.70 -5.09 12.87
N LEU A 53 35.53 -4.54 13.18
CA LEU A 53 35.50 -3.18 13.70
C LEU A 53 34.43 -3.08 14.77
N LYS A 54 34.75 -2.35 15.85
CA LYS A 54 33.80 -2.08 16.91
C LYS A 54 34.09 -0.72 17.50
N HIS A 55 33.04 -0.11 18.06
CA HIS A 55 33.16 1.06 18.91
C HIS A 55 33.16 0.59 20.34
N THR A 56 34.16 1.01 21.13
CA THR A 56 34.17 0.57 22.50
C THR A 56 34.85 1.62 23.38
N GLU A 57 34.52 1.57 24.66
CA GLU A 57 35.00 2.53 25.65
C GLU A 57 36.06 1.84 26.50
N ILE A 58 37.28 2.39 26.49
CA ILE A 58 38.40 1.86 27.26
C ILE A 58 38.90 2.99 28.16
N ASP A 59 38.92 2.72 29.47
CA ASP A 59 39.31 3.73 30.47
C ASP A 59 38.51 5.02 30.28
N ASN A 60 37.21 4.86 30.02
CA ASN A 60 36.27 5.97 29.82
C ASN A 60 36.70 6.93 28.70
N GLN A 61 37.44 6.42 27.72
CA GLN A 61 37.67 7.12 26.46
C GLN A 61 37.13 6.25 25.33
N TRP A 62 36.27 6.82 24.48
CA TRP A 62 35.68 6.05 23.39
C TRP A 62 36.71 5.84 22.28
N ALA A 63 36.70 4.64 21.71
CA ALA A 63 37.66 4.27 20.67
C ALA A 63 36.96 3.46 19.60
N ILE A 64 37.48 3.56 18.38
CA ILE A 64 37.19 2.61 17.30
C ILE A 64 38.37 1.66 17.20
N LEU A 65 38.11 0.36 17.35
CA LEU A 65 39.14 -0.66 17.20
C LEU A 65 38.91 -1.34 15.86
N ASP A 66 39.87 -1.17 14.93
CA ASP A 66 39.90 -1.91 13.68
C ASP A 66 40.91 -3.04 13.84
N VAL A 67 40.43 -4.28 13.90
CA VAL A 67 41.27 -5.43 14.21
C VAL A 67 41.51 -6.24 12.95
N LEU A 68 42.78 -6.40 12.59
CA LEU A 68 43.16 -7.20 11.44
C LEU A 68 43.70 -8.54 11.91
N ASP A 69 43.04 -9.62 11.48
CA ASP A 69 43.42 -10.98 11.76
C ASP A 69 44.23 -11.51 10.58
N THR A 70 45.47 -11.96 10.82
CA THR A 70 46.39 -12.37 9.76
C THR A 70 46.57 -13.88 9.70
N ALA A 71 47.18 -14.34 8.59
CA ALA A 71 47.45 -15.76 8.41
C ALA A 71 48.66 -16.21 9.22
N GLY A 72 48.51 -17.33 9.92
CA GLY A 72 49.68 -17.92 10.55
C GLY A 72 50.30 -19.04 9.76
N ARG A 73 49.54 -19.70 8.88
CA ARG A 73 50.11 -20.79 8.09
C ARG A 73 50.96 -20.22 6.96
N GLU A 74 52.15 -20.82 6.77
CA GLU A 74 53.08 -20.34 5.75
C GLU A 74 52.42 -20.25 4.37
N GLU A 75 51.72 -21.30 3.97
CA GLU A 75 51.17 -21.29 2.61
C GLU A 75 49.98 -20.34 2.48
N PHE A 76 49.53 -19.71 3.56
CA PHE A 76 48.46 -18.73 3.50
C PHE A 76 48.96 -17.30 3.65
N SER A 77 50.27 -17.08 3.63
CA SER A 77 50.81 -15.84 4.17
C SER A 77 51.10 -14.78 3.09
N ALA A 78 50.63 -14.96 1.87
CA ALA A 78 50.81 -13.89 0.88
C ALA A 78 50.18 -12.60 1.39
N MET A 79 50.93 -11.49 1.25
CA MET A 79 50.54 -10.12 1.58
C MET A 79 50.55 -9.84 3.08
N ARG A 80 51.11 -10.73 3.91
CA ARG A 80 51.03 -10.49 5.34
C ARG A 80 51.82 -9.26 5.76
N GLU A 81 53.00 -9.03 5.16
CA GLU A 81 53.78 -7.85 5.51
C GLU A 81 53.00 -6.56 5.27
N GLN A 82 52.34 -6.45 4.11
CA GLN A 82 51.57 -5.24 3.83
C GLN A 82 50.46 -5.03 4.85
N TYR A 83 49.71 -6.08 5.17
CA TYR A 83 48.68 -5.97 6.19
C TYR A 83 49.25 -5.56 7.54
N MET A 84 50.40 -6.14 7.93
CA MET A 84 51.05 -5.72 9.17
C MET A 84 51.54 -4.27 9.11
N ARG A 85 51.96 -3.83 7.92
CA ARG A 85 52.50 -2.48 7.75
C ARG A 85 51.52 -1.40 8.16
N THR A 86 50.22 -1.67 8.08
CA THR A 86 49.21 -0.68 8.40
C THR A 86 48.87 -0.64 9.89
N GLY A 87 49.50 -1.47 10.73
CA GLY A 87 49.06 -1.59 12.11
C GLY A 87 49.60 -0.48 13.01
N ASP A 88 48.80 -0.13 14.02
CA ASP A 88 49.24 0.73 15.13
C ASP A 88 49.79 -0.05 16.32
N GLY A 89 49.52 -1.35 16.39
CA GLY A 89 50.01 -2.18 17.46
C GLY A 89 49.64 -3.63 17.20
N PHE A 90 50.33 -4.53 17.89
CA PHE A 90 50.28 -5.95 17.60
C PHE A 90 49.99 -6.78 18.84
N LEU A 91 49.13 -7.78 18.68
CA LEU A 91 49.12 -8.94 19.56
C LEU A 91 49.99 -10.00 18.91
N ILE A 92 51.06 -10.40 19.60
CA ILE A 92 51.83 -11.57 19.20
C ILE A 92 51.28 -12.74 20.00
N VAL A 93 50.68 -13.70 19.32
CA VAL A 93 50.00 -14.82 19.98
C VAL A 93 50.80 -16.09 19.74
N TYR A 94 50.97 -16.87 20.81
CA TYR A 94 51.42 -18.25 20.69
C TYR A 94 50.47 -19.13 21.50
N SER A 95 50.51 -20.43 21.22
CA SER A 95 49.72 -21.39 21.98
C SER A 95 50.60 -22.06 23.02
N VAL A 96 50.12 -22.11 24.27
CA VAL A 96 50.92 -22.76 25.31
C VAL A 96 51.02 -24.27 25.13
N THR A 97 50.25 -24.86 24.21
CA THR A 97 50.39 -26.27 23.87
C THR A 97 51.30 -26.51 22.66
N ASP A 98 51.90 -25.47 22.09
CA ASP A 98 52.61 -25.58 20.82
C ASP A 98 53.98 -24.93 20.99
N LYS A 99 54.99 -25.76 21.27
CA LYS A 99 56.33 -25.26 21.54
C LYS A 99 56.87 -24.44 20.37
N ALA A 100 56.68 -24.92 19.15
CA ALA A 100 57.21 -24.20 17.98
C ALA A 100 56.58 -22.82 17.84
N SER A 101 55.30 -22.68 18.19
CA SER A 101 54.67 -21.36 18.16
C SER A 101 55.29 -20.41 19.18
N PHE A 102 55.70 -20.93 20.33
CA PHE A 102 56.37 -20.07 21.32
C PHE A 102 57.76 -19.66 20.83
N GLU A 103 58.51 -20.60 20.26
CA GLU A 103 59.84 -20.29 19.75
C GLU A 103 59.77 -19.20 18.68
N HIS A 104 58.71 -19.21 17.87
CA HIS A 104 58.58 -18.29 16.76
C HIS A 104 58.20 -16.89 17.18
N VAL A 105 58.03 -16.64 18.48
CA VAL A 105 57.72 -15.29 18.95
C VAL A 105 58.82 -14.32 18.53
N ASP A 106 60.09 -14.74 18.64
CA ASP A 106 61.20 -13.87 18.25
C ASP A 106 61.10 -13.48 16.78
N ARG A 107 60.74 -14.43 15.92
CA ARG A 107 60.60 -14.14 14.49
C ARG A 107 59.53 -13.08 14.24
N PHE A 108 58.37 -13.19 14.90
CA PHE A 108 57.32 -12.19 14.72
C PHE A 108 57.73 -10.86 15.33
N HIS A 109 58.38 -10.88 16.49
CA HIS A 109 58.87 -9.64 17.08
C HIS A 109 59.82 -8.94 16.12
N GLN A 110 60.73 -9.71 15.50
CA GLN A 110 61.66 -9.15 14.54
C GLN A 110 60.95 -8.66 13.30
N LEU A 111 59.94 -9.40 12.83
CA LEU A 111 59.19 -8.99 11.65
C LEU A 111 58.49 -7.66 11.87
N ILE A 112 57.86 -7.47 13.04
CA ILE A 112 57.15 -6.24 13.31
C ILE A 112 58.11 -5.05 13.26
N LEU A 113 59.25 -5.16 13.95
CA LEU A 113 60.18 -4.03 13.99
C LEU A 113 60.73 -3.72 12.61
N ARG A 114 60.98 -4.76 11.81
CA ARG A 114 61.53 -4.53 10.48
C ARG A 114 60.48 -3.94 9.55
N VAL A 115 59.24 -4.44 9.60
CA VAL A 115 58.20 -3.91 8.74
C VAL A 115 57.91 -2.46 9.08
N LYS A 116 57.86 -2.12 10.36
CA LYS A 116 57.55 -0.77 10.78
C LYS A 116 58.78 0.13 10.86
N ASP A 117 59.97 -0.45 10.75
CA ASP A 117 61.23 0.31 10.78
C ASP A 117 61.34 1.11 12.08
N ARG A 118 61.26 0.39 13.19
CA ARG A 118 61.34 0.98 14.52
C ARG A 118 62.13 0.06 15.43
N GLU A 119 62.73 0.65 16.47
CA GLU A 119 63.45 -0.13 17.47
C GLU A 119 62.51 -0.71 18.53
N SER A 120 61.28 -0.22 18.59
CA SER A 120 60.25 -0.74 19.47
C SER A 120 58.91 -0.28 18.94
N PHE A 121 57.85 -0.95 19.36
CA PHE A 121 56.53 -0.70 18.80
C PHE A 121 55.48 -1.34 19.68
N PRO A 122 54.31 -0.70 19.89
CA PRO A 122 53.29 -1.29 20.77
C PRO A 122 52.96 -2.73 20.45
N MET A 123 53.20 -3.61 21.43
CA MET A 123 52.89 -5.01 21.24
C MET A 123 52.74 -5.67 22.60
N ILE A 124 51.91 -6.71 22.63
CA ILE A 124 51.64 -7.50 23.82
C ILE A 124 51.83 -8.97 23.45
N LEU A 125 52.49 -9.72 24.32
CA LEU A 125 52.68 -11.16 24.13
C LEU A 125 51.49 -11.88 24.75
N VAL A 126 50.80 -12.68 23.93
CA VAL A 126 49.57 -13.35 24.32
C VAL A 126 49.84 -14.85 24.33
N ALA A 127 49.69 -15.46 25.51
CA ALA A 127 49.87 -16.90 25.68
C ALA A 127 48.48 -17.50 25.73
N ASN A 128 48.08 -18.16 24.64
CA ASN A 128 46.69 -18.58 24.49
C ASN A 128 46.54 -20.08 24.74
N LYS A 129 45.29 -20.48 24.96
CA LYS A 129 44.83 -21.86 25.15
C LYS A 129 45.21 -22.40 26.53
N VAL A 130 45.30 -21.52 27.53
CA VAL A 130 45.64 -21.98 28.88
C VAL A 130 44.56 -22.82 29.52
N ASP A 131 43.34 -22.83 28.96
CA ASP A 131 42.33 -23.78 29.44
C ASP A 131 42.79 -25.22 29.27
N LEU A 132 43.70 -25.50 28.34
CA LEU A 132 44.12 -26.88 28.08
C LEU A 132 45.25 -27.28 29.05
N MET A 133 44.86 -27.50 30.32
CA MET A 133 45.84 -27.73 31.39
C MET A 133 46.73 -28.93 31.10
N HIS A 134 46.15 -30.03 30.62
CA HIS A 134 46.92 -31.27 30.50
C HIS A 134 47.81 -31.31 29.27
N LEU A 135 47.66 -30.37 28.35
CA LEU A 135 48.50 -30.31 27.16
C LEU A 135 49.50 -29.17 27.21
N ARG A 136 49.45 -28.32 28.23
CA ARG A 136 50.25 -27.12 28.26
C ARG A 136 51.74 -27.45 28.32
N LYS A 137 52.51 -26.90 27.38
CA LYS A 137 53.93 -27.19 27.30
C LYS A 137 54.82 -25.99 27.65
N ILE A 138 54.33 -24.78 27.50
CA ILE A 138 55.08 -23.57 27.82
C ILE A 138 54.55 -23.02 29.13
N THR A 139 55.40 -22.95 30.15
CA THR A 139 54.94 -22.51 31.46
C THR A 139 54.76 -21.00 31.49
N ARG A 140 54.01 -20.55 32.50
CA ARG A 140 53.90 -19.12 32.75
C ARG A 140 55.27 -18.47 32.89
N GLU A 141 56.22 -19.18 33.50
CA GLU A 141 57.56 -18.65 33.74
C GLU A 141 58.29 -18.39 32.43
N GLN A 142 58.32 -19.39 31.54
CA GLN A 142 58.91 -19.18 30.23
C GLN A 142 58.26 -18.00 29.51
N GLY A 143 56.94 -17.83 29.70
CA GLY A 143 56.24 -16.77 29.01
C GLY A 143 56.60 -15.40 29.54
N LYS A 144 56.61 -15.24 30.87
CA LYS A 144 57.05 -13.98 31.44
C LYS A 144 58.50 -13.68 31.08
N GLU A 145 59.28 -14.72 30.88
CA GLU A 145 60.70 -14.54 30.54
C GLU A 145 60.86 -14.01 29.11
N MET A 146 60.11 -14.60 28.17
CA MET A 146 60.10 -14.11 26.78
C MET A 146 59.65 -12.67 26.70
N ALA A 147 58.58 -12.33 27.43
CA ALA A 147 58.09 -10.95 27.43
C ALA A 147 59.13 -9.98 27.99
N THR A 148 59.75 -10.34 29.12
CA THR A 148 60.75 -9.44 29.70
C THR A 148 61.93 -9.26 28.76
N LYS A 149 62.34 -10.33 28.07
CA LYS A 149 63.43 -10.24 27.11
C LYS A 149 63.16 -9.17 26.05
N HIS A 150 61.94 -9.11 25.52
CA HIS A 150 61.54 -8.10 24.55
C HIS A 150 60.97 -6.84 25.18
N ASN A 151 60.87 -6.78 26.51
CA ASN A 151 60.37 -5.60 27.21
C ASN A 151 58.92 -5.28 26.83
N ILE A 152 58.10 -6.31 26.70
CA ILE A 152 56.70 -6.08 26.34
C ILE A 152 55.82 -6.77 27.38
N PRO A 153 54.55 -6.32 27.50
CA PRO A 153 53.64 -6.97 28.46
C PRO A 153 53.33 -8.42 28.10
N TYR A 154 52.92 -9.17 29.12
CA TYR A 154 52.56 -10.59 29.00
C TYR A 154 51.14 -10.78 29.51
N ILE A 155 50.37 -11.63 28.83
CA ILE A 155 48.99 -11.93 29.24
C ILE A 155 48.63 -13.33 28.78
N GLU A 156 47.94 -14.08 29.63
CA GLU A 156 47.45 -15.41 29.31
C GLU A 156 45.97 -15.29 28.96
N THR A 157 45.54 -16.05 27.95
CA THR A 157 44.16 -15.95 27.49
C THR A 157 43.62 -17.33 27.18
N SER A 158 42.28 -17.40 27.09
CA SER A 158 41.58 -18.56 26.56
C SER A 158 40.38 -18.07 25.76
N ALA A 159 40.29 -18.47 24.49
CA ALA A 159 39.14 -18.10 23.68
C ALA A 159 37.90 -18.94 23.98
N LYS A 160 38.09 -20.07 24.65
CA LYS A 160 37.01 -21.01 24.92
C LYS A 160 36.13 -20.50 26.06
N ASP A 161 34.85 -20.85 26.02
CA ASP A 161 33.92 -20.39 27.06
C ASP A 161 34.25 -21.08 28.40
N PRO A 162 34.24 -20.35 29.52
CA PRO A 162 34.15 -18.89 29.67
C PRO A 162 35.48 -18.23 29.29
N PRO A 163 35.45 -17.19 28.46
CA PRO A 163 36.71 -16.64 27.92
C PRO A 163 37.54 -15.96 29.00
N LEU A 164 38.87 -16.12 28.90
CA LEU A 164 39.80 -15.58 29.88
C LEU A 164 40.65 -14.49 29.25
N ASN A 165 40.48 -13.25 29.72
CA ASN A 165 41.35 -12.13 29.40
C ASN A 165 41.27 -11.69 27.93
N VAL A 166 40.20 -12.04 27.23
CA VAL A 166 40.15 -11.73 25.80
C VAL A 166 39.98 -10.22 25.59
N ASP A 167 39.00 -9.62 26.26
CA ASP A 167 38.84 -8.18 26.16
C ASP A 167 40.05 -7.45 26.76
N LYS A 168 40.62 -7.99 27.82
CA LYS A 168 41.76 -7.35 28.45
C LYS A 168 42.95 -7.26 27.49
N ALA A 169 43.24 -8.35 26.77
CA ALA A 169 44.34 -8.34 25.81
C ALA A 169 44.19 -7.21 24.80
N PHE A 170 43.01 -7.09 24.18
CA PHE A 170 42.80 -6.06 23.16
C PHE A 170 42.81 -4.66 23.78
N HIS A 171 42.11 -4.49 24.91
CA HIS A 171 42.11 -3.20 25.59
C HIS A 171 43.50 -2.81 26.09
N ASP A 172 44.26 -3.78 26.60
CA ASP A 172 45.60 -3.42 27.05
C ASP A 172 46.47 -2.97 25.88
N LEU A 173 46.26 -3.53 24.69
CA LEU A 173 47.05 -3.10 23.55
C LEU A 173 46.75 -1.65 23.19
N VAL A 174 45.49 -1.24 23.29
CA VAL A 174 45.15 0.16 23.06
C VAL A 174 45.80 1.05 24.12
N ARG A 175 45.82 0.59 25.37
CA ARG A 175 46.49 1.35 26.42
C ARG A 175 47.96 1.55 26.08
N VAL A 176 48.65 0.49 25.67
CA VAL A 176 50.05 0.64 25.27
C VAL A 176 50.18 1.70 24.19
N ILE A 177 49.29 1.69 23.20
CA ILE A 177 49.36 2.68 22.12
C ILE A 177 49.17 4.08 22.69
N ARG A 178 48.15 4.27 23.52
CA ARG A 178 47.89 5.59 24.09
C ARG A 178 49.06 6.07 24.93
N GLN A 179 49.61 5.17 25.74
CA GLN A 179 50.60 5.49 26.77
C GLN A 179 52.03 5.59 26.24
N GLN A 180 52.26 5.45 24.94
CA GLN A 180 53.62 5.52 24.44
C GLN A 180 54.07 6.98 24.42
N SER B 9 39.09 10.52 -0.37
CA SER B 9 39.20 11.80 -1.07
C SER B 9 39.97 11.65 -2.38
N ASN B 10 39.34 12.03 -3.50
CA ASN B 10 40.02 11.95 -4.79
C ASN B 10 41.20 12.91 -4.86
N ALA B 11 41.14 14.03 -4.13
CA ALA B 11 42.28 14.92 -4.04
C ALA B 11 43.50 14.18 -3.51
N GLU B 12 43.32 13.43 -2.42
CA GLU B 12 44.44 12.70 -1.83
C GLU B 12 44.96 11.60 -2.75
N VAL B 13 44.05 10.95 -3.49
CA VAL B 13 44.46 9.87 -4.38
C VAL B 13 45.47 10.35 -5.40
N ILE B 14 45.13 11.41 -6.14
CA ILE B 14 46.08 11.92 -7.14
C ILE B 14 47.34 12.44 -6.46
N LYS B 15 47.21 12.93 -5.22
CA LYS B 15 48.38 13.37 -4.46
C LYS B 15 49.29 12.19 -4.08
N GLU B 16 48.71 11.05 -3.71
CA GLU B 16 49.52 9.88 -3.41
C GLU B 16 50.17 9.31 -4.67
N LEU B 17 49.48 9.40 -5.82
CA LEU B 17 50.06 8.92 -7.07
C LEU B 17 51.30 9.72 -7.47
N ASN B 18 51.24 11.05 -7.32
CA ASN B 18 52.41 11.87 -7.62
C ASN B 18 53.55 11.55 -6.67
N LYS B 19 53.25 11.43 -5.38
CA LYS B 19 54.26 11.04 -4.39
C LYS B 19 54.97 9.76 -4.79
N CYS B 20 54.24 8.80 -5.38
CA CYS B 20 54.83 7.52 -5.72
C CYS B 20 55.86 7.65 -6.83
N ARG B 21 55.51 8.32 -7.93
CA ARG B 21 56.49 8.52 -8.99
C ARG B 21 57.58 9.49 -8.55
N GLU B 22 57.26 10.42 -7.65
CA GLU B 22 58.25 11.36 -7.16
C GLU B 22 59.34 10.64 -6.37
N GLU B 23 58.95 9.73 -5.48
CA GLU B 23 59.91 8.91 -4.74
C GLU B 23 60.39 7.70 -5.54
N ASN B 24 59.75 7.40 -6.67
CA ASN B 24 60.05 6.20 -7.45
C ASN B 24 59.98 4.95 -6.55
N SER B 25 58.86 4.80 -5.88
CA SER B 25 58.63 3.72 -4.93
C SER B 25 58.05 2.50 -5.63
N MET B 26 58.51 1.32 -5.20
CA MET B 26 58.08 0.08 -5.81
C MET B 26 56.73 -0.41 -5.29
N ARG B 27 56.16 0.25 -4.29
CA ARG B 27 54.90 -0.17 -3.70
C ARG B 27 53.95 1.01 -3.62
N LEU B 28 52.71 0.79 -4.04
CA LEU B 28 51.65 1.80 -3.99
C LEU B 28 50.48 1.24 -3.22
N ASP B 29 50.12 1.89 -2.10
CA ASP B 29 49.01 1.48 -1.25
C ASP B 29 47.90 2.52 -1.36
N LEU B 30 46.82 2.15 -2.05
CA LEU B 30 45.62 2.99 -2.14
C LEU B 30 44.42 2.33 -1.49
N SER B 31 44.66 1.39 -0.58
CA SER B 31 43.55 0.71 0.08
C SER B 31 42.75 1.67 0.95
N LYS B 32 41.47 1.35 1.13
CA LYS B 32 40.59 2.04 2.07
C LYS B 32 40.50 3.55 1.77
N ARG B 33 40.34 3.89 0.49
CA ARG B 33 40.25 5.30 0.09
C ARG B 33 38.98 5.63 -0.67
N SER B 34 37.99 4.74 -0.68
CA SER B 34 36.68 4.97 -1.32
C SER B 34 36.82 5.30 -2.80
N ILE B 35 37.80 4.70 -3.45
CA ILE B 35 38.07 4.97 -4.86
C ILE B 35 37.00 4.30 -5.71
N HIS B 36 36.31 5.09 -6.54
CA HIS B 36 35.37 4.55 -7.52
C HIS B 36 36.05 4.26 -8.85
N ILE B 37 36.87 5.20 -9.32
CA ILE B 37 37.57 5.07 -10.58
C ILE B 37 39.05 5.35 -10.33
N LEU B 38 39.90 4.44 -10.75
CA LEU B 38 41.33 4.63 -10.60
C LEU B 38 41.84 5.59 -11.67
N PRO B 39 42.51 6.67 -11.31
CA PRO B 39 43.03 7.59 -12.32
C PRO B 39 43.94 6.88 -13.31
N SER B 40 43.84 7.27 -14.58
CA SER B 40 44.64 6.67 -15.65
C SER B 40 46.12 7.03 -15.57
N SER B 41 46.50 8.01 -14.74
CA SER B 41 47.91 8.37 -14.60
C SER B 41 48.71 7.30 -13.88
N ILE B 42 48.06 6.31 -13.26
CA ILE B 42 48.78 5.17 -12.70
C ILE B 42 49.61 4.50 -13.77
N LYS B 43 49.27 4.70 -15.04
CA LYS B 43 50.08 4.23 -16.16
C LYS B 43 51.52 4.70 -16.06
N GLU B 44 51.77 5.81 -15.37
CA GLU B 44 53.13 6.35 -15.30
C GLU B 44 54.03 5.50 -14.40
N LEU B 45 53.46 4.89 -13.36
CA LEU B 45 54.22 4.30 -12.26
C LEU B 45 54.62 2.87 -12.61
N THR B 46 55.50 2.76 -13.62
CA THR B 46 55.90 1.47 -14.16
C THR B 46 56.95 0.75 -13.32
N GLN B 47 57.48 1.40 -12.26
CA GLN B 47 58.42 0.72 -11.36
C GLN B 47 57.72 -0.12 -10.31
N LEU B 48 56.39 -0.04 -10.21
CA LEU B 48 55.67 -0.75 -9.16
C LEU B 48 55.82 -2.25 -9.30
N THR B 49 56.07 -2.92 -8.16
CA THR B 49 55.98 -4.36 -8.05
C THR B 49 54.84 -4.82 -7.16
N GLU B 50 54.29 -3.93 -6.33
CA GLU B 50 53.13 -4.24 -5.49
C GLU B 50 52.12 -3.10 -5.58
N LEU B 51 50.87 -3.44 -5.84
CA LEU B 51 49.79 -2.47 -5.95
C LEU B 51 48.63 -2.95 -5.09
N TYR B 52 48.27 -2.17 -4.07
CA TYR B 52 47.22 -2.55 -3.12
C TYR B 52 46.04 -1.60 -3.29
N LEU B 53 44.94 -2.15 -3.81
CA LEU B 53 43.71 -1.42 -4.06
C LEU B 53 42.53 -2.00 -3.29
N TYR B 54 42.80 -2.73 -2.21
CA TYR B 54 41.76 -3.44 -1.50
C TYR B 54 40.90 -2.47 -0.68
N SER B 55 39.65 -2.85 -0.47
CA SER B 55 38.70 -2.10 0.36
C SER B 55 38.38 -0.74 -0.26
N ASN B 56 37.99 -0.75 -1.52
CA ASN B 56 37.57 0.47 -2.21
C ASN B 56 36.19 0.20 -2.82
N LYS B 57 35.82 0.98 -3.83
CA LYS B 57 34.52 0.84 -4.49
C LYS B 57 34.69 0.66 -6.00
N LEU B 58 35.79 0.04 -6.41
CA LEU B 58 36.07 -0.15 -7.83
C LEU B 58 35.05 -1.08 -8.47
N GLN B 59 34.43 -0.63 -9.56
CA GLN B 59 33.60 -1.49 -10.38
C GLN B 59 34.35 -2.03 -11.58
N SER B 60 35.45 -1.40 -11.97
CA SER B 60 36.28 -1.89 -13.04
C SER B 60 37.70 -1.41 -12.81
N LEU B 61 38.62 -1.95 -13.58
CA LEU B 61 39.99 -1.53 -13.54
C LEU B 61 40.34 -0.91 -14.89
N PRO B 62 40.88 0.31 -14.91
CA PRO B 62 41.28 0.92 -16.19
C PRO B 62 42.36 0.11 -16.88
N ALA B 63 42.38 0.16 -18.21
CA ALA B 63 43.32 -0.63 -18.97
C ALA B 63 44.77 -0.23 -18.73
N GLU B 64 45.00 1.00 -18.27
CA GLU B 64 46.36 1.46 -17.99
C GLU B 64 47.09 0.58 -16.97
N VAL B 65 46.35 -0.11 -16.10
CA VAL B 65 47.00 -1.03 -15.16
C VAL B 65 47.85 -2.04 -15.92
N GLY B 66 47.45 -2.36 -17.17
CA GLY B 66 48.27 -3.20 -18.02
C GLY B 66 49.65 -2.63 -18.31
N CYS B 67 49.88 -1.36 -18.04
CA CYS B 67 51.21 -0.77 -18.18
C CYS B 67 52.12 -1.08 -17.01
N LEU B 68 51.60 -1.66 -15.92
CA LEU B 68 52.40 -1.92 -14.72
C LEU B 68 52.98 -3.33 -14.81
N VAL B 69 53.91 -3.48 -15.76
CA VAL B 69 54.38 -4.80 -16.19
C VAL B 69 55.35 -5.45 -15.21
N ASN B 70 55.72 -4.76 -14.13
CA ASN B 70 56.60 -5.36 -13.13
C ASN B 70 55.85 -5.80 -11.88
N LEU B 71 54.52 -5.75 -11.90
CA LEU B 71 53.74 -6.12 -10.72
C LEU B 71 53.88 -7.62 -10.42
N MET B 72 54.17 -7.94 -9.16
CA MET B 72 54.03 -9.31 -8.70
C MET B 72 52.85 -9.50 -7.76
N THR B 73 52.30 -8.42 -7.20
CA THR B 73 51.10 -8.48 -6.37
C THR B 73 50.08 -7.47 -6.87
N LEU B 74 48.89 -7.94 -7.19
CA LEU B 74 47.75 -7.08 -7.50
C LEU B 74 46.63 -7.46 -6.54
N ALA B 75 46.32 -6.57 -5.60
CA ALA B 75 45.44 -6.86 -4.47
C ALA B 75 44.17 -6.02 -4.58
N LEU B 76 43.05 -6.71 -4.83
CA LEU B 76 41.79 -6.07 -5.20
C LEU B 76 40.63 -6.49 -4.31
N SER B 77 40.93 -7.10 -3.16
CA SER B 77 39.89 -7.62 -2.29
C SER B 77 38.93 -6.50 -1.87
N GLU B 78 37.65 -6.86 -1.71
CA GLU B 78 36.63 -5.98 -1.15
C GLU B 78 36.43 -4.74 -2.05
N ASN B 79 36.07 -5.02 -3.29
CA ASN B 79 35.64 -3.97 -4.22
C ASN B 79 34.30 -4.40 -4.80
N SER B 80 33.93 -3.82 -5.94
CA SER B 80 32.71 -4.18 -6.65
C SER B 80 33.00 -4.63 -8.07
N LEU B 81 34.15 -5.28 -8.28
CA LEU B 81 34.61 -5.62 -9.62
C LEU B 81 33.65 -6.62 -10.30
N THR B 82 33.35 -6.34 -11.57
CA THR B 82 32.60 -7.26 -12.41
C THR B 82 33.40 -7.76 -13.61
N SER B 83 34.56 -7.19 -13.90
CA SER B 83 35.53 -7.81 -14.80
C SER B 83 36.88 -7.15 -14.63
N LEU B 84 37.82 -7.51 -15.50
CA LEU B 84 39.19 -7.03 -15.51
C LEU B 84 39.60 -6.75 -16.95
N PRO B 85 40.44 -5.75 -17.18
CA PRO B 85 40.81 -5.41 -18.56
C PRO B 85 41.74 -6.44 -19.17
N ASP B 86 41.57 -6.66 -20.48
CA ASP B 86 42.44 -7.60 -21.18
C ASP B 86 43.90 -7.16 -21.16
N SER B 87 44.17 -5.91 -20.83
CA SER B 87 45.55 -5.42 -20.76
C SER B 87 46.35 -6.10 -19.66
N LEU B 88 45.70 -6.75 -18.69
CA LEU B 88 46.42 -7.47 -17.65
C LEU B 88 47.31 -8.57 -18.21
N ASP B 89 47.04 -9.02 -19.43
CA ASP B 89 47.91 -9.87 -20.25
C ASP B 89 49.39 -9.48 -20.15
N ASN B 90 49.68 -8.19 -20.05
CA ASN B 90 51.07 -7.72 -20.04
C ASN B 90 51.77 -7.98 -18.71
N LEU B 91 51.02 -8.29 -17.66
CA LEU B 91 51.58 -8.47 -16.32
C LEU B 91 52.17 -9.87 -16.21
N LYS B 92 53.33 -10.03 -16.86
CA LYS B 92 53.92 -11.36 -16.98
C LYS B 92 54.75 -11.76 -15.77
N LYS B 93 54.83 -10.92 -14.75
CA LYS B 93 55.47 -11.27 -13.49
C LYS B 93 54.47 -11.38 -12.34
N LEU B 94 53.17 -11.32 -12.64
CA LEU B 94 52.17 -11.33 -11.59
C LEU B 94 52.15 -12.70 -10.89
N ARG B 95 52.37 -12.70 -9.57
CA ARG B 95 52.32 -13.92 -8.79
C ARG B 95 51.09 -14.02 -7.91
N ILE B 96 50.67 -12.92 -7.30
CA ILE B 96 49.56 -12.89 -6.37
C ILE B 96 48.46 -12.02 -6.95
N LEU B 97 47.27 -12.60 -7.08
CA LEU B 97 46.08 -11.89 -7.53
C LEU B 97 44.96 -12.14 -6.53
N ASP B 98 44.56 -11.11 -5.80
CA ASP B 98 43.56 -11.25 -4.74
C ASP B 98 42.28 -10.59 -5.21
N LEU B 99 41.25 -11.40 -5.48
CA LEU B 99 39.97 -10.89 -5.96
C LEU B 99 38.81 -11.23 -5.03
N ARG B 100 39.09 -11.50 -3.74
CA ARG B 100 38.04 -11.87 -2.80
C ARG B 100 37.04 -10.73 -2.61
N HIS B 101 35.80 -11.11 -2.31
CA HIS B 101 34.76 -10.16 -1.95
C HIS B 101 34.55 -9.14 -3.08
N ASN B 102 34.20 -9.66 -4.26
CA ASN B 102 33.86 -8.78 -5.37
C ASN B 102 32.53 -9.22 -5.96
N LYS B 103 32.27 -8.94 -7.24
CA LYS B 103 31.00 -9.34 -7.83
C LYS B 103 31.21 -10.06 -9.17
N LEU B 104 32.28 -10.82 -9.29
CA LEU B 104 32.58 -11.50 -10.55
C LEU B 104 31.59 -12.62 -10.78
N ARG B 105 30.98 -12.63 -11.97
CA ARG B 105 30.07 -13.72 -12.33
C ARG B 105 30.80 -14.83 -13.05
N GLU B 106 32.07 -14.62 -13.38
CA GLU B 106 32.93 -15.64 -13.93
C GLU B 106 34.36 -15.26 -13.58
N ILE B 107 35.27 -16.21 -13.72
CA ILE B 107 36.69 -15.86 -13.71
C ILE B 107 36.93 -15.06 -14.99
N PRO B 108 37.46 -13.84 -14.91
CA PRO B 108 37.62 -13.04 -16.13
C PRO B 108 38.58 -13.74 -17.08
N SER B 109 38.25 -13.68 -18.38
CA SER B 109 39.02 -14.44 -19.36
C SER B 109 40.50 -14.08 -19.31
N VAL B 110 40.84 -12.84 -18.97
CA VAL B 110 42.26 -12.47 -18.89
C VAL B 110 42.97 -13.22 -17.75
N VAL B 111 42.25 -13.60 -16.70
CA VAL B 111 42.91 -14.30 -15.60
C VAL B 111 43.43 -15.65 -16.06
N TYR B 112 42.66 -16.33 -16.92
CA TYR B 112 43.13 -17.59 -17.47
C TYR B 112 44.39 -17.44 -18.30
N ARG B 113 44.78 -16.22 -18.69
CA ARG B 113 46.02 -16.03 -19.43
C ARG B 113 47.17 -15.57 -18.55
N LEU B 114 46.96 -15.40 -17.25
CA LEU B 114 48.02 -14.93 -16.35
C LEU B 114 48.83 -16.11 -15.81
N ASP B 115 49.57 -16.75 -16.72
CA ASP B 115 50.22 -18.02 -16.43
C ASP B 115 51.40 -17.92 -15.48
N SER B 116 51.83 -16.72 -15.09
CA SER B 116 52.83 -16.61 -14.05
C SER B 116 52.26 -16.73 -12.64
N LEU B 117 50.93 -16.74 -12.50
CA LEU B 117 50.31 -16.72 -11.18
C LEU B 117 50.64 -17.97 -10.38
N THR B 118 50.96 -17.78 -9.10
CA THR B 118 51.01 -18.89 -8.16
C THR B 118 49.92 -18.83 -7.11
N THR B 119 49.35 -17.66 -6.84
CA THR B 119 48.43 -17.44 -5.73
C THR B 119 47.21 -16.69 -6.25
N LEU B 120 46.06 -17.35 -6.27
CA LEU B 120 44.82 -16.78 -6.82
C LEU B 120 43.68 -16.97 -5.82
N TYR B 121 43.12 -15.86 -5.34
CA TYR B 121 42.02 -15.84 -4.38
C TYR B 121 40.76 -15.32 -5.08
N LEU B 122 39.71 -16.13 -5.13
CA LEU B 122 38.46 -15.72 -5.76
C LEU B 122 37.26 -15.86 -4.83
N ARG B 123 37.51 -15.93 -3.52
CA ARG B 123 36.45 -16.13 -2.54
C ARG B 123 35.39 -15.04 -2.61
N PHE B 124 34.15 -15.43 -2.38
CA PHE B 124 33.03 -14.52 -2.19
C PHE B 124 32.84 -13.67 -3.44
N ASN B 125 32.63 -14.35 -4.55
CA ASN B 125 32.14 -13.71 -5.76
C ASN B 125 30.84 -14.40 -6.15
N ARG B 126 30.50 -14.41 -7.44
CA ARG B 126 29.27 -15.01 -7.92
C ARG B 126 29.56 -15.98 -9.07
N ILE B 127 30.70 -16.66 -9.00
CA ILE B 127 31.19 -17.47 -10.10
C ILE B 127 30.40 -18.78 -10.17
N THR B 128 29.95 -19.14 -11.38
CA THR B 128 29.30 -20.44 -11.56
C THR B 128 30.15 -21.46 -12.29
N THR B 129 31.17 -21.04 -13.03
CA THR B 129 31.90 -21.94 -13.90
C THR B 129 33.41 -21.77 -13.74
N VAL B 130 34.13 -22.90 -13.86
CA VAL B 130 35.57 -22.90 -14.00
C VAL B 130 35.91 -23.50 -15.35
N GLU B 131 36.52 -22.70 -16.22
CA GLU B 131 36.74 -23.15 -17.58
C GLU B 131 37.90 -24.12 -17.66
N LYS B 132 37.91 -24.91 -18.73
CA LYS B 132 39.05 -25.78 -19.01
C LYS B 132 40.34 -25.00 -19.17
N ASP B 133 40.25 -23.69 -19.46
CA ASP B 133 41.44 -22.87 -19.56
C ASP B 133 42.19 -22.77 -18.23
N ILE B 134 41.59 -23.21 -17.12
CA ILE B 134 42.29 -23.18 -15.83
C ILE B 134 43.61 -23.93 -15.90
N LYS B 135 43.72 -24.90 -16.81
CA LYS B 135 44.98 -25.62 -17.01
C LYS B 135 46.12 -24.70 -17.45
N ASN B 136 45.81 -23.51 -17.97
CA ASN B 136 46.86 -22.54 -18.27
C ASN B 136 47.60 -22.10 -17.02
N LEU B 137 46.90 -22.00 -15.89
CA LEU B 137 47.52 -21.51 -14.65
C LEU B 137 48.23 -22.65 -13.93
N SER B 138 49.23 -23.21 -14.62
CA SER B 138 49.86 -24.43 -14.15
C SER B 138 50.88 -24.20 -13.05
N LYS B 139 51.26 -22.94 -12.77
CA LYS B 139 52.17 -22.67 -11.67
C LYS B 139 51.45 -22.37 -10.35
N LEU B 140 50.13 -22.45 -10.32
CA LEU B 140 49.37 -22.18 -9.10
C LEU B 140 49.76 -23.15 -7.99
N SER B 141 50.24 -22.61 -6.87
CA SER B 141 50.35 -23.40 -5.65
C SER B 141 49.19 -23.15 -4.69
N MET B 142 48.42 -22.08 -4.89
CA MET B 142 47.28 -21.79 -4.01
C MET B 142 46.11 -21.28 -4.84
N LEU B 143 45.02 -22.04 -4.87
CA LEU B 143 43.78 -21.63 -5.52
C LEU B 143 42.66 -21.71 -4.49
N SER B 144 42.02 -20.57 -4.22
CA SER B 144 40.87 -20.52 -3.33
C SER B 144 39.70 -19.90 -4.08
N ILE B 145 38.62 -20.66 -4.22
CA ILE B 145 37.45 -20.17 -4.93
C ILE B 145 36.21 -20.52 -4.11
N ARG B 146 36.36 -20.51 -2.78
CA ARG B 146 35.22 -20.79 -1.93
C ARG B 146 34.20 -19.67 -2.00
N GLU B 147 32.97 -20.00 -1.58
CA GLU B 147 31.88 -19.03 -1.45
C GLU B 147 31.49 -18.49 -2.82
N ASN B 148 31.22 -19.39 -3.75
CA ASN B 148 30.74 -19.03 -5.07
C ASN B 148 29.55 -19.93 -5.37
N LYS B 149 29.29 -20.23 -6.65
CA LYS B 149 28.16 -21.09 -6.99
C LYS B 149 28.57 -22.18 -7.96
N ILE B 150 29.79 -22.67 -7.81
CA ILE B 150 30.35 -23.67 -8.72
C ILE B 150 29.69 -25.03 -8.49
N LYS B 151 29.18 -25.62 -9.57
CA LYS B 151 28.57 -26.95 -9.51
C LYS B 151 29.49 -28.05 -9.99
N GLN B 152 30.52 -27.72 -10.75
CA GLN B 152 31.34 -28.76 -11.35
C GLN B 152 32.73 -28.22 -11.57
N LEU B 153 33.72 -29.06 -11.42
CA LEU B 153 35.06 -28.67 -11.80
C LEU B 153 35.49 -29.44 -13.05
N PRO B 154 36.33 -28.85 -13.90
CA PRO B 154 36.82 -29.56 -15.08
C PRO B 154 37.90 -30.58 -14.75
N ALA B 155 37.96 -31.62 -15.60
CA ALA B 155 39.07 -32.57 -15.52
C ALA B 155 40.42 -31.88 -15.59
N GLU B 156 40.48 -30.69 -16.20
CA GLU B 156 41.74 -29.97 -16.33
C GLU B 156 42.33 -29.53 -14.99
N ILE B 157 41.56 -29.60 -13.89
CA ILE B 157 42.13 -29.37 -12.56
C ILE B 157 43.37 -30.23 -12.34
N GLY B 158 43.39 -31.43 -12.92
CA GLY B 158 44.51 -32.34 -12.77
C GLY B 158 45.80 -31.85 -13.39
N GLU B 159 45.76 -30.78 -14.19
CA GLU B 159 46.98 -30.22 -14.76
C GLU B 159 47.64 -29.18 -13.86
N LEU B 160 46.99 -28.81 -12.75
CA LEU B 160 47.60 -27.95 -11.74
C LEU B 160 48.46 -28.80 -10.79
N CYS B 161 49.58 -29.29 -11.33
CA CYS B 161 50.43 -30.22 -10.63
CA CYS B 161 50.40 -30.23 -10.61
C CYS B 161 51.25 -29.58 -9.52
N ASN B 162 51.30 -28.25 -9.44
CA ASN B 162 51.99 -27.59 -8.35
C ASN B 162 51.07 -27.18 -7.21
N LEU B 163 49.77 -27.46 -7.31
CA LEU B 163 48.83 -27.08 -6.26
C LEU B 163 49.27 -27.65 -4.92
N ILE B 164 49.35 -26.78 -3.91
CA ILE B 164 49.49 -27.19 -2.52
C ILE B 164 48.18 -27.05 -1.76
N THR B 165 47.43 -25.98 -2.02
CA THR B 165 46.14 -25.76 -1.39
C THR B 165 45.12 -25.58 -2.48
N LEU B 166 44.06 -26.40 -2.44
CA LEU B 166 42.87 -26.19 -3.27
C LEU B 166 41.67 -26.05 -2.33
N ASP B 167 41.01 -24.90 -2.38
CA ASP B 167 39.89 -24.59 -1.51
C ASP B 167 38.68 -24.31 -2.38
N VAL B 168 37.70 -25.22 -2.35
CA VAL B 168 36.47 -25.06 -3.11
C VAL B 168 35.27 -25.22 -2.17
N ALA B 169 35.50 -24.98 -0.88
CA ALA B 169 34.43 -25.01 0.12
C ALA B 169 33.30 -24.03 -0.23
N HIS B 170 32.12 -24.28 0.31
CA HIS B 170 31.00 -23.36 0.18
C HIS B 170 30.68 -23.12 -1.30
N ASN B 171 30.49 -24.22 -2.02
CA ASN B 171 30.01 -24.15 -3.39
C ASN B 171 28.86 -25.15 -3.54
N GLN B 172 28.63 -25.65 -4.75
CA GLN B 172 27.53 -26.56 -5.01
C GLN B 172 28.01 -27.82 -5.75
N LEU B 173 29.23 -28.24 -5.45
CA LEU B 173 29.82 -29.39 -6.15
C LEU B 173 29.08 -30.68 -5.81
N GLU B 174 28.72 -31.45 -6.84
CA GLU B 174 28.18 -32.79 -6.61
C GLU B 174 29.22 -33.89 -6.78
N HIS B 175 30.30 -33.64 -7.51
CA HIS B 175 31.34 -34.64 -7.68
C HIS B 175 32.67 -33.92 -7.81
N LEU B 176 33.73 -34.65 -7.56
CA LEU B 176 35.08 -34.22 -7.88
C LEU B 176 35.56 -34.97 -9.11
N PRO B 177 36.19 -34.29 -10.06
CA PRO B 177 36.85 -35.03 -11.14
C PRO B 177 37.93 -35.96 -10.59
N LYS B 178 37.95 -37.18 -11.12
CA LYS B 178 38.93 -38.17 -10.65
C LYS B 178 40.35 -37.71 -10.90
N GLU B 179 40.54 -36.77 -11.84
CA GLU B 179 41.87 -36.25 -12.14
C GLU B 179 42.44 -35.42 -11.01
N ILE B 180 41.64 -35.08 -10.00
CA ILE B 180 42.21 -34.46 -8.78
C ILE B 180 43.38 -35.27 -8.27
N GLY B 181 43.37 -36.59 -8.50
CA GLY B 181 44.47 -37.45 -8.07
C GLY B 181 45.81 -37.06 -8.64
N ASN B 182 45.84 -36.29 -9.72
CA ASN B 182 47.11 -35.92 -10.35
C ASN B 182 47.79 -34.74 -9.68
N CYS B 183 47.08 -34.01 -8.80
CA CYS B 183 47.67 -32.91 -8.06
C CYS B 183 48.34 -33.44 -6.79
N THR B 184 49.49 -34.11 -6.99
CA THR B 184 50.11 -34.91 -5.94
C THR B 184 50.80 -34.09 -4.86
N GLN B 185 51.00 -32.80 -5.05
CA GLN B 185 51.60 -31.98 -4.01
C GLN B 185 50.57 -31.38 -3.04
N ILE B 186 49.29 -31.65 -3.22
CA ILE B 186 48.27 -31.03 -2.39
C ILE B 186 48.44 -31.47 -0.94
N THR B 187 48.52 -30.50 -0.02
CA THR B 187 48.41 -30.81 1.40
C THR B 187 47.11 -30.34 2.04
N ASN B 188 46.45 -29.31 1.48
CA ASN B 188 45.17 -28.81 1.96
C ASN B 188 44.12 -28.99 0.86
N LEU B 189 43.11 -29.81 1.13
CA LEU B 189 42.01 -29.96 0.19
C LEU B 189 40.73 -29.61 0.93
N ASP B 190 40.11 -28.48 0.58
CA ASP B 190 38.97 -27.95 1.31
C ASP B 190 37.71 -28.10 0.48
N LEU B 191 36.84 -29.06 0.85
CA LEU B 191 35.62 -29.36 0.12
C LEU B 191 34.36 -29.19 0.96
N GLN B 192 34.47 -28.63 2.16
CA GLN B 192 33.32 -28.62 3.05
C GLN B 192 32.24 -27.68 2.53
N HIS B 193 31.00 -27.96 2.94
CA HIS B 193 29.83 -27.20 2.50
C HIS B 193 29.73 -27.25 0.97
N ASN B 194 29.61 -28.46 0.45
CA ASN B 194 29.20 -28.62 -0.94
C ASN B 194 28.01 -29.59 -1.01
N GLU B 195 27.86 -30.30 -2.13
CA GLU B 195 26.79 -31.28 -2.29
C GLU B 195 27.39 -32.62 -2.74
N LEU B 196 28.59 -32.93 -2.28
CA LEU B 196 29.35 -34.07 -2.78
C LEU B 196 28.64 -35.38 -2.46
N LEU B 197 28.33 -36.16 -3.52
CA LEU B 197 27.73 -37.48 -3.33
C LEU B 197 28.77 -38.56 -3.10
N ASP B 198 30.02 -38.35 -3.53
CA ASP B 198 31.09 -39.30 -3.31
C ASP B 198 32.42 -38.58 -3.51
N LEU B 199 33.48 -39.27 -3.16
CA LEU B 199 34.85 -38.89 -3.44
C LEU B 199 35.46 -39.86 -4.44
N PRO B 200 36.41 -39.42 -5.24
CA PRO B 200 37.06 -40.35 -6.19
C PRO B 200 38.07 -41.25 -5.49
N ASP B 201 38.16 -42.50 -5.97
CA ASP B 201 39.14 -43.41 -5.38
C ASP B 201 40.55 -42.90 -5.54
N THR B 202 40.80 -42.01 -6.52
CA THR B 202 42.12 -41.41 -6.70
C THR B 202 42.51 -40.46 -5.60
N ILE B 203 41.60 -40.14 -4.66
CA ILE B 203 42.00 -39.28 -3.56
C ILE B 203 43.17 -39.89 -2.79
N GLY B 204 43.29 -41.22 -2.82
CA GLY B 204 44.44 -41.87 -2.21
C GLY B 204 45.76 -41.52 -2.85
N ASN B 205 45.74 -40.98 -4.07
CA ASN B 205 47.00 -40.58 -4.70
C ASN B 205 47.64 -39.39 -4.00
N LEU B 206 46.88 -38.64 -3.22
CA LEU B 206 47.38 -37.43 -2.56
C LEU B 206 48.08 -37.84 -1.27
N SER B 207 49.28 -38.38 -1.43
CA SER B 207 49.97 -38.95 -0.28
C SER B 207 50.48 -37.89 0.70
N SER B 208 50.51 -36.62 0.30
CA SER B 208 50.90 -35.54 1.21
C SER B 208 49.72 -34.86 1.88
N LEU B 209 48.49 -35.29 1.57
CA LEU B 209 47.28 -34.69 2.12
C LEU B 209 47.25 -34.74 3.64
N SER B 210 47.16 -33.57 4.28
CA SER B 210 47.12 -33.52 5.74
C SER B 210 45.90 -32.80 6.30
N ARG B 211 45.19 -32.01 5.50
CA ARG B 211 43.96 -31.36 5.95
C ARG B 211 42.92 -31.54 4.86
N LEU B 212 41.85 -32.24 5.18
CA LEU B 212 40.83 -32.60 4.21
C LEU B 212 39.49 -32.15 4.78
N GLY B 213 38.92 -31.10 4.20
CA GLY B 213 37.62 -30.66 4.65
C GLY B 213 36.50 -31.38 3.93
N LEU B 214 35.69 -32.16 4.67
CA LEU B 214 34.60 -32.95 4.10
C LEU B 214 33.24 -32.66 4.73
N ARG B 215 33.17 -31.90 5.81
CA ARG B 215 31.91 -31.76 6.51
C ARG B 215 30.89 -30.96 5.67
N TYR B 216 29.60 -31.24 5.90
CA TYR B 216 28.46 -30.64 5.20
C TYR B 216 28.53 -30.95 3.70
N ASN B 217 28.39 -32.24 3.42
CA ASN B 217 28.24 -32.69 2.06
C ASN B 217 27.13 -33.72 1.99
N ARG B 218 27.19 -34.63 1.03
CA ARG B 218 26.14 -35.64 0.89
C ARG B 218 26.77 -37.01 0.72
N LEU B 219 27.89 -37.23 1.40
CA LEU B 219 28.65 -38.47 1.24
C LEU B 219 27.92 -39.63 1.90
N SER B 220 27.85 -40.76 1.18
CA SER B 220 27.32 -42.02 1.71
C SER B 220 28.41 -42.97 2.15
N ALA B 221 29.63 -42.76 1.71
CA ALA B 221 30.74 -43.62 2.08
C ALA B 221 32.02 -42.85 1.87
N ILE B 222 33.09 -43.38 2.45
CA ILE B 222 34.45 -42.87 2.30
C ILE B 222 35.24 -43.91 1.52
N PRO B 223 36.01 -43.54 0.51
CA PRO B 223 36.77 -44.56 -0.23
C PRO B 223 37.84 -45.21 0.62
N ARG B 224 38.03 -46.51 0.41
CA ARG B 224 39.08 -47.25 1.11
C ARG B 224 40.45 -46.65 0.84
N SER B 225 40.64 -46.04 -0.34
CA SER B 225 41.93 -45.47 -0.69
C SER B 225 42.35 -44.31 0.19
N LEU B 226 41.41 -43.67 0.91
CA LEU B 226 41.80 -42.63 1.85
C LEU B 226 42.80 -43.14 2.88
N ALA B 227 42.82 -44.45 3.15
CA ALA B 227 43.83 -45.01 4.05
C ALA B 227 45.25 -44.70 3.61
N LYS B 228 45.47 -44.39 2.33
CA LYS B 228 46.81 -44.02 1.86
C LYS B 228 47.22 -42.62 2.30
N CYS B 229 46.26 -41.76 2.66
CA CYS B 229 46.57 -40.39 3.08
C CYS B 229 46.92 -40.39 4.57
N SER B 230 48.06 -41.00 4.88
CA SER B 230 48.43 -41.29 6.26
C SER B 230 48.98 -40.08 6.99
N ALA B 231 49.04 -38.92 6.35
CA ALA B 231 49.40 -37.70 7.05
C ALA B 231 48.20 -36.93 7.58
N LEU B 232 46.98 -37.46 7.41
CA LEU B 232 45.78 -36.79 7.92
C LEU B 232 45.83 -36.68 9.44
N GLU B 233 45.63 -35.45 9.94
CA GLU B 233 45.65 -35.22 11.37
C GLU B 233 44.27 -35.18 11.99
N GLU B 234 43.24 -34.97 11.19
CA GLU B 234 41.86 -34.95 11.63
C GLU B 234 41.00 -35.55 10.52
N LEU B 235 39.94 -36.24 10.91
CA LEU B 235 38.92 -36.68 9.94
C LEU B 235 37.58 -36.21 10.47
N ASN B 236 37.00 -35.20 9.84
CA ASN B 236 35.76 -34.62 10.33
C ASN B 236 34.73 -34.76 9.23
N LEU B 237 33.79 -35.70 9.42
CA LEU B 237 32.76 -36.03 8.45
C LEU B 237 31.41 -35.42 8.81
N GLU B 238 31.39 -34.43 9.71
CA GLU B 238 30.11 -33.94 10.26
C GLU B 238 29.12 -33.59 9.17
N ASN B 239 27.87 -34.02 9.36
CA ASN B 239 26.73 -33.71 8.48
C ASN B 239 26.91 -34.31 7.08
N ASN B 240 26.89 -35.63 7.02
CA ASN B 240 26.87 -36.37 5.76
C ASN B 240 25.85 -37.49 5.93
N ASN B 241 25.91 -38.51 5.06
CA ASN B 241 24.98 -39.62 5.13
C ASN B 241 25.73 -40.93 5.33
N ILE B 242 26.76 -40.89 6.14
CA ILE B 242 27.66 -42.02 6.32
C ILE B 242 27.14 -42.88 7.47
N SER B 243 27.20 -44.22 7.30
CA SER B 243 26.84 -45.15 8.36
C SER B 243 27.90 -46.19 8.67
N THR B 244 28.98 -46.27 7.88
CA THR B 244 30.08 -47.19 8.16
C THR B 244 31.38 -46.54 7.73
N LEU B 245 32.49 -47.16 8.08
CA LEU B 245 33.78 -46.74 7.55
C LEU B 245 34.49 -47.92 6.93
N PRO B 246 35.31 -47.68 5.90
CA PRO B 246 36.09 -48.77 5.30
C PRO B 246 36.96 -49.46 6.35
N GLU B 247 37.20 -50.76 6.11
CA GLU B 247 37.57 -51.70 7.15
C GLU B 247 38.79 -51.25 7.94
N SER B 248 39.84 -50.82 7.26
CA SER B 248 41.10 -50.49 7.92
C SER B 248 41.44 -49.01 7.79
N LEU B 249 40.44 -48.15 7.61
CA LEU B 249 40.69 -46.72 7.47
C LEU B 249 41.39 -46.16 8.71
N LEU B 250 40.75 -46.27 9.87
CA LEU B 250 41.21 -45.49 11.03
C LEU B 250 42.57 -45.97 11.52
N SER B 251 42.79 -47.28 11.58
CA SER B 251 44.10 -47.75 12.00
C SER B 251 45.18 -47.37 11.01
N SER B 252 44.83 -47.17 9.73
CA SER B 252 45.84 -46.71 8.79
C SER B 252 46.19 -45.23 8.99
N LEU B 253 45.29 -44.44 9.59
CA LEU B 253 45.53 -43.00 9.78
C LEU B 253 46.29 -42.82 11.09
N VAL B 254 47.59 -43.10 11.04
CA VAL B 254 48.39 -43.20 12.26
C VAL B 254 48.67 -41.87 12.92
N LYS B 255 48.38 -40.75 12.27
CA LYS B 255 48.52 -39.44 12.90
C LYS B 255 47.18 -38.80 13.26
N LEU B 256 46.09 -39.55 13.22
CA LEU B 256 44.76 -39.01 13.46
C LEU B 256 44.63 -38.51 14.91
N ASN B 257 44.41 -37.21 15.08
CA ASN B 257 44.22 -36.60 16.40
CA ASN B 257 44.23 -36.64 16.41
C ASN B 257 42.76 -36.60 16.84
N SER B 258 41.84 -36.56 15.89
CA SER B 258 40.45 -36.32 16.21
C SER B 258 39.60 -36.95 15.11
N LEU B 259 38.44 -37.47 15.51
CA LEU B 259 37.51 -38.11 14.60
C LEU B 259 36.12 -37.56 14.91
N THR B 260 35.46 -37.00 13.90
CA THR B 260 34.11 -36.48 14.08
C THR B 260 33.19 -37.18 13.10
N LEU B 261 32.21 -37.91 13.63
CA LEU B 261 31.18 -38.62 12.89
C LEU B 261 29.81 -38.00 13.12
N ALA B 262 29.77 -36.79 13.67
CA ALA B 262 28.53 -36.17 14.11
C ALA B 262 27.58 -35.97 12.93
N ARG B 263 26.28 -36.03 13.20
CA ARG B 263 25.24 -35.69 12.23
C ARG B 263 25.36 -36.57 10.99
N ASN B 264 25.47 -37.88 11.21
CA ASN B 264 25.50 -38.82 10.10
C ASN B 264 24.38 -39.85 10.28
N CYS B 265 24.55 -41.06 9.76
CA CYS B 265 23.53 -42.11 9.80
C CYS B 265 24.03 -43.33 10.56
N PHE B 266 24.85 -43.11 11.57
CA PHE B 266 25.42 -44.24 12.30
C PHE B 266 24.38 -44.84 13.24
N GLN B 267 24.26 -46.16 13.19
CA GLN B 267 23.51 -46.92 14.18
C GLN B 267 24.39 -47.79 15.06
N LEU B 268 25.61 -48.10 14.60
CA LEU B 268 26.58 -48.87 15.36
C LEU B 268 27.94 -48.21 15.21
N TYR B 269 28.80 -48.45 16.19
CA TYR B 269 30.20 -48.04 16.06
C TYR B 269 30.80 -48.65 14.79
N PRO B 270 31.73 -47.96 14.14
CA PRO B 270 32.40 -48.55 12.98
C PRO B 270 33.15 -49.81 13.38
N VAL B 271 33.07 -50.83 12.51
CA VAL B 271 33.72 -52.11 12.81
C VAL B 271 35.23 -51.97 12.66
N GLY B 272 35.94 -52.87 13.34
CA GLY B 272 37.39 -52.81 13.36
C GLY B 272 37.95 -53.00 14.77
N GLY B 273 37.09 -52.84 15.78
CA GLY B 273 37.49 -53.07 17.15
C GLY B 273 38.34 -51.95 17.74
N PRO B 274 38.99 -52.23 18.87
CA PRO B 274 39.65 -51.15 19.63
C PRO B 274 40.83 -50.47 18.94
N SER B 275 41.61 -51.18 18.10
CA SER B 275 42.80 -50.57 17.50
C SER B 275 42.47 -49.36 16.60
N GLN B 276 41.23 -49.21 16.15
CA GLN B 276 40.91 -48.03 15.35
C GLN B 276 41.00 -46.73 16.15
N PHE B 277 40.95 -46.80 17.48
CA PHE B 277 40.90 -45.60 18.31
C PHE B 277 42.19 -45.36 19.10
N SER B 278 43.31 -45.96 18.66
CA SER B 278 44.54 -45.90 19.46
C SER B 278 45.22 -44.54 19.46
N THR B 279 44.96 -43.67 18.48
CA THR B 279 45.68 -42.42 18.41
C THR B 279 44.84 -41.19 18.71
N ILE B 280 43.53 -41.28 18.63
CA ILE B 280 42.73 -40.06 18.68
C ILE B 280 42.59 -39.59 20.12
N TYR B 281 42.57 -38.27 20.28
CA TYR B 281 42.31 -37.61 21.54
C TYR B 281 40.84 -37.27 21.75
N SER B 282 40.05 -37.24 20.68
CA SER B 282 38.67 -36.81 20.75
C SER B 282 37.85 -37.63 19.78
N LEU B 283 36.67 -38.07 20.22
CA LEU B 283 35.72 -38.78 19.38
C LEU B 283 34.37 -38.11 19.51
N ASN B 284 33.84 -37.58 18.41
CA ASN B 284 32.56 -36.88 18.45
C ASN B 284 31.57 -37.61 17.54
N MET B 285 30.58 -38.26 18.14
CA MET B 285 29.56 -39.01 17.43
C MET B 285 28.17 -38.45 17.69
N GLU B 286 28.07 -37.17 18.05
CA GLU B 286 26.78 -36.62 18.45
C GLU B 286 25.82 -36.59 17.25
N HIS B 287 24.52 -36.65 17.53
CA HIS B 287 23.47 -36.58 16.51
C HIS B 287 23.61 -37.73 15.50
N ASN B 288 23.49 -38.95 16.00
CA ASN B 288 23.35 -40.12 15.16
C ASN B 288 22.21 -40.94 15.76
N ARG B 289 22.20 -42.24 15.49
CA ARG B 289 21.21 -43.13 16.09
C ARG B 289 21.88 -44.37 16.69
N ILE B 290 23.00 -44.18 17.37
CA ILE B 290 23.81 -45.30 17.84
C ILE B 290 23.11 -45.92 19.05
N ASN B 291 22.85 -47.24 18.99
CA ASN B 291 22.06 -47.84 20.06
C ASN B 291 22.90 -48.49 21.15
N LYS B 292 24.23 -48.60 20.99
CA LYS B 292 25.07 -49.12 22.05
C LYS B 292 26.53 -48.79 21.78
N ILE B 293 27.29 -48.74 22.86
CA ILE B 293 28.74 -48.64 22.82
C ILE B 293 29.30 -50.02 23.09
N PRO B 294 30.16 -50.57 22.22
CA PRO B 294 30.60 -51.97 22.38
C PRO B 294 31.50 -52.16 23.58
N PHE B 295 31.38 -53.34 24.20
CA PHE B 295 32.28 -53.71 25.28
C PHE B 295 33.73 -53.65 24.77
N GLY B 296 34.61 -53.06 25.57
CA GLY B 296 36.03 -53.04 25.27
C GLY B 296 36.48 -52.10 24.17
N ILE B 297 35.58 -51.25 23.65
CA ILE B 297 35.89 -50.47 22.45
C ILE B 297 37.05 -49.49 22.67
N PHE B 298 37.28 -49.04 23.91
CA PHE B 298 38.32 -48.07 24.19
C PHE B 298 39.48 -48.69 24.98
N SER B 299 39.57 -50.02 25.00
CA SER B 299 40.63 -50.68 25.76
C SER B 299 42.03 -50.34 25.25
N ARG B 300 42.15 -49.92 23.99
CA ARG B 300 43.40 -49.47 23.42
C ARG B 300 43.42 -47.97 23.15
N ALA B 301 42.45 -47.24 23.67
CA ALA B 301 42.33 -45.81 23.41
C ALA B 301 42.94 -45.03 24.57
N LYS B 302 44.27 -45.13 24.66
CA LYS B 302 44.98 -44.63 25.84
C LYS B 302 44.99 -43.11 25.91
N VAL B 303 44.94 -42.40 24.78
CA VAL B 303 44.96 -40.94 24.81
C VAL B 303 43.59 -40.33 24.53
N LEU B 304 42.56 -41.15 24.39
CA LEU B 304 41.22 -40.62 24.14
C LEU B 304 40.71 -39.95 25.40
N SER B 305 40.59 -38.62 25.38
CA SER B 305 40.17 -37.88 26.57
C SER B 305 38.81 -37.21 26.43
N LYS B 306 38.19 -37.21 25.25
CA LYS B 306 36.91 -36.54 25.07
C LYS B 306 36.02 -37.45 24.23
N LEU B 307 34.85 -37.80 24.76
CA LEU B 307 33.89 -38.62 24.03
C LEU B 307 32.54 -37.90 24.01
N ASN B 308 32.02 -37.64 22.83
CA ASN B 308 30.71 -37.00 22.71
C ASN B 308 29.72 -37.95 22.05
N MET B 309 28.75 -38.44 22.83
CA MET B 309 27.68 -39.31 22.34
C MET B 309 26.31 -38.63 22.41
N LYS B 310 26.26 -37.31 22.50
CA LYS B 310 24.99 -36.61 22.64
C LYS B 310 24.04 -37.00 21.50
N ASP B 311 22.76 -37.13 21.84
CA ASP B 311 21.69 -37.33 20.85
C ASP B 311 21.91 -38.60 20.03
N ASN B 312 21.82 -39.72 20.74
CA ASN B 312 21.88 -41.03 20.11
C ASN B 312 20.74 -41.86 20.69
N GLN B 313 20.85 -43.17 20.62
CA GLN B 313 19.82 -44.10 21.08
C GLN B 313 20.33 -45.02 22.19
N LEU B 314 21.21 -44.50 23.06
CA LEU B 314 21.74 -45.33 24.13
C LEU B 314 20.71 -45.54 25.23
N THR B 315 20.50 -46.79 25.62
CA THR B 315 19.66 -47.09 26.76
C THR B 315 20.46 -47.63 27.94
N SER B 316 21.72 -47.96 27.76
CA SER B 316 22.58 -48.34 28.87
C SER B 316 24.02 -48.09 28.47
N LEU B 317 24.87 -48.21 29.40
CA LEU B 317 26.29 -48.04 29.18
C LEU B 317 26.97 -49.39 29.17
N PRO B 318 28.08 -49.56 28.46
CA PRO B 318 28.74 -50.87 28.43
C PRO B 318 29.25 -51.24 29.82
N LEU B 319 29.39 -52.56 30.04
CA LEU B 319 29.75 -53.07 31.35
C LEU B 319 31.11 -52.59 31.83
N ASP B 320 32.00 -52.20 30.92
CA ASP B 320 33.35 -51.77 31.28
C ASP B 320 33.51 -50.25 31.22
N PHE B 321 32.43 -49.49 31.27
CA PHE B 321 32.62 -48.06 31.11
C PHE B 321 33.37 -47.46 32.29
N GLY B 322 33.37 -48.13 33.45
CA GLY B 322 34.20 -47.74 34.58
C GLY B 322 35.70 -47.87 34.33
N THR B 323 36.11 -48.50 33.23
CA THR B 323 37.52 -48.59 32.88
C THR B 323 37.99 -47.45 31.98
N TRP B 324 37.12 -46.48 31.68
CA TRP B 324 37.48 -45.38 30.77
C TRP B 324 38.32 -44.32 31.49
N THR B 325 39.44 -44.75 32.08
CA THR B 325 40.18 -43.92 33.04
C THR B 325 40.91 -42.74 32.39
N SER B 326 41.09 -42.76 31.07
CA SER B 326 41.69 -41.62 30.39
C SER B 326 40.68 -40.52 30.09
N MET B 327 39.39 -40.76 30.30
CA MET B 327 38.38 -39.80 29.87
C MET B 327 38.36 -38.57 30.78
N VAL B 328 38.43 -37.39 30.16
CA VAL B 328 38.29 -36.14 30.87
C VAL B 328 36.93 -35.49 30.64
N GLU B 329 36.36 -35.63 29.45
CA GLU B 329 35.07 -35.05 29.14
C GLU B 329 34.19 -36.11 28.51
N LEU B 330 32.97 -36.26 29.03
CA LEU B 330 32.04 -37.32 28.61
C LEU B 330 30.66 -36.69 28.44
N ASN B 331 30.13 -36.72 27.22
CA ASN B 331 28.81 -36.17 26.94
C ASN B 331 27.90 -37.30 26.50
N LEU B 332 26.92 -37.61 27.35
CA LEU B 332 25.88 -38.62 27.11
C LEU B 332 24.50 -37.99 27.06
N ALA B 333 24.44 -36.68 26.76
CA ALA B 333 23.16 -35.98 26.77
C ALA B 333 22.26 -36.50 25.66
N THR B 334 20.95 -36.37 25.89
CA THR B 334 19.94 -36.67 24.88
C THR B 334 20.06 -38.13 24.43
N ASN B 335 20.03 -39.02 25.41
CA ASN B 335 19.90 -40.45 25.15
C ASN B 335 18.70 -40.93 25.95
N GLN B 336 18.65 -42.22 26.26
CA GLN B 336 17.53 -42.75 27.02
C GLN B 336 18.05 -43.56 28.22
N LEU B 337 19.07 -43.05 28.89
CA LEU B 337 19.63 -43.75 30.05
C LEU B 337 18.68 -43.63 31.23
N THR B 338 18.47 -44.76 31.93
CA THR B 338 17.61 -44.79 33.10
C THR B 338 18.37 -44.90 34.40
N LYS B 339 19.62 -45.36 34.36
CA LYS B 339 20.46 -45.36 35.56
C LYS B 339 21.91 -45.18 35.12
N ILE B 340 22.73 -44.70 36.04
CA ILE B 340 24.18 -44.68 35.88
C ILE B 340 24.75 -45.73 36.84
N PRO B 341 25.51 -46.72 36.36
CA PRO B 341 25.97 -47.78 37.25
C PRO B 341 26.96 -47.28 38.29
N GLU B 342 26.99 -47.99 39.43
CA GLU B 342 27.93 -47.64 40.51
C GLU B 342 29.38 -47.63 40.03
N ASP B 343 29.70 -48.39 38.98
CA ASP B 343 31.05 -48.42 38.40
C ASP B 343 31.53 -47.07 37.85
N VAL B 344 30.66 -46.06 37.77
CA VAL B 344 31.09 -44.70 37.41
C VAL B 344 32.21 -44.26 38.35
N SER B 345 32.28 -44.84 39.54
CA SER B 345 33.31 -44.47 40.50
C SER B 345 34.72 -44.65 39.94
N GLY B 346 34.88 -45.43 38.87
CA GLY B 346 36.20 -45.64 38.30
C GLY B 346 36.76 -44.47 37.51
N LEU B 347 35.94 -43.50 37.12
CA LEU B 347 36.39 -42.43 36.22
C LEU B 347 36.97 -41.26 37.01
N VAL B 348 38.02 -41.56 37.78
CA VAL B 348 38.55 -40.58 38.73
C VAL B 348 39.25 -39.40 38.06
N SER B 349 39.50 -39.46 36.76
CA SER B 349 40.07 -38.36 35.99
C SER B 349 39.02 -37.50 35.29
N LEU B 350 37.75 -37.86 35.39
CA LEU B 350 36.71 -37.16 34.65
C LEU B 350 36.54 -35.73 35.18
N GLU B 351 36.53 -34.75 34.28
CA GLU B 351 36.26 -33.37 34.69
C GLU B 351 34.92 -32.83 34.22
N VAL B 352 34.35 -33.35 33.13
CA VAL B 352 33.07 -32.83 32.63
C VAL B 352 32.19 -34.03 32.35
N LEU B 353 31.01 -34.06 32.99
CA LEU B 353 30.05 -35.15 32.79
C LEU B 353 28.73 -34.52 32.41
N ILE B 354 28.31 -34.71 31.15
CA ILE B 354 27.05 -34.15 30.63
C ILE B 354 26.05 -35.29 30.51
N LEU B 355 24.95 -35.20 31.27
CA LEU B 355 23.94 -36.25 31.32
C LEU B 355 22.53 -35.71 31.08
N SER B 356 22.43 -34.49 30.57
CA SER B 356 21.11 -33.87 30.44
C SER B 356 20.24 -34.61 29.40
N ASN B 357 18.93 -34.42 29.53
CA ASN B 357 17.95 -35.05 28.65
CA ASN B 357 17.91 -35.05 28.68
C ASN B 357 18.09 -36.57 28.61
N ASN B 358 18.01 -37.19 29.79
CA ASN B 358 17.94 -38.65 29.90
C ASN B 358 16.75 -38.94 30.80
N LEU B 359 16.66 -40.17 31.33
CA LEU B 359 15.55 -40.60 32.18
C LEU B 359 15.99 -40.93 33.61
N LEU B 360 17.00 -40.24 34.13
CA LEU B 360 17.56 -40.64 35.43
C LEU B 360 16.63 -40.21 36.57
N LYS B 361 16.36 -41.13 37.49
CA LYS B 361 15.59 -40.85 38.69
C LYS B 361 16.45 -40.72 39.94
N LYS B 362 17.61 -41.36 39.95
CA LYS B 362 18.56 -41.22 41.04
C LYS B 362 19.96 -41.35 40.45
N LEU B 363 20.97 -41.05 41.26
CA LEU B 363 22.38 -41.11 40.91
C LEU B 363 23.09 -42.09 41.84
N PRO B 364 24.12 -42.79 41.35
CA PRO B 364 24.80 -43.76 42.21
C PRO B 364 25.66 -43.10 43.28
N HIS B 365 25.84 -43.83 44.40
CA HIS B 365 26.75 -43.36 45.45
C HIS B 365 28.16 -43.16 44.93
N GLY B 366 28.59 -44.01 43.99
CA GLY B 366 29.90 -43.93 43.37
C GLY B 366 30.15 -42.63 42.63
N LEU B 367 29.11 -41.84 42.37
CA LEU B 367 29.31 -40.50 41.85
C LEU B 367 30.25 -39.69 42.73
N GLY B 368 30.26 -39.96 44.04
CA GLY B 368 31.08 -39.22 44.97
C GLY B 368 32.57 -39.48 44.83
N ASN B 369 32.96 -40.47 44.04
CA ASN B 369 34.38 -40.75 43.83
C ASN B 369 34.95 -40.03 42.62
N LEU B 370 34.19 -39.15 41.97
CA LEU B 370 34.72 -38.41 40.80
C LEU B 370 35.45 -37.17 41.31
N ARG B 371 36.64 -37.41 41.89
CA ARG B 371 37.38 -36.38 42.62
C ARG B 371 37.82 -35.22 41.74
N LYS B 372 37.91 -35.40 40.43
CA LYS B 372 38.31 -34.31 39.53
C LYS B 372 37.14 -33.63 38.86
N LEU B 373 35.90 -34.01 39.17
CA LEU B 373 34.77 -33.49 38.41
C LEU B 373 34.60 -31.99 38.66
N ARG B 374 34.58 -31.24 37.56
CA ARG B 374 34.36 -29.80 37.63
C ARG B 374 32.98 -29.38 37.15
N GLU B 375 32.39 -30.10 36.19
CA GLU B 375 31.08 -29.75 35.66
C GLU B 375 30.21 -30.99 35.61
N LEU B 376 29.01 -30.89 36.18
CA LEU B 376 28.04 -31.99 36.17
C LEU B 376 26.70 -31.41 35.70
N ASP B 377 26.24 -31.83 34.53
CA ASP B 377 25.01 -31.30 33.92
C ASP B 377 23.97 -32.42 33.87
N LEU B 378 22.89 -32.23 34.63
CA LEU B 378 21.82 -33.20 34.76
C LEU B 378 20.45 -32.62 34.40
N GLU B 379 20.41 -31.53 33.64
CA GLU B 379 19.12 -30.92 33.37
C GLU B 379 18.23 -31.87 32.58
N GLU B 380 16.92 -31.76 32.81
CA GLU B 380 15.92 -32.53 32.07
C GLU B 380 16.11 -34.04 32.29
N ASN B 381 16.12 -34.44 33.56
CA ASN B 381 16.00 -35.84 33.90
C ASN B 381 14.75 -35.97 34.77
N LYS B 382 14.66 -37.03 35.58
CA LYS B 382 13.56 -37.25 36.50
C LYS B 382 14.09 -37.40 37.92
N LEU B 383 15.11 -36.63 38.28
CA LEU B 383 15.81 -36.87 39.55
C LEU B 383 14.91 -36.48 40.71
N GLU B 384 14.71 -37.44 41.62
CA GLU B 384 13.92 -37.21 42.82
C GLU B 384 14.79 -36.89 44.04
N SER B 385 16.08 -37.15 43.98
CA SER B 385 16.98 -36.79 45.06
C SER B 385 18.40 -36.87 44.54
N LEU B 386 19.34 -36.38 45.35
CA LEU B 386 20.76 -36.51 45.10
C LEU B 386 21.41 -37.35 46.19
N PRO B 387 22.43 -38.15 45.85
CA PRO B 387 23.11 -38.94 46.87
C PRO B 387 23.89 -38.04 47.83
N ASN B 388 23.98 -38.47 49.09
CA ASN B 388 24.77 -37.72 50.06
C ASN B 388 26.22 -37.55 49.62
N GLU B 389 26.75 -38.52 48.87
CA GLU B 389 28.14 -38.47 48.44
C GLU B 389 28.46 -37.35 47.44
N ILE B 390 27.50 -36.56 46.94
CA ILE B 390 27.90 -35.45 46.09
C ILE B 390 28.67 -34.41 46.88
N ALA B 391 28.57 -34.46 48.21
CA ALA B 391 29.33 -33.56 49.07
C ALA B 391 30.84 -33.73 48.92
N TYR B 392 31.29 -34.86 48.38
CA TYR B 392 32.71 -35.12 48.20
C TYR B 392 33.27 -34.57 46.88
N LEU B 393 32.46 -33.92 46.04
CA LEU B 393 32.92 -33.44 44.72
C LEU B 393 33.54 -32.05 44.88
N LYS B 394 34.72 -32.02 45.52
CA LYS B 394 35.31 -30.77 45.97
C LYS B 394 35.77 -29.89 44.83
N ASP B 395 36.09 -30.47 43.67
CA ASP B 395 36.46 -29.68 42.50
C ASP B 395 35.27 -29.12 41.76
N LEU B 396 34.04 -29.46 42.17
CA LEU B 396 32.88 -29.11 41.36
C LEU B 396 32.68 -27.61 41.33
N GLN B 397 32.61 -27.06 40.11
CA GLN B 397 32.33 -25.64 39.92
C GLN B 397 30.94 -25.37 39.37
N LYS B 398 30.37 -26.30 38.61
CA LYS B 398 29.09 -26.07 37.94
C LYS B 398 28.21 -27.30 38.10
N LEU B 399 27.03 -27.10 38.69
CA LEU B 399 26.07 -28.18 38.92
C LEU B 399 24.73 -27.69 38.34
N VAL B 400 24.24 -28.37 37.31
CA VAL B 400 23.01 -27.96 36.63
C VAL B 400 21.97 -29.04 36.89
N LEU B 401 20.90 -28.67 37.58
CA LEU B 401 19.85 -29.59 37.96
C LEU B 401 18.49 -29.15 37.43
N THR B 402 18.48 -28.18 36.51
CA THR B 402 17.25 -27.64 35.94
C THR B 402 16.34 -28.75 35.43
N ASN B 403 15.03 -28.58 35.66
CA ASN B 403 14.03 -29.49 35.09
CA ASN B 403 14.02 -29.49 35.10
C ASN B 403 14.22 -30.92 35.62
N ASN B 404 13.99 -31.06 36.92
CA ASN B 404 14.02 -32.35 37.58
C ASN B 404 12.88 -32.37 38.61
N GLN B 405 12.88 -33.36 39.49
CA GLN B 405 11.81 -33.58 40.46
C GLN B 405 12.32 -33.43 41.89
N LEU B 406 13.24 -32.51 42.11
CA LEU B 406 13.87 -32.36 43.42
C LEU B 406 12.94 -31.65 44.39
N THR B 407 12.80 -32.20 45.59
CA THR B 407 12.06 -31.57 46.67
C THR B 407 12.96 -30.89 47.70
N THR B 408 14.09 -31.49 48.05
CA THR B 408 15.10 -30.83 48.86
C THR B 408 16.47 -31.09 48.23
N LEU B 409 17.46 -30.30 48.67
CA LEU B 409 18.89 -30.51 48.48
C LEU B 409 19.48 -31.18 49.71
N PRO B 410 20.45 -32.10 49.59
CA PRO B 410 21.14 -32.57 50.79
C PRO B 410 21.88 -31.43 51.48
N ARG B 411 21.91 -31.50 52.81
CA ARG B 411 22.69 -30.51 53.57
C ARG B 411 24.16 -30.53 53.16
N GLY B 412 24.66 -31.69 52.73
CA GLY B 412 26.03 -31.78 52.28
C GLY B 412 26.36 -30.93 51.07
N ILE B 413 25.35 -30.31 50.45
CA ILE B 413 25.63 -29.46 49.30
C ILE B 413 26.56 -28.33 49.67
N GLY B 414 26.52 -27.89 50.94
CA GLY B 414 27.35 -26.78 51.36
C GLY B 414 28.83 -27.08 51.43
N HIS B 415 29.22 -28.34 51.26
CA HIS B 415 30.63 -28.70 51.21
C HIS B 415 31.26 -28.47 49.83
N LEU B 416 30.47 -28.10 48.83
CA LEU B 416 30.99 -27.84 47.48
C LEU B 416 31.48 -26.40 47.37
N THR B 417 32.55 -26.12 48.11
CA THR B 417 32.97 -24.73 48.27
C THR B 417 33.55 -24.12 46.99
N ASN B 418 33.90 -24.90 45.98
CA ASN B 418 34.32 -24.31 44.72
C ASN B 418 33.17 -24.07 43.74
N LEU B 419 31.96 -24.43 44.11
CA LEU B 419 30.82 -24.24 43.21
C LEU B 419 30.63 -22.76 42.93
N THR B 420 30.57 -22.40 41.64
CA THR B 420 30.21 -21.04 41.23
C THR B 420 28.83 -20.95 40.58
N HIS B 421 28.32 -22.04 40.01
CA HIS B 421 27.07 -22.05 39.27
C HIS B 421 26.19 -23.17 39.80
N LEU B 422 24.99 -22.83 40.29
CA LEU B 422 24.05 -23.83 40.80
C LEU B 422 22.69 -23.58 40.15
N GLY B 423 22.26 -24.50 39.29
CA GLY B 423 21.02 -24.38 38.57
C GLY B 423 19.96 -25.31 39.12
N LEU B 424 18.95 -24.74 39.78
CA LEU B 424 17.90 -25.50 40.44
C LEU B 424 16.53 -25.20 39.89
N GLY B 425 16.46 -24.51 38.74
CA GLY B 425 15.17 -24.09 38.22
C GLY B 425 14.31 -25.27 37.83
N GLU B 426 13.00 -25.02 37.79
CA GLU B 426 12.03 -26.01 37.33
C GLU B 426 12.18 -27.31 38.11
N ASN B 427 12.12 -27.19 39.43
CA ASN B 427 12.10 -28.34 40.30
C ASN B 427 10.87 -28.25 41.19
N LEU B 428 10.87 -29.01 42.28
CA LEU B 428 9.77 -29.07 43.24
C LEU B 428 10.23 -28.64 44.62
N LEU B 429 11.23 -27.75 44.66
CA LEU B 429 11.83 -27.36 45.92
C LEU B 429 10.83 -26.65 46.81
N THR B 430 10.79 -27.07 48.07
CA THR B 430 10.05 -26.35 49.10
C THR B 430 10.95 -25.49 49.98
N HIS B 431 12.25 -25.78 50.01
CA HIS B 431 13.17 -24.94 50.76
C HIS B 431 14.58 -25.23 50.30
N LEU B 432 15.44 -24.28 50.54
CA LEU B 432 16.89 -24.33 50.42
C LEU B 432 17.50 -24.58 51.78
N PRO B 433 18.47 -25.49 51.90
CA PRO B 433 19.12 -25.70 53.20
C PRO B 433 19.89 -24.46 53.63
N GLU B 434 19.94 -24.26 54.95
CA GLU B 434 20.78 -23.21 55.51
C GLU B 434 22.23 -23.37 55.10
N GLU B 435 22.67 -24.60 54.84
CA GLU B 435 24.08 -24.86 54.54
C GLU B 435 24.49 -24.26 53.20
N ILE B 436 23.57 -23.72 52.42
CA ILE B 436 23.94 -23.01 51.20
C ILE B 436 24.85 -21.84 51.53
N GLY B 437 24.77 -21.35 52.77
CA GLY B 437 25.59 -20.23 53.21
C GLY B 437 27.09 -20.48 53.23
N THR B 438 27.55 -21.72 53.10
CA THR B 438 29.00 -21.94 53.01
C THR B 438 29.49 -22.06 51.57
N LEU B 439 28.61 -21.83 50.59
CA LEU B 439 29.01 -21.79 49.18
C LEU B 439 29.65 -20.43 48.93
N GLU B 440 30.89 -20.30 49.41
CA GLU B 440 31.57 -19.01 49.44
C GLU B 440 31.89 -18.49 48.05
N ASN B 441 31.96 -19.37 47.04
CA ASN B 441 32.29 -18.96 45.69
C ASN B 441 31.08 -18.87 44.77
N LEU B 442 29.87 -19.12 45.28
CA LEU B 442 28.67 -19.11 44.46
C LEU B 442 28.47 -17.76 43.79
N GLU B 443 28.27 -17.79 42.47
CA GLU B 443 28.05 -16.56 41.70
C GLU B 443 26.70 -16.52 41.01
N GLU B 444 26.18 -17.67 40.57
CA GLU B 444 24.92 -17.75 39.86
C GLU B 444 24.06 -18.81 40.53
N LEU B 445 22.85 -18.42 40.92
CA LEU B 445 21.91 -19.34 41.55
C LEU B 445 20.58 -19.20 40.84
N TYR B 446 20.12 -20.25 40.19
CA TYR B 446 18.86 -20.21 39.44
C TYR B 446 17.82 -21.02 40.20
N LEU B 447 16.79 -20.33 40.68
CA LEU B 447 15.69 -20.93 41.44
C LEU B 447 14.36 -20.81 40.73
N ASN B 448 14.33 -20.24 39.53
CA ASN B 448 13.07 -19.93 38.87
C ASN B 448 12.20 -21.18 38.74
N ASP B 449 10.88 -20.96 38.76
CA ASP B 449 9.90 -22.01 38.50
C ASP B 449 10.01 -23.15 39.51
N ASN B 450 10.10 -22.76 40.78
CA ASN B 450 9.88 -23.69 41.89
C ASN B 450 8.62 -23.20 42.59
N PRO B 451 7.43 -23.67 42.18
CA PRO B 451 6.18 -23.01 42.58
C PRO B 451 5.78 -23.23 44.03
N ASN B 452 6.49 -24.07 44.77
CA ASN B 452 6.23 -24.27 46.19
C ASN B 452 7.39 -23.77 47.06
N LEU B 453 8.24 -22.92 46.51
CA LEU B 453 9.33 -22.31 47.26
C LEU B 453 8.79 -21.00 47.85
N HIS B 454 8.46 -21.01 49.14
CA HIS B 454 7.83 -19.85 49.77
C HIS B 454 8.80 -19.01 50.60
N SER B 455 10.03 -19.48 50.78
CA SER B 455 11.00 -18.77 51.59
C SER B 455 12.41 -19.08 51.11
N LEU B 456 13.36 -18.26 51.55
CA LEU B 456 14.79 -18.40 51.32
C LEU B 456 15.52 -18.26 52.64
N PRO B 457 16.63 -18.96 52.83
CA PRO B 457 17.34 -18.86 54.11
C PRO B 457 18.14 -17.57 54.18
N PHE B 458 18.15 -16.97 55.37
CA PHE B 458 18.98 -15.79 55.58
C PHE B 458 20.44 -16.05 55.24
N GLU B 459 20.87 -17.31 55.31
CA GLU B 459 22.26 -17.68 55.02
C GLU B 459 22.65 -17.34 53.58
N LEU B 460 21.68 -17.24 52.67
CA LEU B 460 22.02 -16.78 51.32
C LEU B 460 22.78 -15.46 51.35
N ALA B 461 22.66 -14.69 52.43
CA ALA B 461 23.37 -13.42 52.52
C ALA B 461 24.86 -13.59 52.71
N LEU B 462 25.33 -14.77 53.13
CA LEU B 462 26.75 -15.03 53.28
C LEU B 462 27.46 -15.35 51.96
N CYS B 463 26.71 -15.52 50.88
CA CYS B 463 27.24 -15.82 49.55
C CYS B 463 27.65 -14.49 48.92
N SER B 464 28.83 -14.01 49.31
CA SER B 464 29.21 -12.63 49.03
C SER B 464 29.52 -12.40 47.56
N LYS B 465 29.73 -13.46 46.78
CA LYS B 465 30.02 -13.32 45.37
C LYS B 465 28.81 -13.52 44.49
N LEU B 466 27.63 -13.68 45.08
CA LEU B 466 26.43 -13.93 44.30
C LEU B 466 26.06 -12.69 43.49
N SER B 467 26.00 -12.84 42.18
CA SER B 467 25.70 -11.72 41.30
C SER B 467 24.55 -11.98 40.34
N ILE B 468 24.15 -13.23 40.14
CA ILE B 468 22.97 -13.56 39.35
C ILE B 468 22.12 -14.51 40.17
N MET B 469 20.86 -14.13 40.40
CA MET B 469 19.88 -15.03 40.99
C MET B 469 18.56 -14.86 40.27
N SER B 470 17.95 -15.96 39.84
CA SER B 470 16.64 -15.94 39.22
C SER B 470 15.62 -16.54 40.18
N ILE B 471 14.48 -15.89 40.34
CA ILE B 471 13.45 -16.41 41.23
C ILE B 471 12.06 -16.25 40.62
N GLU B 472 11.99 -16.06 39.29
CA GLU B 472 10.70 -15.90 38.64
C GLU B 472 9.82 -17.11 38.89
N ASN B 473 8.53 -16.87 39.09
CA ASN B 473 7.54 -17.91 39.32
C ASN B 473 7.83 -18.73 40.58
N CYS B 474 8.56 -18.15 41.52
CA CYS B 474 8.57 -18.64 42.89
C CYS B 474 7.65 -17.77 43.71
N PRO B 475 6.69 -18.35 44.45
CA PRO B 475 5.76 -17.51 45.23
C PRO B 475 6.48 -16.68 46.26
N LEU B 476 7.38 -17.29 47.05
CA LEU B 476 8.16 -16.60 48.07
C LEU B 476 7.25 -15.82 49.02
N SER B 477 6.11 -16.43 49.35
CA SER B 477 5.05 -15.71 50.04
C SER B 477 5.41 -15.36 51.47
N HIS B 478 6.44 -15.99 52.05
CA HIS B 478 6.87 -15.63 53.40
C HIS B 478 7.73 -14.38 53.43
N LEU B 479 8.08 -13.84 52.29
CA LEU B 479 8.79 -12.58 52.22
C LEU B 479 7.79 -11.46 51.93
N PRO B 480 8.13 -10.21 52.25
CA PRO B 480 7.21 -9.10 51.95
C PRO B 480 6.96 -8.98 50.46
N PRO B 481 5.70 -8.79 50.06
CA PRO B 481 5.40 -8.77 48.61
C PRO B 481 6.17 -7.69 47.86
N GLN B 482 6.37 -6.53 48.49
CA GLN B 482 7.14 -5.44 47.89
CA GLN B 482 7.13 -5.47 47.82
C GLN B 482 8.57 -5.89 47.60
N ILE B 483 9.15 -6.69 48.49
CA ILE B 483 10.53 -7.12 48.33
C ILE B 483 10.66 -8.11 47.19
N VAL B 484 9.77 -9.10 47.11
CA VAL B 484 9.98 -10.07 46.04
C VAL B 484 9.56 -9.46 44.71
N ALA B 485 8.62 -8.51 44.72
CA ALA B 485 8.30 -7.79 43.48
C ALA B 485 9.49 -6.96 43.01
N GLY B 486 10.31 -6.46 43.93
CA GLY B 486 11.50 -5.72 43.57
C GLY B 486 12.59 -6.55 42.93
N GLY B 487 12.54 -7.87 43.07
CA GLY B 487 13.49 -8.74 42.40
C GLY B 487 14.66 -9.18 43.26
N PRO B 488 15.57 -9.93 42.65
CA PRO B 488 16.64 -10.59 43.44
C PRO B 488 17.52 -9.65 44.24
N SER B 489 17.87 -8.47 43.71
CA SER B 489 18.74 -7.60 44.48
C SER B 489 18.05 -7.09 45.74
N PHE B 490 16.73 -6.91 45.69
CA PHE B 490 15.99 -6.51 46.88
C PHE B 490 15.86 -7.67 47.85
N ILE B 491 15.62 -8.87 47.32
CA ILE B 491 15.49 -10.03 48.20
C ILE B 491 16.76 -10.22 49.02
N ILE B 492 17.91 -10.21 48.34
CA ILE B 492 19.20 -10.44 49.00
C ILE B 492 19.47 -9.36 50.05
N GLN B 493 19.19 -8.09 49.72
CA GLN B 493 19.41 -7.03 50.71
C GLN B 493 18.52 -7.25 51.92
N PHE B 494 17.27 -7.67 51.68
CA PHE B 494 16.38 -7.95 52.79
C PHE B 494 16.93 -9.07 53.67
N LEU B 495 17.43 -10.15 53.06
CA LEU B 495 18.02 -11.24 53.82
C LEU B 495 19.20 -10.75 54.67
N LYS B 496 20.06 -9.92 54.07
CA LYS B 496 21.16 -9.32 54.83
C LYS B 496 20.65 -8.53 56.03
N MET B 497 19.70 -7.62 55.82
CA MET B 497 19.33 -6.66 56.86
C MET B 497 18.48 -7.29 57.95
N GLN B 498 17.63 -8.26 57.61
CA GLN B 498 16.72 -8.82 58.59
C GLN B 498 17.23 -10.08 59.25
N GLY B 499 18.38 -10.61 58.81
CA GLY B 499 18.89 -11.84 59.35
C GLY B 499 19.97 -11.60 60.39
N PRO B 500 20.57 -12.68 60.89
CA PRO B 500 21.60 -12.54 61.92
C PRO B 500 22.98 -12.21 61.38
N TYR B 501 23.15 -11.98 60.08
CA TYR B 501 24.47 -11.75 59.51
C TYR B 501 24.66 -10.31 59.02
N ARG B 502 23.80 -9.39 59.47
CA ARG B 502 23.86 -8.00 58.99
C ARG B 502 25.22 -7.36 59.27
N ALA B 503 25.80 -7.63 60.44
CA ALA B 503 27.11 -7.06 60.77
C ALA B 503 28.22 -7.63 59.91
N MET B 504 28.00 -8.79 59.30
CA MET B 504 29.02 -9.44 58.49
C MET B 504 29.04 -8.85 57.08
N LEU C 4 12.50 -37.51 4.28
CA LEU C 4 11.44 -36.63 4.78
C LEU C 4 10.34 -36.51 3.73
N ASN C 5 9.08 -36.74 4.11
CA ASN C 5 7.98 -36.68 3.15
C ASN C 5 7.50 -35.23 3.08
N LEU C 6 8.19 -34.46 2.24
CA LEU C 6 8.02 -33.01 2.27
C LEU C 6 6.65 -32.60 1.74
N ASP C 7 6.23 -33.16 0.59
CA ASP C 7 4.96 -32.75 0.01
C ASP C 7 3.78 -33.12 0.90
N SER C 8 3.87 -34.26 1.60
CA SER C 8 2.79 -34.63 2.52
C SER C 8 2.70 -33.66 3.69
N ILE C 9 3.84 -33.25 4.23
CA ILE C 9 3.85 -32.26 5.31
C ILE C 9 3.21 -30.96 4.85
N ILE C 10 3.62 -30.47 3.67
CA ILE C 10 3.08 -29.21 3.18
C ILE C 10 1.58 -29.34 2.95
N GLY C 11 1.14 -30.49 2.40
CA GLY C 11 -0.29 -30.70 2.18
C GLY C 11 -1.11 -30.59 3.44
N ARG C 12 -0.70 -31.30 4.50
CA ARG C 12 -1.44 -31.25 5.75
C ARG C 12 -1.38 -29.87 6.39
N LEU C 13 -0.25 -29.17 6.26
CA LEU C 13 -0.18 -27.81 6.78
C LEU C 13 -1.14 -26.90 6.05
N LEU C 14 -1.30 -27.11 4.74
CA LEU C 14 -2.22 -26.31 3.94
C LEU C 14 -3.66 -26.81 3.97
N GLU C 15 -3.91 -27.99 4.53
CA GLU C 15 -5.26 -28.55 4.58
C GLU C 15 -6.20 -27.65 5.38
N VAL C 16 -5.70 -27.04 6.46
CA VAL C 16 -6.55 -26.27 7.37
C VAL C 16 -6.82 -24.89 6.80
N GLN C 17 -6.40 -24.65 5.56
CA GLN C 17 -6.69 -23.36 4.92
C GLN C 17 -8.19 -23.17 4.78
N GLY C 18 -8.66 -22.01 5.19
CA GLY C 18 -10.07 -21.69 5.18
C GLY C 18 -10.79 -21.97 6.48
N SER C 19 -10.31 -22.93 7.27
CA SER C 19 -10.93 -23.25 8.55
C SER C 19 -10.85 -22.05 9.50
N ARG C 20 -11.57 -22.16 10.61
CA ARG C 20 -11.55 -21.09 11.60
C ARG C 20 -10.18 -21.03 12.28
N PRO C 21 -9.70 -19.84 12.62
CA PRO C 21 -8.35 -19.74 13.21
C PRO C 21 -8.26 -20.47 14.55
N GLY C 22 -7.06 -20.99 14.81
CA GLY C 22 -6.78 -21.73 16.03
C GLY C 22 -6.65 -23.23 15.82
N LYS C 23 -7.24 -23.77 14.76
CA LYS C 23 -7.21 -25.21 14.52
C LYS C 23 -5.78 -25.66 14.20
N ASN C 24 -5.23 -26.52 15.06
CA ASN C 24 -3.83 -26.92 14.93
C ASN C 24 -3.64 -27.89 13.78
N VAL C 25 -2.38 -28.11 13.43
CA VAL C 25 -1.98 -29.16 12.52
C VAL C 25 -1.01 -30.06 13.29
N GLN C 26 -1.35 -31.35 13.40
CA GLN C 26 -0.55 -32.28 14.20
C GLN C 26 0.38 -33.05 13.28
N LEU C 27 1.53 -32.43 13.00
CA LEU C 27 2.64 -33.16 12.41
C LEU C 27 3.31 -34.02 13.49
N THR C 28 4.01 -35.07 13.06
CA THR C 28 4.71 -35.91 14.01
C THR C 28 6.00 -35.25 14.47
N GLU C 29 6.46 -35.66 15.65
CA GLU C 29 7.73 -35.14 16.17
C GLU C 29 8.85 -35.36 15.18
N ASN C 30 8.93 -36.57 14.61
CA ASN C 30 10.00 -36.85 13.67
C ASN C 30 9.87 -36.03 12.40
N GLU C 31 8.65 -35.70 11.99
CA GLU C 31 8.48 -34.84 10.82
C GLU C 31 9.05 -33.45 11.09
N ILE C 32 8.71 -32.87 12.24
CA ILE C 32 9.16 -31.51 12.58
C ILE C 32 10.67 -31.48 12.79
N ARG C 33 11.22 -32.47 13.48
CA ARG C 33 12.67 -32.46 13.63
C ARG C 33 13.35 -32.61 12.29
N GLY C 34 12.72 -33.36 11.36
CA GLY C 34 13.26 -33.44 10.01
C GLY C 34 13.27 -32.11 9.28
N LEU C 35 12.20 -31.31 9.47
CA LEU C 35 12.18 -29.95 8.91
C LEU C 35 13.33 -29.12 9.45
N CYS C 36 13.56 -29.19 10.77
CA CYS C 36 14.66 -28.43 11.38
C CYS C 36 16.00 -28.88 10.82
N LEU C 37 16.23 -30.19 10.75
CA LEU C 37 17.54 -30.67 10.34
C LEU C 37 17.82 -30.35 8.89
N LYS C 38 16.83 -30.52 8.02
CA LYS C 38 17.07 -30.33 6.59
C LYS C 38 17.18 -28.85 6.23
N SER C 39 16.42 -27.99 6.91
CA SER C 39 16.54 -26.56 6.64
C SER C 39 17.83 -26.00 7.21
N ARG C 40 18.23 -26.49 8.39
CA ARG C 40 19.46 -26.05 9.01
C ARG C 40 20.64 -26.17 8.05
N GLU C 41 20.79 -27.35 7.41
CA GLU C 41 21.94 -27.53 6.53
C GLU C 41 21.81 -26.69 5.26
N ILE C 42 20.59 -26.39 4.84
CA ILE C 42 20.42 -25.50 3.69
C ILE C 42 20.81 -24.06 4.07
N PHE C 43 20.37 -23.60 5.24
CA PHE C 43 20.81 -22.30 5.73
C PHE C 43 22.34 -22.19 5.69
N LEU C 44 23.04 -23.21 6.23
CA LEU C 44 24.51 -23.19 6.24
C LEU C 44 25.10 -23.34 4.85
N SER C 45 24.36 -23.89 3.89
CA SER C 45 24.84 -23.98 2.51
C SER C 45 24.70 -22.67 1.74
N GLN C 46 24.09 -21.65 2.32
CA GLN C 46 23.85 -20.36 1.69
C GLN C 46 24.50 -19.24 2.49
N PRO C 47 24.73 -18.08 1.87
CA PRO C 47 25.46 -17.02 2.55
C PRO C 47 24.70 -16.46 3.73
N ILE C 48 25.45 -15.93 4.71
CA ILE C 48 24.80 -15.27 5.83
C ILE C 48 24.28 -13.90 5.41
N LEU C 49 24.92 -13.27 4.41
CA LEU C 49 24.43 -12.07 3.74
C LEU C 49 23.93 -12.48 2.35
N LEU C 50 22.62 -12.68 2.24
CA LEU C 50 22.02 -13.15 0.98
C LEU C 50 22.10 -12.05 -0.07
N GLU C 51 22.44 -12.43 -1.30
CA GLU C 51 22.37 -11.52 -2.46
C GLU C 51 21.26 -12.03 -3.38
N LEU C 52 20.14 -11.30 -3.43
CA LEU C 52 18.92 -11.78 -4.05
C LEU C 52 18.51 -10.92 -5.25
N GLU C 53 17.65 -11.47 -6.08
CA GLU C 53 17.19 -10.82 -7.31
C GLU C 53 15.68 -10.66 -7.28
N ALA C 54 15.20 -9.53 -7.77
CA ALA C 54 13.77 -9.35 -7.93
C ALA C 54 13.33 -10.01 -9.23
N PRO C 55 12.02 -10.32 -9.38
CA PRO C 55 10.88 -10.02 -8.52
C PRO C 55 10.89 -10.80 -7.20
N LEU C 56 10.39 -10.17 -6.15
CA LEU C 56 10.49 -10.71 -4.80
C LEU C 56 9.39 -10.07 -3.97
N LYS C 57 8.73 -10.88 -3.13
CA LYS C 57 7.81 -10.38 -2.12
C LYS C 57 8.50 -10.42 -0.76
N ILE C 58 8.44 -9.32 -0.02
CA ILE C 58 9.12 -9.17 1.25
C ILE C 58 8.08 -8.99 2.34
N CYS C 59 8.16 -9.80 3.39
CA CYS C 59 7.21 -9.78 4.49
C CYS C 59 7.92 -9.52 5.82
N GLY C 60 7.21 -8.85 6.72
CA GLY C 60 7.69 -8.57 8.07
C GLY C 60 7.22 -9.60 9.08
N ASP C 61 7.10 -9.17 10.33
CA ASP C 61 6.84 -10.10 11.43
C ASP C 61 5.57 -10.90 11.23
N ILE C 62 5.64 -12.19 11.52
CA ILE C 62 4.48 -13.07 11.55
C ILE C 62 4.05 -13.39 12.97
N HIS C 63 5.02 -13.62 13.85
CA HIS C 63 4.78 -13.95 15.26
C HIS C 63 3.67 -15.00 15.41
N GLY C 64 3.80 -16.08 14.67
CA GLY C 64 2.96 -17.24 14.90
C GLY C 64 1.49 -17.01 14.65
N GLN C 65 1.15 -16.10 13.75
CA GLN C 65 -0.24 -15.90 13.33
C GLN C 65 -0.43 -16.69 12.04
N TYR C 66 -0.58 -18.00 12.21
CA TYR C 66 -0.47 -18.92 11.08
C TYR C 66 -1.54 -18.64 10.04
N TYR C 67 -2.75 -18.32 10.47
CA TYR C 67 -3.81 -18.08 9.49
C TYR C 67 -3.62 -16.76 8.77
N ASP C 68 -2.96 -15.79 9.43
CA ASP C 68 -2.55 -14.57 8.74
C ASP C 68 -1.43 -14.82 7.75
N LEU C 69 -0.54 -15.78 8.03
CA LEU C 69 0.47 -16.15 7.06
C LEU C 69 -0.16 -16.81 5.85
N LEU C 70 -1.17 -17.65 6.07
CA LEU C 70 -1.85 -18.29 4.96
C LEU C 70 -2.53 -17.24 4.07
N ARG C 71 -3.03 -16.15 4.66
CA ARG C 71 -3.62 -15.08 3.87
C ARG C 71 -2.56 -14.37 3.03
N LEU C 72 -1.37 -14.15 3.60
CA LEU C 72 -0.27 -13.55 2.83
C LEU C 72 0.04 -14.35 1.58
N PHE C 73 0.09 -15.68 1.71
CA PHE C 73 0.39 -16.50 0.54
C PHE C 73 -0.77 -16.49 -0.46
N GLU C 74 -2.00 -16.27 0.03
CA GLU C 74 -3.13 -16.15 -0.88
C GLU C 74 -3.02 -14.90 -1.75
N TYR C 75 -2.69 -13.76 -1.13
CA TYR C 75 -2.56 -12.51 -1.88
C TYR C 75 -1.30 -12.52 -2.75
N GLY C 76 -0.18 -12.95 -2.19
CA GLY C 76 1.05 -12.91 -2.94
C GLY C 76 1.25 -14.09 -3.86
N GLY C 77 0.53 -15.19 -3.64
CA GLY C 77 0.80 -16.41 -4.39
C GLY C 77 1.60 -17.42 -3.58
N PHE C 78 1.08 -18.64 -3.47
CA PHE C 78 1.79 -19.69 -2.74
C PHE C 78 3.05 -20.10 -3.50
N PRO C 79 4.16 -20.33 -2.80
CA PRO C 79 5.37 -20.74 -3.49
C PRO C 79 5.12 -21.98 -4.32
N PRO C 80 5.77 -22.11 -5.48
CA PRO C 80 6.77 -21.20 -6.04
C PRO C 80 6.16 -20.15 -6.97
N GLU C 81 4.88 -19.82 -6.80
CA GLU C 81 4.26 -18.85 -7.70
C GLU C 81 4.93 -17.47 -7.58
N SER C 82 5.38 -17.13 -6.37
CA SER C 82 6.18 -15.94 -6.14
C SER C 82 7.39 -16.31 -5.29
N ASN C 83 8.42 -15.50 -5.37
CA ASN C 83 9.58 -15.61 -4.48
C ASN C 83 9.36 -14.77 -3.24
N TYR C 84 9.85 -15.27 -2.11
CA TYR C 84 9.60 -14.62 -0.83
C TYR C 84 10.91 -14.39 -0.08
N LEU C 85 10.93 -13.31 0.68
CA LEU C 85 11.92 -13.07 1.72
C LEU C 85 11.15 -12.62 2.94
N PHE C 86 11.27 -13.37 4.04
CA PHE C 86 10.71 -12.93 5.30
C PHE C 86 11.84 -12.36 6.16
N LEU C 87 11.51 -11.39 7.00
CA LEU C 87 12.52 -10.62 7.72
C LEU C 87 12.65 -11.02 9.18
N GLY C 88 12.11 -12.16 9.58
CA GLY C 88 12.34 -12.67 10.92
C GLY C 88 11.10 -12.62 11.79
N ASP C 89 11.26 -13.13 13.01
CA ASP C 89 10.24 -13.14 14.05
C ASP C 89 9.03 -13.97 13.63
N TYR C 90 9.32 -15.25 13.37
CA TYR C 90 8.32 -16.23 12.98
C TYR C 90 7.54 -16.78 14.17
N VAL C 91 8.15 -16.78 15.35
CA VAL C 91 7.59 -17.44 16.53
C VAL C 91 7.31 -16.38 17.59
N ASP C 92 6.67 -16.84 18.67
CA ASP C 92 6.31 -16.08 19.87
C ASP C 92 5.05 -15.27 19.67
N ARG C 93 4.37 -14.95 20.78
CA ARG C 93 3.21 -14.05 20.85
C ARG C 93 1.95 -14.70 20.32
N GLY C 94 1.99 -15.16 19.06
CA GLY C 94 0.84 -15.77 18.45
C GLY C 94 0.47 -17.09 19.08
N LYS C 95 -0.54 -17.72 18.48
CA LYS C 95 -1.09 -18.96 19.02
C LYS C 95 -0.52 -20.20 18.35
N GLN C 96 -0.07 -20.09 17.10
CA GLN C 96 0.41 -21.23 16.33
C GLN C 96 1.81 -20.94 15.76
N SER C 97 2.76 -20.72 16.67
CA SER C 97 4.15 -20.57 16.26
C SER C 97 4.65 -21.81 15.53
N LEU C 98 4.26 -23.00 16.01
CA LEU C 98 4.75 -24.25 15.42
C LEU C 98 4.30 -24.39 13.96
N GLU C 99 3.00 -24.20 13.70
CA GLU C 99 2.53 -24.31 12.33
C GLU C 99 3.18 -23.27 11.43
N THR C 100 3.37 -22.06 11.96
CA THR C 100 4.01 -21.00 11.19
C THR C 100 5.42 -21.37 10.81
N ILE C 101 6.23 -21.78 11.78
CA ILE C 101 7.62 -22.06 11.45
C ILE C 101 7.71 -23.31 10.58
N CYS C 102 6.87 -24.32 10.82
CA CYS C 102 7.00 -25.54 10.03
C CYS C 102 6.70 -25.27 8.56
N LEU C 103 5.65 -24.50 8.25
CA LEU C 103 5.38 -24.20 6.85
C LEU C 103 6.53 -23.43 6.22
N LEU C 104 7.09 -22.46 6.96
CA LEU C 104 8.18 -21.67 6.42
C LEU C 104 9.41 -22.53 6.16
N LEU C 105 9.73 -23.44 7.10
CA LEU C 105 10.88 -24.32 6.89
C LEU C 105 10.62 -25.29 5.75
N ALA C 106 9.39 -25.81 5.66
CA ALA C 106 9.07 -26.72 4.57
C ALA C 106 9.25 -26.03 3.23
N TYR C 107 8.79 -24.78 3.12
CA TYR C 107 8.96 -24.04 1.87
C TYR C 107 10.44 -23.79 1.59
N LYS C 108 11.22 -23.51 2.64
CA LYS C 108 12.67 -23.32 2.47
C LYS C 108 13.33 -24.58 1.91
N ILE C 109 12.96 -25.76 2.44
CA ILE C 109 13.54 -26.99 1.92
C ILE C 109 13.02 -27.28 0.52
N LYS C 110 11.73 -27.02 0.29
CA LYS C 110 11.14 -27.33 -1.01
C LYS C 110 11.69 -26.43 -2.11
N TYR C 111 11.74 -25.11 -1.89
CA TYR C 111 12.17 -24.14 -2.89
C TYR C 111 13.33 -23.33 -2.35
N PRO C 112 14.51 -23.94 -2.20
CA PRO C 112 15.61 -23.27 -1.50
C PRO C 112 16.23 -22.10 -2.26
N GLU C 113 16.06 -22.01 -3.58
CA GLU C 113 16.55 -20.87 -4.33
C GLU C 113 15.51 -19.77 -4.52
N ASN C 114 14.29 -19.96 -4.02
CA ASN C 114 13.19 -19.03 -4.28
C ASN C 114 12.47 -18.61 -3.01
N PHE C 115 12.96 -19.02 -1.84
CA PHE C 115 12.25 -18.77 -0.60
C PHE C 115 13.31 -18.51 0.47
N PHE C 116 13.24 -17.37 1.14
CA PHE C 116 14.34 -16.99 2.02
C PHE C 116 13.81 -16.49 3.35
N LEU C 117 14.51 -16.85 4.43
CA LEU C 117 14.11 -16.49 5.78
C LEU C 117 15.30 -15.82 6.46
N LEU C 118 15.10 -14.60 6.93
CA LEU C 118 16.08 -13.93 7.75
C LEU C 118 15.82 -14.25 9.23
N ARG C 119 16.84 -14.01 10.05
CA ARG C 119 16.73 -14.21 11.50
C ARG C 119 16.20 -12.95 12.15
N GLY C 120 15.22 -13.12 13.04
CA GLY C 120 14.73 -12.04 13.87
C GLY C 120 15.23 -12.21 15.29
N ASN C 121 15.00 -11.18 16.12
CA ASN C 121 15.44 -11.27 17.51
C ASN C 121 14.69 -12.34 18.30
N HIS C 122 13.57 -12.84 17.79
CA HIS C 122 12.86 -13.91 18.48
C HIS C 122 13.32 -15.30 18.04
N GLU C 123 14.13 -15.40 16.99
CA GLU C 123 14.76 -16.68 16.63
C GLU C 123 16.02 -16.88 17.48
N CYS C 124 15.77 -16.91 18.78
CA CYS C 124 16.83 -16.85 19.78
C CYS C 124 16.30 -17.51 21.04
N ALA C 125 17.00 -18.53 21.53
CA ALA C 125 16.51 -19.33 22.64
C ALA C 125 16.21 -18.47 23.87
N SER C 126 17.09 -17.51 24.18
CA SER C 126 16.87 -16.72 25.38
C SER C 126 15.61 -15.87 25.29
N ILE C 127 15.21 -15.46 24.09
CA ILE C 127 14.00 -14.66 23.92
C ILE C 127 12.76 -15.55 23.77
N ASN C 128 12.78 -16.54 22.87
CA ASN C 128 11.56 -17.34 22.70
C ASN C 128 11.36 -18.38 23.80
N ARG C 129 12.29 -18.46 24.76
CA ARG C 129 12.02 -19.15 26.01
C ARG C 129 10.93 -18.44 26.80
N ILE C 130 10.88 -17.12 26.69
CA ILE C 130 10.03 -16.27 27.53
C ILE C 130 8.69 -15.99 26.87
N TYR C 131 8.68 -15.63 25.58
CA TYR C 131 7.49 -15.03 24.96
C TYR C 131 6.62 -16.05 24.23
N GLY C 132 6.75 -17.33 24.54
CA GLY C 132 5.74 -18.27 24.08
C GLY C 132 6.20 -19.55 23.42
N PHE C 133 7.27 -19.50 22.60
CA PHE C 133 7.57 -20.64 21.74
C PHE C 133 8.00 -21.86 22.53
N TYR C 134 8.78 -21.66 23.60
CA TYR C 134 9.16 -22.76 24.48
C TYR C 134 7.93 -23.42 25.07
N ASP C 135 7.03 -22.62 25.65
CA ASP C 135 5.78 -23.16 26.20
C ASP C 135 5.00 -23.94 25.15
N GLU C 136 4.85 -23.38 23.94
CA GLU C 136 4.09 -24.07 22.91
C GLU C 136 4.77 -25.39 22.53
N CYS C 137 6.11 -25.40 22.46
CA CYS C 137 6.82 -26.63 22.16
C CYS C 137 6.60 -27.68 23.24
N LYS C 138 6.74 -27.28 24.50
CA LYS C 138 6.60 -28.23 25.60
C LYS C 138 5.16 -28.74 25.72
N ARG C 139 4.19 -27.88 25.40
CA ARG C 139 2.78 -28.27 25.42
C ARG C 139 2.50 -29.37 24.40
N ARG C 140 2.83 -29.11 23.14
CA ARG C 140 2.42 -29.99 22.05
C ARG C 140 3.42 -31.09 21.74
N TYR C 141 4.69 -30.91 22.13
CA TYR C 141 5.71 -31.92 21.86
C TYR C 141 6.61 -32.09 23.07
N ASN C 142 7.83 -31.54 23.02
CA ASN C 142 8.73 -31.66 24.17
C ASN C 142 9.86 -30.64 24.05
N ILE C 143 10.66 -30.56 25.12
CA ILE C 143 11.78 -29.62 25.19
C ILE C 143 12.85 -29.96 24.17
N LYS C 144 13.15 -31.25 24.03
CA LYS C 144 14.13 -31.70 23.04
C LYS C 144 13.83 -31.12 21.66
N LEU C 145 12.54 -31.00 21.30
CA LEU C 145 12.19 -30.42 20.01
C LEU C 145 12.50 -28.93 19.97
N TRP C 146 12.13 -28.21 21.02
CA TRP C 146 12.46 -26.79 21.12
C TRP C 146 13.96 -26.56 20.95
N LYS C 147 14.78 -27.39 21.59
CA LYS C 147 16.22 -27.25 21.44
C LYS C 147 16.68 -27.59 20.02
N THR C 148 15.99 -28.50 19.36
CA THR C 148 16.24 -28.74 17.96
C THR C 148 15.93 -27.50 17.13
N PHE C 149 14.85 -26.78 17.46
CA PHE C 149 14.57 -25.52 16.78
C PHE C 149 15.70 -24.53 16.99
N THR C 150 16.25 -24.48 18.21
CA THR C 150 17.29 -23.49 18.49
C THR C 150 18.54 -23.74 17.65
N ASP C 151 18.95 -25.01 17.50
CA ASP C 151 20.06 -25.35 16.61
C ASP C 151 19.80 -24.86 15.20
N CYS C 152 18.54 -24.92 14.77
CA CYS C 152 18.18 -24.46 13.43
C CYS C 152 18.24 -22.93 13.33
N PHE C 153 17.56 -22.24 14.26
CA PHE C 153 17.57 -20.77 14.27
C PHE C 153 18.98 -20.20 14.30
N ASN C 154 19.88 -20.87 15.02
CA ASN C 154 21.24 -20.36 15.17
C ASN C 154 21.99 -20.30 13.84
N CYS C 155 21.44 -20.89 12.78
CA CYS C 155 22.05 -20.91 11.47
C CYS C 155 21.38 -20.00 10.44
N LEU C 156 20.33 -19.28 10.83
CA LEU C 156 19.62 -18.45 9.86
C LEU C 156 20.52 -17.33 9.35
N PRO C 157 20.36 -16.92 8.08
CA PRO C 157 21.08 -15.75 7.59
C PRO C 157 20.57 -14.49 8.28
N ILE C 158 21.38 -13.43 8.17
CA ILE C 158 21.17 -12.24 8.98
C ILE C 158 20.71 -11.03 8.16
N ALA C 159 21.11 -10.92 6.91
CA ALA C 159 20.66 -9.79 6.11
C ALA C 159 20.61 -10.20 4.64
N ALA C 160 20.00 -9.36 3.82
CA ALA C 160 19.92 -9.60 2.39
C ALA C 160 20.05 -8.27 1.66
N ILE C 161 20.64 -8.31 0.47
CA ILE C 161 20.66 -7.17 -0.43
C ILE C 161 20.00 -7.62 -1.74
N VAL C 162 18.94 -6.93 -2.11
CA VAL C 162 18.16 -7.26 -3.31
C VAL C 162 18.66 -6.38 -4.45
N ASP C 163 19.20 -7.03 -5.49
CA ASP C 163 19.63 -6.40 -6.74
C ASP C 163 20.54 -5.19 -6.50
N GLU C 164 21.51 -5.35 -5.59
CA GLU C 164 22.49 -4.32 -5.29
C GLU C 164 21.90 -3.09 -4.58
N LYS C 165 20.58 -3.02 -4.34
CA LYS C 165 19.99 -1.73 -3.99
C LYS C 165 19.11 -1.68 -2.76
N ILE C 166 18.52 -2.79 -2.32
CA ILE C 166 17.67 -2.81 -1.13
C ILE C 166 18.35 -3.64 -0.07
N PHE C 167 18.68 -3.04 1.06
CA PHE C 167 19.33 -3.72 2.18
C PHE C 167 18.26 -4.10 3.20
N CYS C 168 18.11 -5.40 3.46
CA CYS C 168 17.08 -5.91 4.35
C CYS C 168 17.69 -6.60 5.56
N CYS C 169 17.14 -6.30 6.73
CA CYS C 169 17.42 -7.06 7.94
C CYS C 169 16.22 -6.86 8.85
N HIS C 170 16.21 -7.58 9.96
CA HIS C 170 15.07 -7.53 10.86
C HIS C 170 14.99 -6.20 11.60
N GLY C 171 16.09 -5.81 12.23
CA GLY C 171 16.07 -4.69 13.15
C GLY C 171 16.53 -3.43 12.43
N GLY C 172 17.84 -3.24 12.37
CA GLY C 172 18.30 -2.12 11.59
C GLY C 172 19.80 -2.00 11.55
N LEU C 173 20.27 -0.77 11.53
CA LEU C 173 21.68 -0.51 11.35
C LEU C 173 22.41 -0.67 12.68
N SER C 174 23.74 -0.66 12.61
CA SER C 174 24.62 -0.75 13.76
C SER C 174 25.69 0.34 13.65
N PRO C 175 26.11 0.92 14.77
CA PRO C 175 27.27 1.82 14.74
C PRO C 175 28.52 1.13 14.22
N ASP C 176 28.61 -0.19 14.39
CA ASP C 176 29.79 -0.94 14.01
C ASP C 176 29.75 -1.41 12.56
N LEU C 177 28.60 -1.27 11.87
CA LEU C 177 28.50 -1.78 10.50
C LEU C 177 29.12 -0.78 9.54
N GLN C 178 30.36 -1.03 9.13
CA GLN C 178 31.03 -0.13 8.21
C GLN C 178 31.30 -0.73 6.85
N SER C 179 31.43 -2.05 6.75
CA SER C 179 31.50 -2.72 5.46
C SER C 179 30.62 -3.95 5.47
N MET C 180 30.11 -4.33 4.30
CA MET C 180 29.27 -5.53 4.25
C MET C 180 30.04 -6.80 4.60
N GLU C 181 31.35 -6.83 4.35
CA GLU C 181 32.01 -8.09 4.65
C GLU C 181 32.10 -8.37 6.14
N GLN C 182 31.82 -7.36 6.99
CA GLN C 182 31.69 -7.63 8.42
C GLN C 182 30.53 -8.57 8.72
N ILE C 183 29.44 -8.46 7.96
CA ILE C 183 28.33 -9.38 8.16
C ILE C 183 28.73 -10.79 7.73
N ARG C 184 29.48 -10.86 6.63
CA ARG C 184 29.96 -12.14 6.11
C ARG C 184 30.86 -12.84 7.10
N ARG C 185 31.53 -12.08 7.97
CA ARG C 185 32.44 -12.68 8.93
C ARG C 185 31.73 -13.15 10.19
N ILE C 186 30.42 -12.98 10.26
CA ILE C 186 29.67 -13.51 11.38
C ILE C 186 29.57 -15.02 11.23
N MET C 187 30.01 -15.75 12.25
CA MET C 187 30.10 -17.19 12.16
C MET C 187 28.82 -17.87 12.67
N ARG C 188 28.55 -19.03 12.10
CA ARG C 188 27.36 -19.81 12.41
C ARG C 188 27.75 -21.26 12.67
N PRO C 189 26.99 -21.98 13.50
CA PRO C 189 25.84 -21.53 14.30
C PRO C 189 26.25 -20.52 15.37
N THR C 190 25.34 -19.62 15.72
CA THR C 190 25.66 -18.65 16.76
C THR C 190 24.40 -18.26 17.51
N ASP C 191 24.57 -18.00 18.80
CA ASP C 191 23.60 -17.26 19.59
C ASP C 191 23.70 -15.77 19.24
N VAL C 192 22.67 -15.02 19.61
CA VAL C 192 22.65 -13.57 19.41
C VAL C 192 23.28 -12.94 20.64
N PRO C 193 24.35 -12.17 20.51
CA PRO C 193 25.00 -11.58 21.69
C PRO C 193 24.20 -10.45 22.29
N ASP C 194 24.65 -10.03 23.47
CA ASP C 194 24.01 -8.96 24.22
C ASP C 194 24.28 -7.59 23.62
N GLN C 195 25.34 -7.46 22.83
CA GLN C 195 25.67 -6.19 22.19
C GLN C 195 26.65 -6.47 21.06
N GLY C 196 26.78 -5.49 20.17
CA GLY C 196 27.63 -5.60 19.00
C GLY C 196 26.80 -5.74 17.74
N LEU C 197 27.53 -5.90 16.62
CA LEU C 197 26.96 -5.90 15.27
C LEU C 197 25.75 -6.83 15.14
N LEU C 198 25.93 -8.12 15.48
CA LEU C 198 24.84 -9.07 15.25
C LEU C 198 23.62 -8.73 16.10
N CYS C 199 23.85 -8.24 17.32
CA CYS C 199 22.76 -7.75 18.15
C CYS C 199 22.01 -6.61 17.45
N ASP C 200 22.74 -5.61 16.97
CA ASP C 200 22.09 -4.41 16.42
C ASP C 200 21.31 -4.70 15.15
N LEU C 201 21.81 -5.62 14.30
CA LEU C 201 21.09 -5.97 13.08
C LEU C 201 19.72 -6.57 13.39
N LEU C 202 19.56 -7.16 14.57
CA LEU C 202 18.32 -7.80 14.96
C LEU C 202 17.48 -6.95 15.92
N TRP C 203 18.03 -5.87 16.46
CA TRP C 203 17.39 -5.20 17.58
C TRP C 203 17.19 -3.70 17.43
N SER C 204 17.89 -3.03 16.52
CA SER C 204 17.89 -1.58 16.55
C SER C 204 16.64 -1.02 15.85
N ASP C 205 16.39 0.28 16.04
CA ASP C 205 15.17 0.94 15.57
C ASP C 205 15.49 2.31 14.98
N PRO C 206 14.83 2.72 13.91
CA PRO C 206 14.91 4.12 13.50
C PRO C 206 14.13 5.00 14.48
N ASP C 207 14.51 6.28 14.54
CA ASP C 207 13.82 7.23 15.40
C ASP C 207 13.94 8.61 14.78
N LYS C 208 12.82 9.33 14.67
CA LYS C 208 12.87 10.66 14.06
C LYS C 208 13.40 11.72 15.00
N ASP C 209 13.35 11.51 16.31
CA ASP C 209 13.75 12.51 17.28
C ASP C 209 15.22 12.38 17.68
N VAL C 210 16.01 11.53 17.03
CA VAL C 210 17.39 11.29 17.42
C VAL C 210 18.32 11.80 16.32
N GLN C 211 19.37 12.48 16.74
CA GLN C 211 20.39 12.99 15.83
C GLN C 211 21.57 12.04 15.93
N GLY C 212 21.66 11.12 14.99
CA GLY C 212 22.71 10.11 15.00
C GLY C 212 22.26 8.85 15.74
N TRP C 213 23.01 8.47 16.76
CA TRP C 213 22.72 7.26 17.53
C TRP C 213 22.21 7.63 18.91
N GLY C 214 21.19 6.90 19.36
CA GLY C 214 20.66 7.10 20.70
C GLY C 214 20.39 5.78 21.37
N GLU C 215 20.20 5.84 22.69
CA GLU C 215 19.88 4.62 23.42
C GLU C 215 18.45 4.18 23.10
N ASN C 216 18.21 2.89 23.24
CA ASN C 216 16.96 2.28 22.81
C ASN C 216 16.10 1.94 24.03
N ASP C 217 14.83 2.34 23.97
CA ASP C 217 13.90 2.05 25.06
C ASP C 217 13.86 0.57 25.41
N ARG C 218 14.13 -0.32 24.44
CA ARG C 218 14.04 -1.75 24.71
C ARG C 218 15.06 -2.20 25.75
N GLY C 219 16.06 -1.38 26.03
CA GLY C 219 17.15 -1.80 26.89
C GLY C 219 18.22 -2.60 26.16
N VAL C 220 18.15 -2.65 24.84
CA VAL C 220 19.09 -3.39 24.02
C VAL C 220 19.36 -2.57 22.77
N SER C 221 20.62 -2.50 22.36
CA SER C 221 20.99 -1.91 21.06
C SER C 221 20.62 -0.42 21.06
N PHE C 222 20.26 0.14 19.90
CA PHE C 222 20.26 1.58 19.69
C PHE C 222 19.06 2.02 18.85
N THR C 223 18.82 3.33 18.88
CA THR C 223 18.04 4.01 17.85
C THR C 223 18.99 4.76 16.93
N PHE C 224 18.57 4.92 15.67
CA PHE C 224 19.34 5.68 14.69
C PHE C 224 18.41 6.63 13.94
N GLY C 225 18.94 7.81 13.59
CA GLY C 225 18.15 8.84 12.97
C GLY C 225 18.18 8.80 11.44
N ALA C 226 17.44 9.74 10.85
CA ALA C 226 17.33 9.78 9.39
C ALA C 226 18.66 10.09 8.72
N GLU C 227 19.50 10.89 9.36
CA GLU C 227 20.78 11.22 8.77
C GLU C 227 21.71 10.00 8.73
N VAL C 228 21.62 9.12 9.73
CA VAL C 228 22.35 7.85 9.67
C VAL C 228 21.93 7.06 8.44
N VAL C 229 20.62 6.95 8.22
CA VAL C 229 20.09 6.22 7.08
C VAL C 229 20.64 6.77 5.78
N ALA C 230 20.62 8.10 5.63
CA ALA C 230 21.06 8.73 4.39
C ALA C 230 22.54 8.47 4.11
N LYS C 231 23.39 8.61 5.13
CA LYS C 231 24.82 8.38 4.94
C LYS C 231 25.10 6.91 4.63
N PHE C 232 24.38 6.00 5.27
CA PHE C 232 24.56 4.58 4.98
C PHE C 232 24.22 4.28 3.52
N LEU C 233 23.04 4.73 3.06
CA LEU C 233 22.64 4.51 1.68
C LEU C 233 23.65 5.09 0.70
N HIS C 234 24.17 6.29 1.00
CA HIS C 234 25.14 6.90 0.09
C HIS C 234 26.45 6.11 0.07
N LYS C 235 26.93 5.70 1.25
CA LYS C 235 28.21 5.00 1.32
C LYS C 235 28.19 3.71 0.49
N HIS C 236 27.16 2.90 0.68
CA HIS C 236 27.09 1.58 0.05
C HIS C 236 26.30 1.58 -1.26
N ASP C 237 25.98 2.77 -1.80
CA ASP C 237 25.28 2.88 -3.07
C ASP C 237 23.97 2.08 -3.08
N LEU C 238 23.19 2.23 -2.01
CA LEU C 238 21.90 1.60 -1.87
C LEU C 238 20.78 2.62 -2.03
N ASP C 239 19.59 2.13 -2.37
CA ASP C 239 18.41 2.97 -2.52
C ASP C 239 17.41 2.88 -1.37
N LEU C 240 17.43 1.79 -0.60
CA LEU C 240 16.37 1.56 0.37
C LEU C 240 16.85 0.61 1.46
N ILE C 241 16.43 0.85 2.70
CA ILE C 241 16.55 -0.12 3.79
C ILE C 241 15.17 -0.65 4.09
N CYS C 242 15.01 -1.97 4.04
CA CYS C 242 13.77 -2.63 4.37
C CYS C 242 13.95 -3.43 5.65
N ARG C 243 13.20 -3.10 6.69
CA ARG C 243 13.34 -3.78 7.97
C ARG C 243 11.95 -4.02 8.56
N ALA C 244 11.91 -4.65 9.72
CA ALA C 244 10.62 -4.98 10.31
C ALA C 244 10.61 -4.60 11.79
N HIS C 245 10.25 -5.54 12.67
CA HIS C 245 10.60 -5.45 14.08
C HIS C 245 9.71 -4.51 14.90
N GLN C 246 9.04 -3.56 14.26
CA GLN C 246 8.18 -2.61 14.97
C GLN C 246 6.77 -2.62 14.38
N VAL C 247 5.76 -2.84 15.23
CA VAL C 247 4.39 -2.85 14.75
C VAL C 247 4.03 -1.44 14.29
N VAL C 248 3.47 -1.34 13.08
CA VAL C 248 3.09 -0.06 12.49
C VAL C 248 1.62 -0.14 12.08
N GLU C 249 0.89 0.96 12.34
CA GLU C 249 -0.57 0.95 12.24
C GLU C 249 -1.06 0.46 10.88
N ASP C 250 -0.48 0.96 9.81
CA ASP C 250 -0.98 0.63 8.48
C ASP C 250 -0.13 -0.43 7.77
N GLY C 251 0.48 -1.34 8.52
CA GLY C 251 1.20 -2.45 7.91
C GLY C 251 2.62 -2.12 7.50
N TYR C 252 2.83 -0.88 7.07
CA TYR C 252 4.17 -0.41 6.80
C TYR C 252 4.22 1.10 6.98
N GLU C 253 5.45 1.61 7.14
CA GLU C 253 5.67 3.00 7.51
C GLU C 253 6.98 3.45 6.92
N PHE C 254 6.97 4.57 6.20
CA PHE C 254 8.20 5.07 5.64
C PHE C 254 8.94 5.89 6.70
N PHE C 255 10.24 6.06 6.46
CA PHE C 255 11.13 6.78 7.35
C PHE C 255 12.16 7.47 6.48
N ALA C 256 12.62 8.66 6.93
CA ALA C 256 13.70 9.40 6.25
C ALA C 256 13.39 9.64 4.77
N LYS C 257 12.21 10.21 4.50
CA LYS C 257 11.77 10.49 3.13
C LYS C 257 11.77 9.21 2.29
N ARG C 258 11.16 8.16 2.82
CA ARG C 258 11.02 6.87 2.16
C ARG C 258 12.37 6.22 1.82
N GLN C 259 13.44 6.60 2.51
CA GLN C 259 14.71 5.87 2.37
C GLN C 259 14.76 4.60 3.22
N LEU C 260 13.85 4.45 4.16
CA LEU C 260 13.72 3.25 4.96
C LEU C 260 12.23 2.92 5.05
N VAL C 261 11.89 1.64 4.99
CA VAL C 261 10.51 1.22 5.22
C VAL C 261 10.53 0.15 6.30
N THR C 262 9.60 0.28 7.24
CA THR C 262 9.32 -0.75 8.23
C THR C 262 8.11 -1.54 7.75
N LEU C 263 8.27 -2.87 7.67
CA LEU C 263 7.21 -3.79 7.27
C LEU C 263 6.81 -4.67 8.44
N PHE C 264 5.50 -4.85 8.62
CA PHE C 264 4.98 -5.68 9.70
C PHE C 264 3.82 -6.47 9.13
N SER C 265 3.97 -7.79 9.07
CA SER C 265 3.01 -8.62 8.35
C SER C 265 2.05 -9.37 9.26
N ALA C 266 1.95 -8.97 10.53
CA ALA C 266 1.05 -9.64 11.49
C ALA C 266 -0.12 -8.72 11.82
N PRO C 267 -1.24 -8.83 11.09
CA PRO C 267 -2.37 -7.93 11.33
C PRO C 267 -3.02 -8.17 12.69
N ASN C 268 -3.49 -7.07 13.29
CA ASN C 268 -4.03 -7.05 14.66
C ASN C 268 -3.13 -7.85 15.60
N TYR C 269 -1.94 -7.29 15.77
CA TYR C 269 -0.85 -7.97 16.44
C TYR C 269 -1.17 -8.16 17.92
N CYS C 270 -1.10 -9.42 18.38
CA CYS C 270 -1.34 -9.81 19.77
C CYS C 270 -2.82 -9.71 20.15
N GLY C 271 -3.58 -8.96 19.37
CA GLY C 271 -4.93 -8.59 19.72
C GLY C 271 -5.05 -7.19 20.32
N GLU C 272 -3.96 -6.65 20.86
CA GLU C 272 -4.01 -5.33 21.48
C GLU C 272 -3.99 -4.22 20.45
N PHE C 273 -3.22 -4.38 19.38
CA PHE C 273 -3.06 -3.34 18.37
C PHE C 273 -4.05 -3.54 17.23
N ASP C 274 -4.65 -2.45 16.77
CA ASP C 274 -5.56 -2.52 15.63
C ASP C 274 -4.81 -2.10 14.37
N ASN C 275 -3.90 -2.98 13.95
CA ASN C 275 -2.98 -2.69 12.86
C ASN C 275 -3.25 -3.59 11.66
N ALA C 276 -3.06 -3.03 10.48
CA ALA C 276 -2.99 -3.86 9.29
C ALA C 276 -1.62 -4.51 9.19
N GLY C 277 -1.55 -5.58 8.43
CA GLY C 277 -0.27 -6.10 7.98
C GLY C 277 0.04 -5.57 6.61
N ALA C 278 1.26 -5.80 6.16
CA ALA C 278 1.60 -5.42 4.80
C ALA C 278 2.76 -6.28 4.32
N MET C 279 2.83 -6.41 3.00
CA MET C 279 4.02 -6.91 2.35
C MET C 279 4.39 -5.95 1.24
N MET C 280 5.66 -6.03 0.83
CA MET C 280 6.20 -5.19 -0.23
C MET C 280 6.61 -6.09 -1.38
N SER C 281 6.02 -5.85 -2.55
CA SER C 281 6.38 -6.55 -3.79
C SER C 281 7.38 -5.71 -4.55
N VAL C 282 8.48 -6.34 -4.97
CA VAL C 282 9.54 -5.69 -5.73
C VAL C 282 9.53 -6.31 -7.12
N ASP C 283 9.43 -5.47 -8.17
CA ASP C 283 9.37 -6.01 -9.52
C ASP C 283 10.76 -6.04 -10.17
N GLU C 284 10.78 -6.45 -11.45
CA GLU C 284 12.04 -6.63 -12.16
C GLU C 284 12.87 -5.34 -12.20
N THR C 285 12.23 -4.18 -12.11
CA THR C 285 12.95 -2.91 -12.19
C THR C 285 13.13 -2.26 -10.82
N LEU C 286 12.93 -3.03 -9.74
CA LEU C 286 13.08 -2.59 -8.36
C LEU C 286 12.01 -1.59 -7.95
N MET C 287 10.92 -1.51 -8.72
CA MET C 287 9.78 -0.71 -8.28
C MET C 287 9.01 -1.49 -7.22
N CYS C 288 8.75 -0.83 -6.11
CA CYS C 288 8.05 -1.44 -5.01
C CYS C 288 6.55 -1.14 -5.06
N SER C 289 5.77 -2.06 -4.52
CA SER C 289 4.35 -1.85 -4.30
C SER C 289 3.98 -2.51 -2.98
N PHE C 290 3.03 -1.90 -2.27
CA PHE C 290 2.70 -2.29 -0.90
C PHE C 290 1.28 -2.82 -0.85
N GLN C 291 1.13 -4.10 -0.51
CA GLN C 291 -0.17 -4.74 -0.36
CA GLN C 291 -0.17 -4.73 -0.36
C GLN C 291 -0.58 -4.71 1.11
N ILE C 292 -1.74 -4.15 1.39
CA ILE C 292 -2.22 -4.03 2.77
C ILE C 292 -3.05 -5.26 3.08
N LEU C 293 -2.76 -5.88 4.22
CA LEU C 293 -3.39 -7.13 4.64
C LEU C 293 -4.34 -6.78 5.78
N LYS C 294 -5.65 -6.91 5.51
CA LYS C 294 -6.67 -6.52 6.47
C LYS C 294 -6.66 -7.45 7.68
N PRO C 295 -6.91 -6.93 8.89
CA PRO C 295 -7.17 -7.79 10.05
C PRO C 295 -8.42 -8.66 9.88
N ASN D 12 -29.58 15.84 17.26
CA ASN D 12 -30.81 16.04 18.04
C ASN D 12 -31.79 16.98 17.34
N LEU D 13 -31.66 17.09 16.03
CA LEU D 13 -32.52 18.01 15.30
C LEU D 13 -33.89 17.40 15.04
N PRO D 14 -34.94 18.18 15.08
CA PRO D 14 -36.23 17.68 14.58
C PRO D 14 -36.21 17.55 13.06
N THR D 15 -36.93 16.56 12.58
CA THR D 15 -37.13 16.30 11.16
C THR D 15 -38.55 16.70 10.77
N TYR D 16 -38.68 17.42 9.67
CA TYR D 16 -40.00 17.78 9.13
C TYR D 16 -40.19 17.04 7.82
N LYS D 17 -41.20 16.18 7.76
CA LYS D 17 -41.53 15.46 6.54
C LYS D 17 -42.48 16.33 5.74
N LEU D 18 -41.97 16.97 4.68
CA LEU D 18 -42.76 17.84 3.84
C LEU D 18 -43.11 17.09 2.56
N VAL D 19 -44.36 17.22 2.11
CA VAL D 19 -44.81 16.49 0.94
C VAL D 19 -45.35 17.49 -0.09
N VAL D 20 -44.94 17.35 -1.34
CA VAL D 20 -45.33 18.28 -2.40
C VAL D 20 -46.33 17.54 -3.28
N VAL D 21 -47.58 18.08 -3.43
CA VAL D 21 -48.61 17.44 -4.24
C VAL D 21 -49.23 18.48 -5.18
N GLY D 22 -49.91 17.99 -6.20
CA GLY D 22 -50.50 18.82 -7.25
C GLY D 22 -50.51 18.08 -8.59
N ASP D 23 -51.25 18.66 -9.56
CA ASP D 23 -51.42 18.03 -10.87
C ASP D 23 -50.09 17.84 -11.59
N GLY D 24 -50.09 16.94 -12.58
CA GLY D 24 -48.91 16.75 -13.40
C GLY D 24 -48.49 18.04 -14.10
N GLY D 25 -47.18 18.28 -14.13
CA GLY D 25 -46.60 19.35 -14.92
C GLY D 25 -46.64 20.72 -14.29
N VAL D 26 -47.06 20.84 -13.03
CA VAL D 26 -47.19 22.17 -12.41
C VAL D 26 -45.88 22.72 -11.88
N GLY D 27 -44.86 21.90 -11.75
CA GLY D 27 -43.56 22.34 -11.26
C GLY D 27 -43.12 21.79 -9.90
N LYS D 28 -43.77 20.74 -9.40
CA LYS D 28 -43.39 20.20 -8.09
C LYS D 28 -41.92 19.78 -8.05
N SER D 29 -41.49 19.02 -9.06
CA SER D 29 -40.12 18.54 -9.07
C SER D 29 -39.14 19.66 -9.37
N ALA D 30 -39.49 20.57 -10.27
CA ALA D 30 -38.59 21.69 -10.55
C ALA D 30 -38.44 22.60 -9.33
N LEU D 31 -39.52 22.82 -8.57
CA LEU D 31 -39.37 23.59 -7.34
C LEU D 31 -38.47 22.85 -6.36
N THR D 32 -38.67 21.54 -6.22
CA THR D 32 -37.89 20.76 -5.28
C THR D 32 -36.42 20.72 -5.69
N ILE D 33 -36.14 20.52 -6.98
CA ILE D 33 -34.76 20.45 -7.42
C ILE D 33 -34.08 21.81 -7.30
N GLN D 34 -34.80 22.89 -7.58
CA GLN D 34 -34.26 24.22 -7.32
C GLN D 34 -33.93 24.39 -5.83
N PHE D 35 -34.85 23.96 -4.96
CA PHE D 35 -34.63 24.10 -3.53
C PHE D 35 -33.39 23.34 -3.05
N PHE D 36 -33.18 22.11 -3.54
CA PHE D 36 -32.09 21.28 -3.03
C PHE D 36 -30.80 21.42 -3.82
N GLN D 37 -30.89 21.48 -5.15
CA GLN D 37 -29.70 21.47 -5.99
C GLN D 37 -29.37 22.83 -6.60
N LYS D 38 -30.28 23.81 -6.50
CA LYS D 38 -30.08 25.19 -6.95
C LYS D 38 -29.93 25.30 -8.46
N ILE D 39 -30.56 24.40 -9.23
CA ILE D 39 -30.69 24.58 -10.67
C ILE D 39 -32.14 24.43 -11.08
N PHE D 40 -32.45 25.01 -12.24
CA PHE D 40 -33.74 24.83 -12.90
C PHE D 40 -33.63 23.77 -13.98
N VAL D 41 -34.46 22.73 -13.90
CA VAL D 41 -34.44 21.63 -14.86
C VAL D 41 -35.53 21.91 -15.90
N PRO D 42 -35.19 22.18 -17.17
CA PRO D 42 -36.22 22.56 -18.16
C PRO D 42 -36.97 21.38 -18.78
N ASP D 43 -36.40 20.19 -18.83
CA ASP D 43 -37.08 19.06 -19.47
C ASP D 43 -38.01 18.37 -18.48
N TYR D 44 -39.15 17.90 -18.97
CA TYR D 44 -40.18 17.31 -18.11
C TYR D 44 -40.04 15.79 -18.07
N ASP D 45 -39.83 15.25 -16.88
CA ASP D 45 -39.85 13.80 -16.66
C ASP D 45 -40.79 13.49 -15.50
N PRO D 46 -41.93 12.85 -15.76
CA PRO D 46 -42.95 12.67 -14.70
C PRO D 46 -42.43 11.85 -13.53
N THR D 47 -42.83 12.29 -12.35
CA THR D 47 -42.42 11.65 -11.10
C THR D 47 -43.29 10.44 -10.79
N ILE D 48 -42.64 9.38 -10.31
CA ILE D 48 -43.33 8.32 -9.59
C ILE D 48 -43.30 8.71 -8.11
N GLU D 49 -42.12 8.69 -7.51
CA GLU D 49 -41.89 9.18 -6.17
C GLU D 49 -40.39 9.43 -6.03
N ASP D 50 -40.02 10.52 -5.39
CA ASP D 50 -38.61 10.81 -5.11
C ASP D 50 -38.52 11.55 -3.79
N SER D 51 -37.39 11.43 -3.09
CA SER D 51 -37.28 12.14 -1.82
C SER D 51 -35.90 12.80 -1.69
N TYR D 52 -35.87 13.86 -0.88
CA TYR D 52 -34.71 14.75 -0.75
C TYR D 52 -34.56 15.09 0.72
N LEU D 53 -33.32 15.36 1.15
CA LEU D 53 -33.08 15.65 2.56
C LEU D 53 -31.99 16.71 2.66
N LYS D 54 -32.19 17.68 3.56
CA LYS D 54 -31.16 18.67 3.86
C LYS D 54 -31.23 19.04 5.34
N HIS D 55 -30.10 19.49 5.87
CA HIS D 55 -30.06 20.22 7.14
C HIS D 55 -30.07 21.71 6.83
N THR D 56 -30.92 22.48 7.50
CA THR D 56 -30.97 23.89 7.21
C THR D 56 -31.49 24.65 8.43
N GLU D 57 -31.12 25.92 8.54
CA GLU D 57 -31.48 26.74 9.69
C GLU D 57 -32.65 27.65 9.31
N ILE D 58 -33.73 27.56 10.07
CA ILE D 58 -34.92 28.35 9.81
C ILE D 58 -35.27 29.12 11.08
N ASP D 59 -35.36 30.44 10.97
CA ASP D 59 -35.57 31.32 12.13
C ASP D 59 -34.65 30.94 13.27
N ASN D 60 -33.38 30.72 12.93
CA ASN D 60 -32.33 30.43 13.91
C ASN D 60 -32.58 29.13 14.67
N GLN D 61 -33.33 28.20 14.09
CA GLN D 61 -33.47 26.86 14.64
C GLN D 61 -33.12 25.86 13.54
N TRP D 62 -32.13 25.01 13.81
CA TRP D 62 -31.69 24.02 12.84
C TRP D 62 -32.71 22.91 12.70
N ALA D 63 -32.88 22.44 11.47
CA ALA D 63 -33.89 21.42 11.18
C ALA D 63 -33.36 20.50 10.09
N ILE D 64 -33.91 19.28 10.07
CA ILE D 64 -33.76 18.37 8.95
C ILE D 64 -35.05 18.42 8.15
N LEU D 65 -34.97 18.77 6.86
CA LEU D 65 -36.11 18.75 5.96
C LEU D 65 -36.05 17.49 5.12
N ASP D 66 -37.06 16.63 5.26
CA ASP D 66 -37.25 15.46 4.43
C ASP D 66 -38.40 15.78 3.47
N VAL D 67 -38.10 15.95 2.19
CA VAL D 67 -39.10 16.40 1.22
C VAL D 67 -39.45 15.24 0.31
N LEU D 68 -40.75 14.95 0.22
CA LEU D 68 -41.28 13.88 -0.62
C LEU D 68 -41.98 14.52 -1.83
N ASP D 69 -41.47 14.22 -3.01
CA ASP D 69 -42.01 14.69 -4.29
C ASP D 69 -42.91 13.59 -4.83
N THR D 70 -44.17 13.91 -5.12
CA THR D 70 -45.15 12.89 -5.50
C THR D 70 -45.56 13.01 -6.98
N ALA D 71 -46.25 11.98 -7.46
CA ALA D 71 -46.74 11.95 -8.84
C ALA D 71 -48.01 12.81 -8.98
N GLY D 72 -48.02 13.68 -9.98
CA GLY D 72 -49.23 14.43 -10.32
C GLY D 72 -50.02 13.82 -11.47
N ARG D 73 -49.36 13.08 -12.37
CA ARG D 73 -50.11 12.38 -13.41
C ARG D 73 -50.82 11.18 -12.83
N GLU D 74 -52.11 11.02 -13.16
CA GLU D 74 -52.89 9.96 -12.54
C GLU D 74 -52.30 8.59 -12.85
N GLU D 75 -51.84 8.37 -14.10
CA GLU D 75 -51.34 7.04 -14.41
C GLU D 75 -49.98 6.73 -13.77
N PHE D 76 -49.35 7.73 -13.13
CA PHE D 76 -48.09 7.55 -12.41
C PHE D 76 -48.28 7.48 -10.89
N SER D 77 -49.52 7.47 -10.41
CA SER D 77 -49.80 7.78 -9.01
C SER D 77 -50.04 6.55 -8.13
N ALA D 78 -49.68 5.35 -8.56
CA ALA D 78 -49.77 4.21 -7.66
C ALA D 78 -49.02 4.50 -6.36
N MET D 79 -49.63 4.14 -5.22
CA MET D 79 -49.08 4.30 -3.87
C MET D 79 -48.98 5.76 -3.39
N ARG D 80 -49.50 6.72 -4.16
CA ARG D 80 -49.38 8.13 -3.76
C ARG D 80 -49.99 8.36 -2.38
N GLU D 81 -51.13 7.72 -2.08
CA GLU D 81 -51.77 7.92 -0.78
C GLU D 81 -50.86 7.48 0.36
N GLN D 82 -50.11 6.38 0.19
CA GLN D 82 -49.21 5.96 1.26
C GLN D 82 -48.09 6.97 1.47
N TYR D 83 -47.51 7.50 0.40
CA TYR D 83 -46.46 8.50 0.58
C TYR D 83 -47.01 9.75 1.26
N MET D 84 -48.24 10.16 0.89
CA MET D 84 -48.85 11.31 1.54
C MET D 84 -49.13 11.03 3.02
N ARG D 85 -49.48 9.79 3.33
CA ARG D 85 -49.83 9.45 4.71
C ARG D 85 -48.70 9.77 5.67
N THR D 86 -47.46 9.78 5.19
CA THR D 86 -46.28 9.96 6.04
C THR D 86 -45.92 11.43 6.27
N GLY D 87 -46.62 12.39 5.68
CA GLY D 87 -46.17 13.79 5.76
C GLY D 87 -46.62 14.51 7.02
N ASP D 88 -45.79 15.47 7.45
CA ASP D 88 -46.10 16.43 8.52
C ASP D 88 -46.71 17.71 7.97
N GLY D 89 -46.57 17.95 6.67
CA GLY D 89 -47.05 19.17 6.06
C GLY D 89 -46.96 19.04 4.56
N PHE D 90 -47.78 19.84 3.87
CA PHE D 90 -47.95 19.75 2.43
C PHE D 90 -47.80 21.09 1.73
N LEU D 91 -47.15 21.09 0.57
CA LEU D 91 -47.30 22.16 -0.41
C LEU D 91 -48.28 21.66 -1.46
N ILE D 92 -49.36 22.41 -1.67
CA ILE D 92 -50.32 22.14 -2.74
C ILE D 92 -49.95 23.10 -3.86
N VAL D 93 -49.43 22.55 -4.96
CA VAL D 93 -48.87 23.34 -6.05
C VAL D 93 -49.85 23.32 -7.21
N TYR D 94 -50.09 24.47 -7.80
CA TYR D 94 -50.70 24.51 -9.11
C TYR D 94 -49.88 25.45 -9.97
N SER D 95 -50.15 25.41 -11.27
CA SER D 95 -49.52 26.30 -12.23
C SER D 95 -50.49 27.41 -12.62
N VAL D 96 -50.07 28.66 -12.49
CA VAL D 96 -50.93 29.77 -12.90
C VAL D 96 -51.20 29.79 -14.40
N THR D 97 -50.52 28.96 -15.19
CA THR D 97 -50.80 28.83 -16.62
C THR D 97 -51.76 27.68 -16.92
N ASP D 98 -52.19 26.92 -15.91
CA ASP D 98 -52.94 25.69 -16.13
C ASP D 98 -54.21 25.75 -15.29
N LYS D 99 -55.33 26.08 -15.95
CA LYS D 99 -56.57 26.30 -15.23
C LYS D 99 -57.04 25.04 -14.50
N ALA D 100 -56.92 23.87 -15.14
CA ALA D 100 -57.38 22.63 -14.50
C ALA D 100 -56.58 22.31 -13.23
N SER D 101 -55.27 22.59 -13.24
CA SER D 101 -54.47 22.35 -12.03
C SER D 101 -54.98 23.20 -10.85
N PHE D 102 -55.40 24.43 -11.13
CA PHE D 102 -55.98 25.30 -10.09
C PHE D 102 -57.31 24.75 -9.62
N GLU D 103 -58.17 24.33 -10.55
CA GLU D 103 -59.45 23.76 -10.13
C GLU D 103 -59.23 22.52 -9.27
N HIS D 104 -58.16 21.79 -9.50
CA HIS D 104 -57.90 20.55 -8.77
C HIS D 104 -57.28 20.77 -7.39
N VAL D 105 -57.02 22.02 -6.98
CA VAL D 105 -56.60 22.30 -5.61
C VAL D 105 -57.62 21.73 -4.61
N ASP D 106 -58.93 21.87 -4.90
CA ASP D 106 -59.93 21.36 -3.97
C ASP D 106 -59.79 19.86 -3.78
N ARG D 107 -59.50 19.13 -4.87
CA ARG D 107 -59.28 17.69 -4.82
C ARG D 107 -58.08 17.33 -3.94
N PHE D 108 -56.95 18.01 -4.14
CA PHE D 108 -55.77 17.69 -3.35
C PHE D 108 -55.97 18.06 -1.90
N HIS D 109 -56.62 19.20 -1.62
CA HIS D 109 -56.94 19.58 -0.25
C HIS D 109 -57.75 18.48 0.45
N GLN D 110 -58.81 18.02 -0.22
CA GLN D 110 -59.65 16.97 0.36
C GLN D 110 -58.86 15.67 0.53
N LEU D 111 -57.97 15.35 -0.42
CA LEU D 111 -57.21 14.11 -0.33
C LEU D 111 -56.28 14.13 0.87
N ILE D 112 -55.61 15.26 1.11
CA ILE D 112 -54.69 15.38 2.25
C ILE D 112 -55.43 15.13 3.55
N LEU D 113 -56.56 15.81 3.73
CA LEU D 113 -57.31 15.74 4.98
C LEU D 113 -57.86 14.34 5.22
N ARG D 114 -58.29 13.63 4.18
CA ARG D 114 -58.81 12.30 4.45
C ARG D 114 -57.68 11.28 4.61
N VAL D 115 -56.56 11.46 3.90
CA VAL D 115 -55.44 10.55 4.10
C VAL D 115 -54.86 10.72 5.49
N LYS D 116 -54.78 11.96 5.98
CA LYS D 116 -54.34 12.20 7.34
C LYS D 116 -55.45 12.02 8.36
N ASP D 117 -56.69 11.87 7.92
CA ASP D 117 -57.85 11.67 8.79
C ASP D 117 -58.00 12.85 9.76
N ARG D 118 -58.05 14.06 9.22
CA ARG D 118 -58.00 15.30 9.99
C ARG D 118 -58.93 16.33 9.34
N GLU D 119 -59.34 17.33 10.14
CA GLU D 119 -60.20 18.41 9.65
C GLU D 119 -59.39 19.56 9.09
N SER D 120 -58.16 19.72 9.56
CA SER D 120 -57.22 20.67 9.00
C SER D 120 -55.83 20.07 9.21
N PHE D 121 -54.85 20.61 8.48
CA PHE D 121 -53.50 20.07 8.50
C PHE D 121 -52.54 21.08 7.86
N PRO D 122 -51.28 21.16 8.31
CA PRO D 122 -50.37 22.18 7.77
C PRO D 122 -50.20 22.08 6.27
N MET D 123 -50.47 23.20 5.60
CA MET D 123 -50.56 23.28 4.15
C MET D 123 -50.24 24.69 3.72
N ILE D 124 -49.57 24.82 2.58
CA ILE D 124 -49.43 26.11 1.91
C ILE D 124 -49.84 25.95 0.46
N LEU D 125 -50.60 26.91 -0.06
CA LEU D 125 -51.04 26.90 -1.44
C LEU D 125 -49.97 27.63 -2.25
N VAL D 126 -49.42 26.96 -3.26
CA VAL D 126 -48.28 27.46 -4.01
C VAL D 126 -48.75 27.69 -5.44
N ALA D 127 -48.68 28.94 -5.90
CA ALA D 127 -49.01 29.30 -7.28
C ALA D 127 -47.69 29.43 -8.03
N ASN D 128 -47.39 28.43 -8.86
CA ASN D 128 -46.10 28.32 -9.50
C ASN D 128 -46.14 28.78 -10.97
N LYS D 129 -44.94 29.03 -11.51
CA LYS D 129 -44.69 29.48 -12.89
C LYS D 129 -45.13 30.93 -13.12
N VAL D 130 -45.02 31.79 -12.10
CA VAL D 130 -45.45 33.17 -12.33
C VAL D 130 -44.50 33.95 -13.21
N ASP D 131 -43.35 33.36 -13.59
CA ASP D 131 -42.51 34.00 -14.58
C ASP D 131 -43.14 34.00 -15.97
N LEU D 132 -44.16 33.17 -16.20
CA LEU D 132 -44.76 33.03 -17.53
C LEU D 132 -45.88 34.06 -17.71
N MET D 133 -45.46 35.32 -17.76
CA MET D 133 -46.44 36.41 -17.69
C MET D 133 -47.39 36.39 -18.87
N HIS D 134 -46.91 36.03 -20.07
CA HIS D 134 -47.80 35.99 -21.23
C HIS D 134 -48.73 34.78 -21.23
N LEU D 135 -48.48 33.76 -20.40
CA LEU D 135 -49.33 32.57 -20.42
C LEU D 135 -50.22 32.45 -19.19
N ARG D 136 -50.14 33.40 -18.26
CA ARG D 136 -50.82 33.25 -16.99
C ARG D 136 -52.34 33.35 -17.16
N LYS D 137 -53.06 32.39 -16.56
CA LYS D 137 -54.51 32.33 -16.64
C LYS D 137 -55.21 32.47 -15.30
N ILE D 138 -54.53 32.24 -14.19
CA ILE D 138 -55.13 32.33 -12.85
C ILE D 138 -54.53 33.56 -12.20
N THR D 139 -55.37 34.52 -11.81
CA THR D 139 -54.83 35.76 -11.28
C THR D 139 -54.42 35.61 -9.83
N ARG D 140 -53.66 36.60 -9.34
CA ARG D 140 -53.30 36.61 -7.93
C ARG D 140 -54.52 36.65 -7.03
N GLU D 141 -55.55 37.41 -7.41
CA GLU D 141 -56.74 37.46 -6.56
C GLU D 141 -57.46 36.11 -6.51
N GLN D 142 -57.53 35.40 -7.65
CA GLN D 142 -58.13 34.06 -7.64
C GLN D 142 -57.39 33.12 -6.69
N GLY D 143 -56.06 33.12 -6.74
CA GLY D 143 -55.30 32.26 -5.84
C GLY D 143 -55.50 32.62 -4.38
N LYS D 144 -55.53 33.92 -4.07
CA LYS D 144 -55.74 34.34 -2.68
C LYS D 144 -57.12 33.95 -2.20
N GLU D 145 -58.12 34.03 -3.08
CA GLU D 145 -59.48 33.63 -2.70
C GLU D 145 -59.53 32.14 -2.38
N MET D 146 -58.89 31.33 -3.24
CA MET D 146 -58.82 29.88 -3.01
C MET D 146 -58.14 29.59 -1.68
N ALA D 147 -57.02 30.27 -1.39
CA ALA D 147 -56.33 30.06 -0.13
C ALA D 147 -57.19 30.50 1.05
N THR D 148 -57.84 31.66 0.92
CA THR D 148 -58.76 32.10 1.96
C THR D 148 -59.89 31.11 2.15
N LYS D 149 -60.43 30.58 1.05
CA LYS D 149 -61.50 29.59 1.15
C LYS D 149 -61.09 28.42 2.05
N HIS D 150 -59.87 27.92 1.88
CA HIS D 150 -59.36 26.81 2.66
C HIS D 150 -58.68 27.24 3.95
N ASN D 151 -58.52 28.53 4.16
CA ASN D 151 -57.89 29.09 5.36
C ASN D 151 -56.45 28.62 5.50
N ILE D 152 -55.69 28.76 4.42
CA ILE D 152 -54.28 28.39 4.39
C ILE D 152 -53.51 29.51 3.70
N PRO D 153 -52.20 29.60 3.96
CA PRO D 153 -51.41 30.68 3.33
C PRO D 153 -51.27 30.47 1.83
N TYR D 154 -50.98 31.58 1.13
CA TYR D 154 -50.79 31.63 -0.31
C TYR D 154 -49.41 32.21 -0.62
N ILE D 155 -48.73 31.65 -1.63
CA ILE D 155 -47.41 32.15 -2.04
C ILE D 155 -47.22 31.87 -3.53
N GLU D 156 -46.66 32.85 -4.24
CA GLU D 156 -46.36 32.68 -5.66
C GLU D 156 -44.89 32.34 -5.83
N THR D 157 -44.60 31.41 -6.72
CA THR D 157 -43.23 30.93 -6.89
C THR D 157 -42.88 30.86 -8.37
N SER D 158 -41.58 30.80 -8.62
CA SER D 158 -41.06 30.41 -9.93
C SER D 158 -39.81 29.58 -9.70
N ALA D 159 -39.75 28.40 -10.33
CA ALA D 159 -38.57 27.57 -10.22
C ALA D 159 -37.47 28.00 -11.19
N LYS D 160 -37.82 28.73 -12.24
CA LYS D 160 -36.86 29.19 -13.24
C LYS D 160 -35.93 30.27 -12.65
N ASP D 161 -34.67 30.28 -13.13
CA ASP D 161 -33.69 31.26 -12.65
C ASP D 161 -34.08 32.65 -13.14
N PRO D 162 -34.01 33.69 -12.29
CA PRO D 162 -33.71 33.61 -10.85
C PRO D 162 -34.94 33.19 -10.07
N PRO D 163 -34.81 32.16 -9.24
CA PRO D 163 -35.99 31.55 -8.62
C PRO D 163 -36.67 32.49 -7.65
N LEU D 164 -38.01 32.39 -7.59
CA LEU D 164 -38.81 33.27 -6.75
C LEU D 164 -39.50 32.48 -5.65
N ASN D 165 -39.22 32.84 -4.40
CA ASN D 165 -39.90 32.35 -3.19
C ASN D 165 -39.74 30.84 -3.00
N VAL D 166 -38.73 30.21 -3.59
CA VAL D 166 -38.64 28.75 -3.51
C VAL D 166 -38.24 28.34 -2.10
N ASP D 167 -37.14 28.89 -1.57
CA ASP D 167 -36.79 28.64 -0.18
C ASP D 167 -37.92 29.06 0.74
N LYS D 168 -38.55 30.22 0.46
CA LYS D 168 -39.55 30.73 1.38
C LYS D 168 -40.75 29.78 1.49
N ALA D 169 -41.17 29.18 0.38
CA ALA D 169 -42.32 28.27 0.43
C ALA D 169 -42.05 27.09 1.36
N PHE D 170 -40.90 26.42 1.21
CA PHE D 170 -40.59 25.28 2.07
C PHE D 170 -40.38 25.73 3.51
N HIS D 171 -39.67 26.85 3.71
CA HIS D 171 -39.45 27.33 5.07
C HIS D 171 -40.76 27.77 5.73
N ASP D 172 -41.64 28.43 4.96
CA ASP D 172 -42.92 28.82 5.53
C ASP D 172 -43.73 27.61 5.96
N LEU D 173 -43.63 26.49 5.22
CA LEU D 173 -44.36 25.30 5.64
C LEU D 173 -43.81 24.77 6.96
N VAL D 174 -42.50 24.79 7.12
CA VAL D 174 -41.92 24.44 8.41
C VAL D 174 -42.46 25.36 9.49
N ARG D 175 -42.57 26.65 9.19
CA ARG D 175 -43.09 27.59 10.17
C ARG D 175 -44.52 27.24 10.57
N VAL D 176 -45.36 26.88 9.60
CA VAL D 176 -46.73 26.46 9.91
C VAL D 176 -46.71 25.26 10.84
N ILE D 177 -45.88 24.27 10.52
CA ILE D 177 -45.80 23.07 11.34
C ILE D 177 -45.39 23.43 12.77
N ARG D 178 -44.36 24.28 12.91
CA ARG D 178 -43.87 24.66 14.24
C ARG D 178 -44.91 25.43 15.05
N GLN D 179 -45.73 26.25 14.39
CA GLN D 179 -46.64 27.18 15.05
C GLN D 179 -48.01 26.60 15.38
N GLN D 180 -48.27 25.35 15.04
CA GLN D 180 -49.62 24.78 15.18
C GLN D 180 -50.27 25.04 16.54
N ASN E 10 -35.03 -4.34 16.77
CA ASN E 10 -35.70 -5.44 16.07
C ASN E 10 -36.91 -5.93 16.87
N ALA E 11 -36.83 -5.85 18.20
CA ALA E 11 -38.00 -6.18 19.00
C ALA E 11 -39.13 -5.18 18.77
N GLU E 12 -38.79 -3.94 18.44
CA GLU E 12 -39.80 -2.93 18.11
C GLU E 12 -40.55 -3.28 16.83
N VAL E 13 -39.89 -3.97 15.90
CA VAL E 13 -40.56 -4.42 14.68
C VAL E 13 -41.52 -5.56 14.99
N ILE E 14 -41.06 -6.54 15.79
CA ILE E 14 -41.93 -7.65 16.18
C ILE E 14 -43.12 -7.13 16.98
N LYS E 15 -42.93 -6.03 17.71
CA LYS E 15 -44.04 -5.34 18.36
C LYS E 15 -45.06 -4.83 17.34
N GLU E 16 -44.59 -4.00 16.39
CA GLU E 16 -45.49 -3.45 15.38
C GLU E 16 -46.21 -4.57 14.62
N LEU E 17 -45.53 -5.68 14.36
CA LEU E 17 -46.16 -6.80 13.69
C LEU E 17 -47.34 -7.34 14.49
N ASN E 18 -47.13 -7.57 15.79
CA ASN E 18 -48.19 -8.12 16.63
CA ASN E 18 -48.20 -8.14 16.60
C ASN E 18 -49.37 -7.16 16.74
N LYS E 19 -49.08 -5.87 16.95
CA LYS E 19 -50.15 -4.88 17.01
C LYS E 19 -50.98 -4.88 15.73
N CYS E 20 -50.32 -4.83 14.58
CA CYS E 20 -51.02 -4.91 13.29
C CYS E 20 -51.92 -6.14 13.23
N ARG E 21 -51.41 -7.29 13.64
CA ARG E 21 -52.24 -8.49 13.62
C ARG E 21 -53.42 -8.36 14.58
N GLU E 22 -53.19 -7.76 15.75
CA GLU E 22 -54.25 -7.64 16.75
C GLU E 22 -55.36 -6.71 16.29
N GLU E 23 -55.02 -5.65 15.55
CA GLU E 23 -56.04 -4.75 15.04
C GLU E 23 -56.67 -5.24 13.74
N ASN E 24 -56.18 -6.35 13.18
CA ASN E 24 -56.62 -6.81 11.85
C ASN E 24 -56.47 -5.72 10.79
N SER E 25 -55.37 -4.98 10.88
CA SER E 25 -55.11 -3.88 9.95
CA SER E 25 -55.11 -3.89 9.94
C SER E 25 -54.80 -4.42 8.55
N MET E 26 -55.39 -3.79 7.53
CA MET E 26 -55.10 -4.23 6.17
C MET E 26 -53.78 -3.69 5.63
N ARG E 27 -53.20 -2.67 6.29
CA ARG E 27 -51.98 -2.03 5.83
C ARG E 27 -50.90 -2.11 6.90
N LEU E 28 -49.66 -2.32 6.47
CA LEU E 28 -48.53 -2.36 7.39
C LEU E 28 -47.38 -1.56 6.79
N ASP E 29 -47.00 -0.49 7.47
CA ASP E 29 -45.93 0.42 7.06
C ASP E 29 -44.72 0.14 7.96
N LEU E 30 -43.73 -0.57 7.41
CA LEU E 30 -42.44 -0.80 8.05
C LEU E 30 -41.32 -0.10 7.29
N SER E 31 -41.65 0.97 6.59
CA SER E 31 -40.66 1.70 5.83
C SER E 31 -39.69 2.43 6.75
N LYS E 32 -38.47 2.66 6.26
CA LYS E 32 -37.49 3.50 6.94
C LYS E 32 -37.20 3.03 8.36
N ARG E 33 -37.10 1.73 8.54
CA ARG E 33 -36.87 1.19 9.87
C ARG E 33 -35.54 0.45 9.99
N SER E 34 -34.65 0.62 9.01
CA SER E 34 -33.32 -0.03 9.00
C SER E 34 -33.42 -1.54 9.12
N ILE E 35 -34.45 -2.14 8.52
CA ILE E 35 -34.63 -3.58 8.68
C ILE E 35 -33.63 -4.30 7.76
N HIS E 36 -32.79 -5.17 8.36
CA HIS E 36 -31.95 -6.05 7.54
C HIS E 36 -32.66 -7.35 7.19
N ILE E 37 -33.32 -7.95 8.17
CA ILE E 37 -33.93 -9.27 8.03
C ILE E 37 -35.36 -9.16 8.51
N LEU E 38 -36.31 -9.50 7.64
CA LEU E 38 -37.71 -9.39 8.02
C LEU E 38 -38.10 -10.58 8.90
N PRO E 39 -38.66 -10.34 10.09
CA PRO E 39 -39.00 -11.45 11.00
C PRO E 39 -39.96 -12.44 10.35
N SER E 40 -39.70 -13.73 10.58
CA SER E 40 -40.57 -14.76 10.00
C SER E 40 -41.98 -14.71 10.58
N SER E 41 -42.19 -14.07 11.72
CA SER E 41 -43.54 -13.92 12.25
C SER E 41 -44.40 -13.02 11.37
N ILE E 42 -43.84 -12.43 10.31
CA ILE E 42 -44.67 -11.77 9.31
C ILE E 42 -45.73 -12.72 8.79
N LYS E 43 -45.47 -14.03 8.86
CA LYS E 43 -46.38 -15.00 8.26
C LYS E 43 -47.76 -15.02 8.91
N GLU E 44 -47.89 -14.54 10.15
CA GLU E 44 -49.19 -14.52 10.79
C GLU E 44 -50.10 -13.42 10.26
N LEU E 45 -49.57 -12.45 9.52
CA LEU E 45 -50.36 -11.28 9.12
C LEU E 45 -51.11 -11.49 7.81
N THR E 46 -51.86 -12.59 7.73
CA THR E 46 -52.50 -12.98 6.48
C THR E 46 -53.62 -12.03 6.05
N GLN E 47 -54.03 -11.09 6.89
CA GLN E 47 -55.06 -10.14 6.49
C GLN E 47 -54.51 -8.95 5.68
N LEU E 48 -53.20 -8.84 5.50
CA LEU E 48 -52.65 -7.67 4.86
C LEU E 48 -53.04 -7.60 3.39
N THR E 49 -53.47 -6.42 2.95
CA THR E 49 -53.54 -6.13 1.53
C THR E 49 -52.44 -5.19 1.05
N GLU E 50 -51.73 -4.50 1.95
CA GLU E 50 -50.69 -3.55 1.57
C GLU E 50 -49.53 -3.67 2.56
N LEU E 51 -48.33 -3.86 2.01
CA LEU E 51 -47.11 -4.03 2.82
C LEU E 51 -46.06 -3.06 2.30
N TYR E 52 -45.68 -2.09 3.13
CA TYR E 52 -44.69 -1.08 2.76
C TYR E 52 -43.39 -1.38 3.50
N LEU E 53 -42.37 -1.76 2.72
CA LEU E 53 -41.04 -2.08 3.25
C LEU E 53 -39.94 -1.25 2.59
N TYR E 54 -40.31 -0.14 1.97
CA TYR E 54 -39.34 0.64 1.21
C TYR E 54 -38.38 1.37 2.16
N SER E 55 -37.18 1.65 1.65
CA SER E 55 -36.10 2.33 2.37
C SER E 55 -35.68 1.54 3.61
N ASN E 56 -35.32 0.28 3.38
CA ASN E 56 -34.71 -0.50 4.44
C ASN E 56 -33.39 -1.07 3.93
N LYS E 57 -32.94 -2.20 4.49
CA LYS E 57 -31.65 -2.80 4.14
C LYS E 57 -31.81 -4.26 3.76
N LEU E 58 -32.96 -4.62 3.19
CA LEU E 58 -33.26 -6.02 2.94
C LEU E 58 -32.41 -6.54 1.78
N GLN E 59 -31.74 -7.68 1.99
CA GLN E 59 -31.07 -8.37 0.89
C GLN E 59 -31.92 -9.49 0.33
N SER E 60 -32.85 -10.02 1.11
CA SER E 60 -33.83 -10.95 0.61
C SER E 60 -35.12 -10.76 1.39
N LEU E 61 -36.15 -11.44 0.92
CA LEU E 61 -37.43 -11.54 1.59
C LEU E 61 -37.63 -12.96 2.07
N PRO E 62 -38.05 -13.18 3.32
CA PRO E 62 -38.25 -14.56 3.77
C PRO E 62 -39.37 -15.24 3.00
N ALA E 63 -39.27 -16.55 2.89
CA ALA E 63 -40.31 -17.30 2.20
C ALA E 63 -41.68 -17.10 2.85
N GLU E 64 -41.70 -16.77 4.14
CA GLU E 64 -42.93 -16.52 4.88
C GLU E 64 -43.79 -15.42 4.26
N VAL E 65 -43.21 -14.48 3.50
CA VAL E 65 -44.02 -13.49 2.80
C VAL E 65 -45.02 -14.17 1.87
N GLY E 66 -44.74 -15.40 1.43
CA GLY E 66 -45.66 -16.17 0.62
C GLY E 66 -46.94 -16.56 1.32
N CYS E 67 -47.04 -16.36 2.64
CA CYS E 67 -48.28 -16.56 3.36
C CYS E 67 -49.26 -15.40 3.23
N LEU E 68 -48.79 -14.24 2.76
CA LEU E 68 -49.61 -13.04 2.67
C LEU E 68 -50.40 -13.05 1.36
N VAL E 69 -51.29 -14.04 1.27
CA VAL E 69 -51.95 -14.33 -0.01
C VAL E 69 -52.92 -13.26 -0.43
N ASN E 70 -53.25 -12.30 0.43
CA ASN E 70 -54.19 -11.25 0.08
C ASN E 70 -53.51 -9.94 -0.29
N LEU E 71 -52.18 -9.93 -0.39
CA LEU E 71 -51.49 -8.68 -0.69
C LEU E 71 -51.88 -8.18 -2.06
N MET E 72 -52.16 -6.87 -2.14
CA MET E 72 -52.38 -6.20 -3.41
C MET E 72 -51.27 -5.22 -3.74
N THR E 73 -50.54 -4.73 -2.73
CA THR E 73 -49.42 -3.83 -2.92
C THR E 73 -48.25 -4.38 -2.11
N LEU E 74 -47.11 -4.52 -2.76
CA LEU E 74 -45.88 -4.93 -2.10
C LEU E 74 -44.81 -3.92 -2.54
N ALA E 75 -44.42 -3.03 -1.62
CA ALA E 75 -43.54 -1.91 -1.95
C ALA E 75 -42.17 -2.14 -1.33
N LEU E 76 -41.15 -2.27 -2.17
CA LEU E 76 -39.83 -2.68 -1.72
C LEU E 76 -38.73 -1.78 -2.26
N SER E 77 -39.09 -0.59 -2.73
CA SER E 77 -38.08 0.28 -3.30
CA SER E 77 -38.09 0.31 -3.30
C SER E 77 -37.03 0.65 -2.26
N GLU E 78 -35.80 0.89 -2.74
CA GLU E 78 -34.68 1.34 -1.91
C GLU E 78 -34.34 0.30 -0.84
N ASN E 79 -33.95 -0.88 -1.33
CA ASN E 79 -33.42 -1.93 -0.48
C ASN E 79 -32.14 -2.43 -1.16
N SER E 80 -31.67 -3.62 -0.78
CA SER E 80 -30.51 -4.23 -1.41
C SER E 80 -30.86 -5.60 -1.98
N LEU E 81 -32.07 -5.75 -2.51
CA LEU E 81 -32.55 -7.06 -2.91
C LEU E 81 -31.81 -7.59 -4.14
N THR E 82 -31.51 -8.89 -4.12
CA THR E 82 -30.94 -9.58 -5.26
C THR E 82 -31.82 -10.69 -5.79
N SER E 83 -32.88 -11.06 -5.06
CA SER E 83 -33.92 -11.91 -5.64
CA SER E 83 -33.81 -12.11 -5.44
C SER E 83 -35.12 -11.86 -4.72
N LEU E 84 -36.12 -12.68 -5.04
CA LEU E 84 -37.41 -12.76 -4.37
C LEU E 84 -37.75 -14.24 -4.21
N PRO E 85 -38.40 -14.63 -3.12
CA PRO E 85 -38.70 -16.06 -2.90
C PRO E 85 -39.74 -16.59 -3.87
N ASP E 86 -39.61 -17.86 -4.20
CA ASP E 86 -40.58 -18.50 -5.11
C ASP E 86 -41.98 -18.58 -4.51
N SER E 87 -42.09 -18.55 -3.19
CA SER E 87 -43.39 -18.58 -2.52
C SER E 87 -44.26 -17.38 -2.87
N LEU E 88 -43.69 -16.33 -3.46
CA LEU E 88 -44.49 -15.17 -3.82
C LEU E 88 -45.56 -15.49 -4.84
N ASP E 89 -45.42 -16.58 -5.59
CA ASP E 89 -46.47 -16.80 -6.57
C ASP E 89 -47.76 -17.30 -5.93
N ASN E 90 -47.78 -17.54 -4.61
CA ASN E 90 -49.05 -17.67 -3.89
C ASN E 90 -49.83 -16.37 -3.82
N LEU E 91 -49.22 -15.23 -4.20
CA LEU E 91 -49.88 -13.93 -4.08
C LEU E 91 -50.68 -13.66 -5.35
N LYS E 92 -51.85 -14.31 -5.44
CA LYS E 92 -52.67 -14.26 -6.65
C LYS E 92 -53.46 -12.96 -6.81
N LYS E 93 -53.44 -12.06 -5.84
CA LYS E 93 -54.14 -10.79 -5.97
C LYS E 93 -53.19 -9.62 -6.14
N LEU E 94 -51.88 -9.86 -6.19
CA LEU E 94 -50.92 -8.78 -6.18
C LEU E 94 -51.07 -7.92 -7.43
N ARG E 95 -51.24 -6.61 -7.24
CA ARG E 95 -51.39 -5.67 -8.34
C ARG E 95 -50.20 -4.73 -8.53
N ILE E 96 -49.62 -4.25 -7.44
CA ILE E 96 -48.51 -3.29 -7.49
C ILE E 96 -47.28 -3.94 -6.88
N LEU E 97 -46.20 -3.98 -7.64
CA LEU E 97 -44.92 -4.47 -7.12
C LEU E 97 -43.85 -3.45 -7.45
N ASP E 98 -43.24 -2.87 -6.42
CA ASP E 98 -42.32 -1.77 -6.57
C ASP E 98 -40.93 -2.24 -6.14
N LEU E 99 -40.04 -2.43 -7.12
CA LEU E 99 -38.70 -2.93 -6.87
C LEU E 99 -37.63 -1.90 -7.24
N ARG E 100 -37.99 -0.61 -7.30
CA ARG E 100 -37.04 0.43 -7.67
C ARG E 100 -35.86 0.47 -6.71
N HIS E 101 -34.69 0.85 -7.22
CA HIS E 101 -33.48 1.00 -6.40
C HIS E 101 -33.20 -0.25 -5.57
N ASN E 102 -32.95 -1.37 -6.27
CA ASN E 102 -32.41 -2.54 -5.58
C ASN E 102 -31.14 -3.00 -6.31
N LYS E 103 -30.81 -4.29 -6.24
CA LYS E 103 -29.59 -4.81 -6.88
C LYS E 103 -29.90 -6.05 -7.69
N LEU E 104 -31.07 -6.09 -8.32
CA LEU E 104 -31.47 -7.23 -9.14
C LEU E 104 -30.68 -7.29 -10.44
N ARG E 105 -30.05 -8.44 -10.69
CA ARG E 105 -29.35 -8.67 -11.96
C ARG E 105 -30.28 -9.24 -13.04
N GLU E 106 -31.52 -9.54 -12.69
CA GLU E 106 -32.52 -10.02 -13.61
C GLU E 106 -33.87 -9.77 -12.96
N ILE E 107 -34.94 -9.83 -13.75
CA ILE E 107 -36.27 -9.92 -13.14
C ILE E 107 -36.37 -11.27 -12.46
N PRO E 108 -36.62 -11.35 -11.15
CA PRO E 108 -36.71 -12.65 -10.47
C PRO E 108 -37.76 -13.55 -11.13
N SER E 109 -37.45 -14.85 -11.25
CA SER E 109 -38.32 -15.71 -12.05
C SER E 109 -39.74 -15.75 -11.49
N VAL E 110 -39.89 -15.58 -10.17
CA VAL E 110 -41.24 -15.60 -9.61
C VAL E 110 -42.07 -14.42 -10.11
N VAL E 111 -41.42 -13.29 -10.44
CA VAL E 111 -42.17 -12.11 -10.88
C VAL E 111 -42.86 -12.37 -12.22
N TYR E 112 -42.24 -13.16 -13.09
CA TYR E 112 -42.86 -13.55 -14.34
C TYR E 112 -44.11 -14.41 -14.12
N ARG E 113 -44.31 -14.94 -12.91
CA ARG E 113 -45.49 -15.76 -12.62
C ARG E 113 -46.58 -14.99 -11.87
N LEU E 114 -46.40 -13.69 -11.60
CA LEU E 114 -47.42 -12.91 -10.90
C LEU E 114 -48.35 -12.24 -11.91
N ASP E 115 -49.19 -13.07 -12.55
CA ASP E 115 -49.94 -12.55 -13.69
C ASP E 115 -51.10 -11.65 -13.30
N SER E 116 -51.36 -11.46 -12.01
CA SER E 116 -52.32 -10.45 -11.60
C SER E 116 -51.74 -9.03 -11.63
N LEU E 117 -50.43 -8.85 -11.81
CA LEU E 117 -49.83 -7.52 -11.69
C LEU E 117 -50.36 -6.55 -12.74
N THR E 118 -50.62 -5.32 -12.31
CA THR E 118 -50.89 -4.21 -13.23
C THR E 118 -49.84 -3.10 -13.18
N THR E 119 -49.01 -3.03 -12.14
CA THR E 119 -48.01 -1.98 -11.98
C THR E 119 -46.73 -2.65 -11.52
N LEU E 120 -45.68 -2.53 -12.32
CA LEU E 120 -44.41 -3.17 -12.03
C LEU E 120 -43.30 -2.14 -12.23
N TYR E 121 -42.61 -1.78 -11.16
CA TYR E 121 -41.51 -0.83 -11.21
C TYR E 121 -40.20 -1.56 -10.93
N LEU E 122 -39.23 -1.44 -11.85
CA LEU E 122 -37.92 -2.10 -11.77
C LEU E 122 -36.79 -1.10 -12.01
N ARG E 123 -37.06 0.20 -11.83
CA ARG E 123 -36.06 1.23 -12.07
C ARG E 123 -34.84 1.03 -11.19
N PHE E 124 -33.68 1.37 -11.75
CA PHE E 124 -32.42 1.41 -10.99
C PHE E 124 -32.13 0.05 -10.35
N ASN E 125 -32.04 -0.96 -11.22
CA ASN E 125 -31.44 -2.21 -10.81
C ASN E 125 -30.26 -2.50 -11.74
N ARG E 126 -29.96 -3.77 -11.98
CA ARG E 126 -28.81 -4.19 -12.77
C ARG E 126 -29.24 -5.21 -13.81
N ILE E 127 -30.41 -5.02 -14.37
CA ILE E 127 -31.07 -6.05 -15.17
C ILE E 127 -30.53 -5.96 -16.60
N THR E 128 -30.19 -7.12 -17.19
CA THR E 128 -29.77 -7.14 -18.58
C THR E 128 -30.80 -7.70 -19.53
N THR E 129 -31.66 -8.60 -19.05
CA THR E 129 -32.55 -9.36 -19.91
C THR E 129 -34.01 -9.20 -19.49
N VAL E 130 -34.90 -9.15 -20.47
CA VAL E 130 -36.34 -9.28 -20.26
C VAL E 130 -36.76 -10.55 -20.99
N GLU E 131 -37.12 -11.59 -20.23
CA GLU E 131 -37.42 -12.89 -20.81
C GLU E 131 -38.73 -12.85 -21.61
N LYS E 132 -38.91 -13.86 -22.47
CA LYS E 132 -40.17 -13.96 -23.23
C LYS E 132 -41.35 -14.17 -22.30
N ASP E 133 -41.10 -14.72 -21.10
CA ASP E 133 -42.11 -14.93 -20.07
C ASP E 133 -42.79 -13.64 -19.65
N ILE E 134 -42.24 -12.48 -20.02
CA ILE E 134 -42.92 -11.23 -19.72
C ILE E 134 -44.35 -11.25 -20.27
N LYS E 135 -44.61 -12.05 -21.31
CA LYS E 135 -45.96 -12.14 -21.86
C LYS E 135 -46.98 -12.63 -20.83
N ASN E 136 -46.54 -13.29 -19.76
CA ASN E 136 -47.48 -13.77 -18.74
C ASN E 136 -48.13 -12.60 -18.01
N LEU E 137 -47.47 -11.46 -17.96
CA LEU E 137 -47.96 -10.29 -17.20
C LEU E 137 -48.85 -9.39 -18.07
N SER E 138 -49.86 -9.99 -18.68
CA SER E 138 -50.64 -9.30 -19.69
C SER E 138 -51.66 -8.32 -19.11
N LYS E 139 -51.82 -8.25 -17.78
CA LYS E 139 -52.63 -7.20 -17.17
C LYS E 139 -51.85 -5.93 -16.85
N LEU E 140 -50.53 -5.91 -17.09
CA LEU E 140 -49.74 -4.71 -16.84
C LEU E 140 -50.29 -3.52 -17.59
N SER E 141 -50.55 -2.43 -16.86
CA SER E 141 -50.82 -1.14 -17.50
C SER E 141 -49.65 -0.18 -17.35
N MET E 142 -48.77 -0.42 -16.38
CA MET E 142 -47.58 0.39 -16.21
C MET E 142 -46.39 -0.54 -16.00
N LEU E 143 -45.37 -0.39 -16.83
CA LEU E 143 -44.11 -1.13 -16.70
C LEU E 143 -42.97 -0.14 -16.85
N SER E 144 -42.20 0.07 -15.79
CA SER E 144 -41.03 0.94 -15.85
C SER E 144 -39.79 0.13 -15.52
N ILE E 145 -38.87 0.09 -16.47
CA ILE E 145 -37.65 -0.69 -16.27
C ILE E 145 -36.45 0.18 -16.66
N ARG E 146 -36.61 1.49 -16.46
CA ARG E 146 -35.53 2.42 -16.78
C ARG E 146 -34.35 2.24 -15.83
N GLU E 147 -33.19 2.74 -16.26
CA GLU E 147 -31.95 2.72 -15.46
C GLU E 147 -31.53 1.29 -15.16
N ASN E 148 -31.39 0.52 -16.22
CA ASN E 148 -30.85 -0.82 -16.10
C ASN E 148 -29.82 -1.01 -17.21
N LYS E 149 -29.60 -2.24 -17.66
CA LYS E 149 -28.56 -2.55 -18.65
C LYS E 149 -29.16 -3.30 -19.84
N ILE E 150 -30.39 -2.98 -20.22
CA ILE E 150 -31.14 -3.83 -21.16
C ILE E 150 -30.76 -3.45 -22.59
N LYS E 151 -30.35 -4.45 -23.39
CA LYS E 151 -29.99 -4.18 -24.77
C LYS E 151 -31.09 -4.53 -25.76
N GLN E 152 -32.07 -5.35 -25.35
CA GLN E 152 -33.07 -5.82 -26.28
C GLN E 152 -34.36 -6.14 -25.53
N LEU E 153 -35.50 -5.90 -26.19
CA LEU E 153 -36.78 -6.35 -25.67
C LEU E 153 -37.31 -7.51 -26.49
N PRO E 154 -37.95 -8.50 -25.86
CA PRO E 154 -38.51 -9.61 -26.63
C PRO E 154 -39.74 -9.18 -27.42
N ALA E 155 -39.97 -9.86 -28.54
CA ALA E 155 -41.18 -9.61 -29.31
C ALA E 155 -42.43 -9.82 -28.47
N GLU E 156 -42.35 -10.66 -27.43
CA GLU E 156 -43.50 -10.92 -26.57
C GLU E 156 -43.99 -9.69 -25.84
N ILE E 157 -43.24 -8.58 -25.86
CA ILE E 157 -43.71 -7.30 -25.35
C ILE E 157 -45.03 -6.92 -26.01
N GLY E 158 -45.26 -7.38 -27.24
CA GLY E 158 -46.48 -7.10 -27.97
C GLY E 158 -47.71 -7.79 -27.42
N GLU E 159 -47.54 -8.70 -26.47
CA GLU E 159 -48.67 -9.32 -25.78
C GLU E 159 -49.12 -8.53 -24.56
N LEU E 160 -48.41 -7.47 -24.19
CA LEU E 160 -48.85 -6.61 -23.09
C LEU E 160 -49.81 -5.55 -23.65
N CYS E 161 -50.99 -6.01 -24.07
CA CYS E 161 -51.95 -5.18 -24.78
CA CYS E 161 -51.94 -5.16 -24.78
C CYS E 161 -52.66 -4.18 -23.87
N ASN E 162 -52.48 -4.26 -22.55
CA ASN E 162 -53.10 -3.32 -21.64
C ASN E 162 -52.16 -2.21 -21.20
N LEU E 163 -50.92 -2.21 -21.70
CA LEU E 163 -49.96 -1.18 -21.32
C LEU E 163 -50.46 0.22 -21.64
N ILE E 164 -50.43 1.09 -20.65
CA ILE E 164 -50.61 2.53 -20.83
C ILE E 164 -49.27 3.25 -20.85
N THR E 165 -48.35 2.80 -19.98
CA THR E 165 -47.03 3.41 -19.84
C THR E 165 -45.98 2.32 -19.95
N LEU E 166 -45.07 2.47 -20.91
CA LEU E 166 -43.88 1.64 -21.05
C LEU E 166 -42.68 2.56 -20.97
N ASP E 167 -41.88 2.41 -19.92
CA ASP E 167 -40.74 3.30 -19.69
C ASP E 167 -39.49 2.42 -19.67
N VAL E 168 -38.67 2.54 -20.73
CA VAL E 168 -37.43 1.79 -20.83
C VAL E 168 -36.27 2.75 -21.04
N ALA E 169 -36.42 3.99 -20.55
CA ALA E 169 -35.38 5.00 -20.66
C ALA E 169 -34.10 4.55 -19.94
N HIS E 170 -32.97 5.12 -20.37
CA HIS E 170 -31.68 4.89 -19.66
C HIS E 170 -31.29 3.41 -19.65
N ASN E 171 -31.31 2.79 -20.82
CA ASN E 171 -30.82 1.44 -20.99
C ASN E 171 -29.89 1.45 -22.21
N GLN E 172 -29.74 0.31 -22.89
CA GLN E 172 -28.82 0.21 -24.02
C GLN E 172 -29.54 -0.36 -25.24
N LEU E 173 -30.83 -0.06 -25.38
CA LEU E 173 -31.65 -0.58 -26.48
C LEU E 173 -31.14 -0.09 -27.83
N GLU E 174 -30.99 -1.01 -28.78
CA GLU E 174 -30.63 -0.63 -30.15
C GLU E 174 -31.80 -0.65 -31.11
N HIS E 175 -32.81 -1.48 -30.84
CA HIS E 175 -34.04 -1.51 -31.62
C HIS E 175 -35.21 -1.75 -30.68
N LEU E 176 -36.39 -1.43 -31.18
CA LEU E 176 -37.66 -1.67 -30.49
C LEU E 176 -38.44 -2.68 -31.33
N PRO E 177 -38.87 -3.82 -30.79
CA PRO E 177 -39.55 -4.82 -31.62
C PRO E 177 -40.81 -4.25 -32.26
N LYS E 178 -41.04 -4.63 -33.52
CA LYS E 178 -42.19 -4.12 -34.25
C LYS E 178 -43.50 -4.45 -33.55
N GLU E 179 -43.51 -5.53 -32.76
CA GLU E 179 -44.71 -5.91 -32.03
C GLU E 179 -45.16 -4.88 -31.01
N ILE E 180 -44.36 -3.85 -30.71
CA ILE E 180 -44.84 -2.75 -29.87
C ILE E 180 -46.14 -2.20 -30.43
N GLY E 181 -46.36 -2.34 -31.74
CA GLY E 181 -47.56 -1.84 -32.38
C GLY E 181 -48.83 -2.52 -31.93
N ASN E 182 -48.71 -3.65 -31.22
CA ASN E 182 -49.89 -4.29 -30.67
C ASN E 182 -50.29 -3.73 -29.32
N CYS E 183 -49.46 -2.89 -28.71
CA CYS E 183 -49.79 -2.25 -27.42
C CYS E 183 -50.57 -0.97 -27.68
N THR E 184 -51.79 -1.13 -28.19
CA THR E 184 -52.51 0.01 -28.73
C THR E 184 -53.01 0.98 -27.66
N GLN E 185 -53.01 0.60 -26.38
CA GLN E 185 -53.48 1.54 -25.37
C GLN E 185 -52.37 2.46 -24.85
N ILE E 186 -51.15 2.37 -25.39
CA ILE E 186 -50.04 3.12 -24.81
C ILE E 186 -50.23 4.62 -25.00
N THR E 187 -50.10 5.40 -23.90
CA THR E 187 -50.04 6.84 -24.00
C THR E 187 -48.68 7.42 -23.65
N ASN E 188 -47.84 6.71 -22.88
CA ASN E 188 -46.48 7.13 -22.56
C ASN E 188 -45.51 6.06 -23.02
N LEU E 189 -44.63 6.40 -23.95
CA LEU E 189 -43.57 5.51 -24.42
C LEU E 189 -42.26 6.24 -24.24
N ASP E 190 -41.46 5.85 -23.22
CA ASP E 190 -40.24 6.56 -22.86
C ASP E 190 -39.03 5.71 -23.25
N LEU E 191 -38.31 6.16 -24.27
CA LEU E 191 -37.15 5.47 -24.82
C LEU E 191 -35.89 6.31 -24.76
N GLN E 192 -35.93 7.45 -24.06
CA GLN E 192 -34.79 8.36 -24.07
C GLN E 192 -33.56 7.72 -23.41
N HIS E 193 -32.38 8.23 -23.79
CA HIS E 193 -31.10 7.72 -23.32
C HIS E 193 -31.00 6.21 -23.54
N ASN E 194 -31.08 5.82 -24.80
CA ASN E 194 -30.82 4.44 -25.19
C ASN E 194 -29.82 4.52 -26.36
N GLU E 195 -29.78 3.48 -27.19
CA GLU E 195 -28.87 3.46 -28.33
C GLU E 195 -29.65 3.19 -29.62
N LEU E 196 -30.88 3.70 -29.70
CA LEU E 196 -31.80 3.30 -30.76
C LEU E 196 -31.31 3.76 -32.14
N LEU E 197 -31.23 2.81 -33.08
CA LEU E 197 -30.82 3.10 -34.45
C LEU E 197 -32.00 3.43 -35.35
N ASP E 198 -33.18 2.96 -35.01
CA ASP E 198 -34.38 3.17 -35.81
C ASP E 198 -35.57 2.91 -34.91
N LEU E 199 -36.73 3.23 -35.43
CA LEU E 199 -38.00 2.91 -34.84
C LEU E 199 -38.82 2.11 -35.82
N PRO E 200 -39.66 1.19 -35.35
CA PRO E 200 -40.47 0.40 -36.27
C PRO E 200 -41.65 1.22 -36.81
N ASP E 201 -41.99 0.96 -38.08
CA ASP E 201 -43.09 1.69 -38.71
C ASP E 201 -44.41 1.45 -38.00
N THR E 202 -44.54 0.34 -37.25
CA THR E 202 -45.74 0.04 -36.50
C THR E 202 -45.97 0.98 -35.34
N ILE E 203 -45.01 1.86 -35.04
CA ILE E 203 -45.21 2.81 -33.95
C ILE E 203 -46.43 3.68 -34.21
N GLY E 204 -46.78 3.89 -35.48
CA GLY E 204 -47.98 4.65 -35.79
C GLY E 204 -49.28 3.98 -35.41
N ASN E 205 -49.25 2.70 -35.04
CA ASN E 205 -50.43 2.03 -34.51
C ASN E 205 -50.81 2.52 -33.14
N LEU E 206 -49.91 3.24 -32.47
CA LEU E 206 -50.15 3.75 -31.12
C LEU E 206 -50.93 5.05 -31.23
N SER E 207 -52.21 4.92 -31.58
CA SER E 207 -52.99 6.10 -31.92
C SER E 207 -53.32 6.96 -30.70
N SER E 208 -53.20 6.43 -29.48
CA SER E 208 -53.36 7.26 -28.29
C SER E 208 -52.04 7.78 -27.72
N LEU E 209 -50.91 7.52 -28.37
CA LEU E 209 -49.61 7.98 -27.89
C LEU E 209 -49.57 9.49 -27.74
N SER E 210 -49.28 10.00 -26.53
CA SER E 210 -49.20 11.43 -26.34
C SER E 210 -47.87 11.92 -25.77
N ARG E 211 -47.03 11.05 -25.22
CA ARG E 211 -45.72 11.45 -24.73
CA ARG E 211 -45.72 11.45 -24.73
C ARG E 211 -44.70 10.42 -25.22
N LEU E 212 -43.83 10.83 -26.13
CA LEU E 212 -42.86 9.95 -26.77
C LEU E 212 -41.45 10.43 -26.43
N GLY E 213 -40.71 9.67 -25.61
CA GLY E 213 -39.36 10.04 -25.26
C GLY E 213 -38.32 9.46 -26.20
N LEU E 214 -37.62 10.31 -26.96
CA LEU E 214 -36.63 9.85 -27.94
C LEU E 214 -35.27 10.52 -27.82
N ARG E 215 -35.13 11.57 -27.01
CA ARG E 215 -33.85 12.26 -26.91
C ARG E 215 -32.76 11.33 -26.41
N TYR E 216 -31.52 11.60 -26.85
CA TYR E 216 -30.30 10.83 -26.55
C TYR E 216 -30.43 9.38 -27.02
N ASN E 217 -30.49 9.24 -28.33
CA ASN E 217 -30.46 7.95 -28.98
C ASN E 217 -29.49 8.05 -30.15
N ARG E 218 -29.62 7.16 -31.13
CA ARG E 218 -28.77 7.16 -32.31
C ARG E 218 -29.61 7.12 -33.58
N LEU E 219 -30.77 7.75 -33.52
CA LEU E 219 -31.72 7.69 -34.63
C LEU E 219 -31.19 8.49 -35.81
N SER E 220 -31.42 7.96 -37.01
CA SER E 220 -31.18 8.72 -38.22
C SER E 220 -32.45 9.25 -38.84
N ALA E 221 -33.62 8.75 -38.45
CA ALA E 221 -34.86 9.17 -39.08
C ALA E 221 -36.04 8.76 -38.21
N ILE E 222 -37.19 9.36 -38.52
CA ILE E 222 -38.45 9.16 -37.82
C ILE E 222 -39.42 8.53 -38.80
N PRO E 223 -40.14 7.47 -38.42
CA PRO E 223 -41.10 6.86 -39.35
C PRO E 223 -42.23 7.81 -39.72
N ARG E 224 -42.52 7.86 -41.03
CA ARG E 224 -43.67 8.61 -41.53
C ARG E 224 -44.95 8.28 -40.77
N SER E 225 -45.11 7.03 -40.32
CA SER E 225 -46.34 6.65 -39.64
C SER E 225 -46.53 7.35 -38.29
N LEU E 226 -45.51 8.05 -37.79
CA LEU E 226 -45.72 8.82 -36.57
C LEU E 226 -46.75 9.92 -36.77
N ALA E 227 -47.03 10.30 -38.03
CA ALA E 227 -48.08 11.26 -38.30
C ALA E 227 -49.44 10.77 -37.82
N LYS E 228 -49.60 9.45 -37.63
CA LYS E 228 -50.84 8.94 -37.07
C LYS E 228 -50.97 9.24 -35.59
N CYS E 229 -49.87 9.49 -34.89
CA CYS E 229 -49.90 9.73 -33.45
C CYS E 229 -50.28 11.19 -33.19
N SER E 230 -51.51 11.52 -33.56
CA SER E 230 -51.96 12.90 -33.60
C SER E 230 -52.17 13.50 -32.20
N ALA E 231 -52.02 12.72 -31.12
CA ALA E 231 -52.16 13.26 -29.78
C ALA E 231 -50.84 13.74 -29.18
N LEU E 232 -49.73 13.61 -29.90
CA LEU E 232 -48.45 14.09 -29.40
C LEU E 232 -48.49 15.60 -29.17
N GLU E 233 -48.13 16.02 -27.96
CA GLU E 233 -48.13 17.45 -27.65
C GLU E 233 -46.74 18.06 -27.75
N GLU E 234 -45.70 17.24 -27.89
CA GLU E 234 -44.32 17.68 -27.96
C GLU E 234 -43.55 16.65 -28.77
N LEU E 235 -42.55 17.10 -29.52
CA LEU E 235 -41.63 16.19 -30.19
C LEU E 235 -40.21 16.68 -29.90
N ASN E 236 -39.48 15.95 -29.06
CA ASN E 236 -38.12 16.31 -28.66
C ASN E 236 -37.14 15.23 -29.09
N LEU E 237 -36.33 15.52 -30.11
CA LEU E 237 -35.39 14.58 -30.69
C LEU E 237 -33.94 14.90 -30.32
N GLU E 238 -33.74 15.73 -29.29
CA GLU E 238 -32.42 16.21 -28.93
C GLU E 238 -31.39 15.08 -28.85
N ASN E 239 -30.23 15.31 -29.47
CA ASN E 239 -29.07 14.41 -29.44
C ASN E 239 -29.39 13.07 -30.11
N ASN E 240 -29.61 13.16 -31.42
CA ASN E 240 -29.70 12.00 -32.28
C ASN E 240 -28.82 12.29 -33.51
N ASN E 241 -29.09 11.59 -34.61
CA ASN E 241 -28.31 11.73 -35.84
CA ASN E 241 -28.31 11.76 -35.84
C ASN E 241 -29.22 12.07 -37.01
N ILE E 242 -30.17 12.96 -36.82
CA ILE E 242 -31.26 13.20 -37.76
C ILE E 242 -30.96 14.44 -38.61
N SER E 243 -31.27 14.36 -39.90
CA SER E 243 -31.09 15.51 -40.79
C SER E 243 -32.35 15.91 -41.52
N THR E 244 -33.44 15.15 -41.38
CA THR E 244 -34.67 15.40 -42.12
C THR E 244 -35.84 14.82 -41.34
N LEU E 245 -37.05 15.31 -41.66
CA LEU E 245 -38.27 14.76 -41.12
C LEU E 245 -39.19 14.35 -42.28
N PRO E 246 -40.06 13.35 -42.09
CA PRO E 246 -41.04 13.03 -43.14
C PRO E 246 -41.92 14.22 -43.43
N GLU E 247 -42.19 14.45 -44.73
CA GLU E 247 -42.62 15.78 -45.13
C GLU E 247 -44.06 16.11 -44.72
N SER E 248 -44.88 15.13 -44.38
CA SER E 248 -46.20 15.42 -43.85
C SER E 248 -46.28 15.28 -42.33
N LEU E 249 -45.16 15.08 -41.63
CA LEU E 249 -45.23 14.73 -40.21
C LEU E 249 -45.75 15.89 -39.38
N LEU E 250 -45.07 17.03 -39.40
CA LEU E 250 -45.36 18.08 -38.43
C LEU E 250 -46.79 18.61 -38.62
N SER E 251 -47.22 18.77 -39.88
CA SER E 251 -48.57 19.31 -40.12
C SER E 251 -49.66 18.37 -39.59
N SER E 252 -49.39 17.06 -39.54
CA SER E 252 -50.34 16.12 -38.95
C SER E 252 -50.38 16.14 -37.43
N LEU E 253 -49.30 16.57 -36.77
CA LEU E 253 -49.27 16.63 -35.31
C LEU E 253 -49.99 17.90 -34.86
N VAL E 254 -51.33 17.86 -34.94
CA VAL E 254 -52.15 19.06 -34.75
C VAL E 254 -52.14 19.59 -33.32
N LYS E 255 -51.64 18.83 -32.34
CA LYS E 255 -51.57 19.34 -30.98
C LYS E 255 -50.13 19.65 -30.54
N LEU E 256 -49.18 19.61 -31.45
CA LEU E 256 -47.78 19.81 -31.11
C LEU E 256 -47.55 21.22 -30.55
N ASN E 257 -47.05 21.28 -29.32
CA ASN E 257 -46.77 22.52 -28.59
C ASN E 257 -45.33 23.00 -28.78
N SER E 258 -44.36 22.08 -28.82
CA SER E 258 -42.98 22.47 -29.06
C SER E 258 -42.27 21.41 -29.89
N LEU E 259 -41.22 21.85 -30.58
CA LEU E 259 -40.39 20.97 -31.40
C LEU E 259 -38.93 21.24 -31.07
N THR E 260 -38.18 20.18 -30.76
CA THR E 260 -36.78 20.28 -30.42
C THR E 260 -35.99 19.38 -31.36
N LEU E 261 -35.15 20.00 -32.19
CA LEU E 261 -34.26 19.31 -33.11
C LEU E 261 -32.80 19.49 -32.72
N ALA E 262 -32.55 19.91 -31.49
CA ALA E 262 -31.21 20.29 -31.05
C ALA E 262 -30.26 19.08 -31.06
N ARG E 263 -28.98 19.37 -31.30
CA ARG E 263 -27.90 18.38 -31.33
C ARG E 263 -28.24 17.25 -32.30
N ASN E 264 -28.47 17.62 -33.55
CA ASN E 264 -28.69 16.62 -34.58
C ASN E 264 -27.76 16.91 -35.75
N CYS E 265 -28.19 16.61 -36.98
N CYS E 265 -28.13 16.60 -36.98
CA CYS E 265 -27.36 16.78 -38.17
CA CYS E 265 -27.26 16.98 -38.09
C CYS E 265 -28.10 17.58 -39.24
C CYS E 265 -28.08 17.59 -39.22
N PHE E 266 -29.03 18.45 -38.84
CA PHE E 266 -29.79 19.21 -39.81
C PHE E 266 -28.89 20.20 -40.54
N GLN E 267 -28.97 20.21 -41.87
CA GLN E 267 -28.36 21.28 -42.67
C GLN E 267 -29.39 22.23 -43.23
N LEU E 268 -30.63 21.77 -43.38
CA LEU E 268 -31.72 22.57 -43.85
C LEU E 268 -32.90 22.35 -42.92
N TYR E 269 -33.77 23.36 -42.83
CA TYR E 269 -35.04 23.18 -42.16
C TYR E 269 -35.77 21.96 -42.72
N PRO E 270 -36.58 21.27 -41.91
CA PRO E 270 -37.44 20.21 -42.45
C PRO E 270 -38.29 20.74 -43.60
N VAL E 271 -38.42 19.91 -44.64
CA VAL E 271 -39.24 20.27 -45.78
C VAL E 271 -40.70 20.05 -45.43
N GLY E 272 -41.56 20.92 -45.92
CA GLY E 272 -42.96 20.77 -45.62
C GLY E 272 -43.71 22.08 -45.70
N GLY E 273 -42.98 23.19 -45.81
CA GLY E 273 -43.59 24.50 -45.92
C GLY E 273 -44.04 25.08 -44.59
N PRO E 274 -44.72 26.23 -44.66
CA PRO E 274 -45.11 26.95 -43.43
C PRO E 274 -46.10 26.21 -42.55
N SER E 275 -46.92 25.32 -43.10
CA SER E 275 -47.97 24.71 -42.30
C SER E 275 -47.42 23.78 -41.22
N GLN E 276 -46.16 23.40 -41.29
CA GLN E 276 -45.62 22.52 -40.25
C GLN E 276 -45.44 23.24 -38.92
N PHE E 277 -45.45 24.56 -38.91
CA PHE E 277 -45.13 25.32 -37.70
C PHE E 277 -46.32 26.14 -37.21
N SER E 278 -47.54 25.71 -37.53
CA SER E 278 -48.74 26.47 -37.20
C SER E 278 -49.21 26.27 -35.77
N THR E 279 -48.69 25.27 -35.05
CA THR E 279 -49.14 25.02 -33.68
C THR E 279 -48.07 25.21 -32.63
N ILE E 280 -46.78 25.21 -32.98
CA ILE E 280 -45.75 25.18 -31.95
C ILE E 280 -45.55 26.57 -31.37
N TYR E 281 -45.31 26.61 -30.06
CA TYR E 281 -44.90 27.83 -29.37
C TYR E 281 -43.39 27.98 -29.30
N SER E 282 -42.66 26.90 -29.53
CA SER E 282 -41.22 26.94 -29.30
C SER E 282 -40.56 26.04 -30.33
N LEU E 283 -39.45 26.50 -30.90
CA LEU E 283 -38.66 25.75 -31.86
C LEU E 283 -37.20 25.83 -31.45
N ASN E 284 -36.59 24.70 -31.11
CA ASN E 284 -35.20 24.66 -30.66
C ASN E 284 -34.41 23.85 -31.69
N MET E 285 -33.52 24.54 -32.40
CA MET E 285 -32.68 23.88 -33.40
C MET E 285 -31.19 24.04 -33.10
N GLU E 286 -30.84 24.25 -31.83
CA GLU E 286 -29.47 24.59 -31.48
C GLU E 286 -28.54 23.39 -31.70
N HIS E 287 -27.27 23.68 -32.02
CA HIS E 287 -26.25 22.67 -32.28
C HIS E 287 -26.62 21.79 -33.49
N ASN E 288 -26.73 22.43 -34.65
CA ASN E 288 -26.88 21.67 -35.89
C ASN E 288 -25.89 22.29 -36.88
N ARG E 289 -26.12 22.05 -38.17
CA ARG E 289 -25.30 22.67 -39.20
C ARG E 289 -26.15 23.44 -40.21
N ILE E 290 -27.22 24.08 -39.71
CA ILE E 290 -28.19 24.69 -40.61
C ILE E 290 -27.61 25.95 -41.22
N ASN E 291 -27.68 26.07 -42.55
CA ASN E 291 -26.97 27.16 -43.20
C ASN E 291 -27.91 28.24 -43.75
N LYS E 292 -29.23 28.08 -43.63
CA LYS E 292 -30.17 29.15 -43.94
C LYS E 292 -31.52 28.85 -43.32
N ILE E 293 -32.24 29.90 -42.96
CA ILE E 293 -33.64 29.82 -42.57
C ILE E 293 -34.47 30.16 -43.81
N PRO E 294 -35.42 29.32 -44.21
CA PRO E 294 -36.09 29.54 -45.49
C PRO E 294 -37.00 30.77 -45.46
N PHE E 295 -37.06 31.46 -46.59
CA PHE E 295 -38.02 32.54 -46.77
C PHE E 295 -39.43 32.01 -46.55
N GLY E 296 -40.22 32.78 -45.80
CA GLY E 296 -41.61 32.46 -45.63
C GLY E 296 -41.92 31.35 -44.65
N ILE E 297 -40.89 30.81 -43.98
CA ILE E 297 -41.08 29.58 -43.23
C ILE E 297 -42.00 29.81 -42.04
N PHE E 298 -42.05 31.01 -41.48
CA PHE E 298 -42.90 31.26 -40.32
C PHE E 298 -44.17 32.04 -40.67
N SER E 299 -44.51 32.11 -41.95
CA SER E 299 -45.67 32.88 -42.39
C SER E 299 -46.97 32.41 -41.75
N ARG E 300 -47.06 31.14 -41.32
CA ARG E 300 -48.24 30.64 -40.65
C ARG E 300 -47.99 30.32 -39.19
N ALA E 301 -46.86 30.75 -38.63
CA ALA E 301 -46.48 30.34 -37.28
C ALA E 301 -46.94 31.41 -36.28
N LYS E 302 -48.26 31.44 -36.08
CA LYS E 302 -48.87 32.54 -35.36
C LYS E 302 -48.61 32.50 -33.87
N VAL E 303 -48.30 31.34 -33.28
CA VAL E 303 -48.03 31.31 -31.85
C VAL E 303 -46.57 31.01 -31.54
N LEU E 304 -45.71 30.90 -32.54
CA LEU E 304 -44.31 30.59 -32.29
C LEU E 304 -43.62 31.82 -31.70
N SER E 305 -43.27 31.74 -30.42
CA SER E 305 -42.71 32.88 -29.72
C SER E 305 -41.26 32.69 -29.32
N LYS E 306 -40.70 31.50 -29.46
CA LYS E 306 -39.32 31.23 -29.06
C LYS E 306 -38.61 30.44 -30.16
N LEU E 307 -37.57 31.04 -30.74
CA LEU E 307 -36.74 30.39 -31.75
C LEU E 307 -35.30 30.33 -31.28
N ASN E 308 -34.72 29.13 -31.26
CA ASN E 308 -33.34 28.93 -30.84
C ASN E 308 -32.55 28.35 -32.00
N MET E 309 -31.71 29.17 -32.61
CA MET E 309 -30.83 28.76 -33.70
C MET E 309 -29.35 28.79 -33.30
N LYS E 310 -29.05 28.74 -31.99
CA LYS E 310 -27.67 28.87 -31.55
C LYS E 310 -26.81 27.76 -32.14
N ASP E 311 -25.58 28.09 -32.53
CA ASP E 311 -24.60 27.09 -32.96
C ASP E 311 -25.06 26.39 -34.23
N ASN E 312 -25.15 27.17 -35.29
CA ASN E 312 -25.44 26.62 -36.60
C ASN E 312 -24.50 27.27 -37.60
N GLN E 313 -24.91 27.36 -38.87
CA GLN E 313 -24.06 27.83 -39.97
C GLN E 313 -24.67 29.01 -40.70
N LEU E 314 -25.41 29.87 -39.99
CA LEU E 314 -26.08 31.00 -40.64
C LEU E 314 -25.08 32.08 -41.01
N THR E 315 -25.16 32.56 -42.24
CA THR E 315 -24.36 33.70 -42.67
C THR E 315 -25.22 34.91 -43.01
N SER E 316 -26.53 34.74 -43.12
CA SER E 316 -27.45 35.86 -43.27
C SER E 316 -28.81 35.39 -42.77
N LEU E 317 -29.78 36.30 -42.84
CA LEU E 317 -31.15 36.06 -42.45
C LEU E 317 -32.06 36.29 -43.66
N PRO E 318 -33.19 35.58 -43.74
CA PRO E 318 -34.07 35.71 -44.91
C PRO E 318 -34.63 37.12 -45.03
N LEU E 319 -35.11 37.44 -46.24
CA LEU E 319 -35.61 38.77 -46.52
C LEU E 319 -36.83 39.13 -45.69
N ASP E 320 -37.61 38.14 -45.24
CA ASP E 320 -38.81 38.41 -44.50
C ASP E 320 -38.60 38.31 -42.99
N PHE E 321 -37.35 38.41 -42.55
CA PHE E 321 -36.99 38.34 -41.12
C PHE E 321 -37.82 39.28 -40.27
N GLY E 322 -38.04 40.49 -40.76
CA GLY E 322 -38.83 41.45 -40.02
C GLY E 322 -40.30 41.15 -39.91
N THR E 323 -40.80 40.09 -40.55
CA THR E 323 -42.21 39.73 -40.40
C THR E 323 -42.46 38.73 -39.28
N TRP E 324 -41.44 38.31 -38.54
CA TRP E 324 -41.62 37.36 -37.44
C TRP E 324 -42.15 38.04 -36.19
N THR E 325 -43.31 38.68 -36.33
CA THR E 325 -43.81 39.58 -35.31
C THR E 325 -44.32 38.87 -34.05
N SER E 326 -44.48 37.55 -34.06
CA SER E 326 -44.86 36.88 -32.82
C SER E 326 -43.66 36.50 -31.95
N MET E 327 -42.44 36.67 -32.45
CA MET E 327 -41.24 36.24 -31.75
C MET E 327 -41.00 37.06 -30.49
N VAL E 328 -40.84 36.38 -29.35
CA VAL E 328 -40.48 37.01 -28.08
C VAL E 328 -39.03 36.71 -27.70
N GLU E 329 -38.54 35.50 -27.98
CA GLU E 329 -37.17 35.13 -27.66
C GLU E 329 -36.50 34.59 -28.92
N LEU E 330 -35.36 35.17 -29.29
CA LEU E 330 -34.64 34.82 -30.51
C LEU E 330 -33.17 34.59 -30.16
N ASN E 331 -32.65 33.41 -30.44
CA ASN E 331 -31.27 33.09 -30.12
C ASN E 331 -30.56 32.73 -31.42
N LEU E 332 -29.64 33.58 -31.84
CA LEU E 332 -28.82 33.35 -33.03
C LEU E 332 -27.35 33.29 -32.67
N ALA E 333 -27.01 32.94 -31.43
CA ALA E 333 -25.62 32.95 -31.03
C ALA E 333 -24.86 31.84 -31.76
N THR E 334 -23.54 32.02 -31.85
CA THR E 334 -22.63 31.06 -32.47
C THR E 334 -23.07 30.74 -33.89
N ASN E 335 -23.19 31.80 -34.69
CA ASN E 335 -23.34 31.63 -36.13
C ASN E 335 -22.23 32.46 -36.77
N GLN E 336 -22.39 32.76 -38.06
CA GLN E 336 -21.38 33.57 -38.74
C GLN E 336 -22.07 34.79 -39.39
N LEU E 337 -23.00 35.41 -38.67
CA LEU E 337 -23.68 36.58 -39.20
C LEU E 337 -22.76 37.79 -39.20
N THR E 338 -22.77 38.55 -40.30
CA THR E 338 -21.96 39.76 -40.39
C THR E 338 -22.77 41.04 -40.28
N LYS E 339 -24.07 40.98 -40.48
CA LYS E 339 -24.88 42.16 -40.20
C LYS E 339 -26.25 41.71 -39.75
N ILE E 340 -26.96 42.60 -39.07
CA ILE E 340 -28.38 42.46 -38.78
C ILE E 340 -29.10 43.47 -39.67
N PRO E 341 -30.03 43.04 -40.52
CA PRO E 341 -30.69 43.99 -41.42
C PRO E 341 -31.54 45.00 -40.66
N GLU E 342 -31.77 46.14 -41.32
CA GLU E 342 -32.59 47.18 -40.72
C GLU E 342 -34.01 46.70 -40.43
N ASP E 343 -34.45 45.66 -41.12
CA ASP E 343 -35.80 45.15 -40.97
C ASP E 343 -36.02 44.44 -39.64
N VAL E 344 -34.97 44.27 -38.83
CA VAL E 344 -35.14 43.81 -37.45
C VAL E 344 -36.17 44.69 -36.73
N SER E 345 -36.35 45.92 -37.22
CA SER E 345 -37.30 46.82 -36.58
C SER E 345 -38.71 46.23 -36.50
N GLY E 346 -39.04 45.26 -37.35
CA GLY E 346 -40.38 44.67 -37.32
C GLY E 346 -40.67 43.77 -36.13
N LEU E 347 -39.64 43.36 -35.39
CA LEU E 347 -39.83 42.35 -34.35
C LEU E 347 -40.24 43.02 -33.04
N VAL E 348 -41.40 43.68 -33.10
CA VAL E 348 -41.82 44.58 -32.04
C VAL E 348 -42.15 43.86 -30.75
N SER E 349 -42.30 42.53 -30.75
CA SER E 349 -42.63 41.80 -29.53
C SER E 349 -41.41 41.19 -28.87
N LEU E 350 -40.23 41.38 -29.44
CA LEU E 350 -39.03 40.70 -28.97
C LEU E 350 -38.63 41.20 -27.58
N GLU E 351 -38.43 40.26 -26.64
CA GLU E 351 -37.92 40.60 -25.32
C GLU E 351 -36.50 40.09 -25.05
N VAL E 352 -36.07 39.04 -25.73
CA VAL E 352 -34.73 38.47 -25.56
C VAL E 352 -34.10 38.31 -26.94
N LEU E 353 -32.92 38.90 -27.14
CA LEU E 353 -32.17 38.80 -28.38
C LEU E 353 -30.73 38.42 -28.07
N ILE E 354 -30.34 37.21 -28.44
CA ILE E 354 -29.01 36.67 -28.16
C ILE E 354 -28.26 36.57 -29.47
N LEU E 355 -27.18 37.35 -29.59
CA LEU E 355 -26.41 37.42 -30.83
C LEU E 355 -24.94 37.13 -30.60
N SER E 356 -24.62 36.53 -29.44
CA SER E 356 -23.24 36.24 -29.04
C SER E 356 -22.51 35.44 -30.10
N ASN E 357 -21.20 35.63 -30.17
CA ASN E 357 -20.32 34.83 -31.03
C ASN E 357 -20.79 34.88 -32.49
N ASN E 358 -20.94 36.07 -33.01
CA ASN E 358 -21.09 36.25 -34.45
C ASN E 358 -20.01 37.20 -34.95
N LEU E 359 -20.21 37.81 -36.10
CA LEU E 359 -19.16 38.63 -36.69
C LEU E 359 -19.63 40.06 -36.91
N LEU E 360 -20.53 40.54 -36.04
CA LEU E 360 -21.15 41.85 -36.26
C LEU E 360 -20.15 42.97 -36.02
N LYS E 361 -20.14 43.96 -36.92
CA LYS E 361 -19.32 45.14 -36.69
C LYS E 361 -20.12 46.36 -36.29
N LYS E 362 -21.40 46.41 -36.64
CA LYS E 362 -22.27 47.47 -36.21
C LYS E 362 -23.67 46.89 -36.05
N LEU E 363 -24.56 47.69 -35.46
CA LEU E 363 -25.95 47.31 -35.34
C LEU E 363 -26.81 48.27 -36.15
N PRO E 364 -27.94 47.82 -36.68
CA PRO E 364 -28.80 48.71 -37.46
C PRO E 364 -29.51 49.73 -36.59
N HIS E 365 -29.86 50.85 -37.21
CA HIS E 365 -30.66 51.87 -36.55
C HIS E 365 -32.01 51.33 -36.11
N GLY E 366 -32.57 50.36 -36.87
CA GLY E 366 -33.85 49.76 -36.55
C GLY E 366 -33.87 48.96 -35.26
N LEU E 367 -32.70 48.67 -34.69
CA LEU E 367 -32.64 48.08 -33.36
C LEU E 367 -33.46 48.87 -32.36
N GLY E 368 -33.50 50.19 -32.51
CA GLY E 368 -34.26 51.04 -31.59
C GLY E 368 -35.75 50.84 -31.62
N ASN E 369 -36.31 50.17 -32.63
CA ASN E 369 -37.74 49.89 -32.61
C ASN E 369 -38.12 48.76 -31.67
N LEU E 370 -37.14 48.07 -31.05
CA LEU E 370 -37.45 46.91 -30.22
C LEU E 370 -37.81 47.35 -28.80
N ARG E 371 -38.96 48.03 -28.70
CA ARG E 371 -39.29 48.73 -27.45
C ARG E 371 -39.58 47.81 -26.28
N LYS E 372 -39.79 46.52 -26.52
CA LYS E 372 -40.03 45.56 -25.44
C LYS E 372 -38.76 44.82 -25.05
N LEU E 373 -37.62 45.12 -25.67
CA LEU E 373 -36.42 44.32 -25.47
C LEU E 373 -35.94 44.46 -24.03
N ARG E 374 -35.76 43.33 -23.35
CA ARG E 374 -35.27 43.29 -21.98
C ARG E 374 -33.82 42.81 -21.87
N GLU E 375 -33.39 41.88 -22.72
CA GLU E 375 -32.02 41.39 -22.68
C GLU E 375 -31.44 41.41 -24.09
N LEU E 376 -30.23 41.96 -24.22
CA LEU E 376 -29.51 42.01 -25.50
C LEU E 376 -28.09 41.52 -25.25
N ASP E 377 -27.75 40.35 -25.79
CA ASP E 377 -26.45 39.71 -25.57
C ASP E 377 -25.66 39.75 -26.87
N LEU E 378 -24.56 40.51 -26.86
CA LEU E 378 -23.73 40.72 -28.03
C LEU E 378 -22.29 40.30 -27.76
N GLU E 379 -22.07 39.48 -26.74
CA GLU E 379 -20.72 39.07 -26.38
C GLU E 379 -20.00 38.42 -27.55
N GLU E 380 -18.71 38.72 -27.68
CA GLU E 380 -17.81 38.09 -28.67
C GLU E 380 -18.32 38.31 -30.09
N ASN E 381 -18.46 39.60 -30.43
CA ASN E 381 -18.62 40.01 -31.82
C ASN E 381 -17.44 40.89 -32.21
N LYS E 382 -17.60 41.78 -33.18
CA LYS E 382 -16.53 42.69 -33.60
C LYS E 382 -17.01 44.14 -33.55
N LEU E 383 -17.95 44.45 -32.66
CA LEU E 383 -18.63 45.73 -32.70
C LEU E 383 -17.67 46.89 -32.51
N GLU E 384 -17.73 47.87 -33.42
CA GLU E 384 -16.93 49.08 -33.31
C GLU E 384 -17.71 50.28 -32.80
N SER E 385 -19.03 50.21 -32.79
CA SER E 385 -19.88 51.30 -32.32
C SER E 385 -21.28 50.75 -32.10
N LEU E 386 -22.08 51.52 -31.38
CA LEU E 386 -23.50 51.28 -31.15
C LEU E 386 -24.30 52.42 -31.78
N PRO E 387 -25.49 52.16 -32.31
CA PRO E 387 -26.27 53.23 -32.91
C PRO E 387 -26.88 54.14 -31.85
N ASN E 388 -27.15 55.39 -32.24
CA ASN E 388 -27.78 56.32 -31.31
C ASN E 388 -29.14 55.83 -30.86
N GLU E 389 -29.81 55.05 -31.70
CA GLU E 389 -31.15 54.57 -31.41
C GLU E 389 -31.23 53.57 -30.26
N ILE E 390 -30.10 53.12 -29.72
CA ILE E 390 -30.17 52.28 -28.52
CA ILE E 390 -30.18 52.28 -28.53
C ILE E 390 -30.89 53.02 -27.39
N ALA E 391 -30.95 54.35 -27.46
CA ALA E 391 -31.64 55.15 -26.45
C ALA E 391 -33.12 54.81 -26.35
N TYR E 392 -33.70 54.19 -27.38
CA TYR E 392 -35.13 53.86 -27.38
C TYR E 392 -35.42 52.53 -26.70
N LEU E 393 -34.40 51.78 -26.24
CA LEU E 393 -34.59 50.48 -25.63
C LEU E 393 -34.92 50.66 -24.14
N LYS E 394 -36.10 51.23 -23.89
CA LYS E 394 -36.49 51.65 -22.54
C LYS E 394 -36.84 50.50 -21.62
N ASP E 395 -37.13 49.31 -22.15
CA ASP E 395 -37.31 48.14 -21.30
C ASP E 395 -36.03 47.35 -21.06
N LEU E 396 -34.90 47.76 -21.61
CA LEU E 396 -33.70 46.92 -21.53
C LEU E 396 -33.19 46.86 -20.10
N GLN E 397 -33.01 45.65 -19.59
CA GLN E 397 -32.45 45.43 -18.26
C GLN E 397 -31.03 44.86 -18.27
N LYS E 398 -30.66 44.11 -19.30
CA LYS E 398 -29.35 43.48 -19.38
C LYS E 398 -28.76 43.74 -20.75
N LEU E 399 -27.58 44.35 -20.79
CA LEU E 399 -26.88 44.62 -22.05
C LEU E 399 -25.48 44.03 -21.90
N VAL E 400 -25.16 43.03 -22.71
CA VAL E 400 -23.90 42.31 -22.62
C VAL E 400 -23.11 42.60 -23.89
N LEU E 401 -22.01 43.32 -23.74
CA LEU E 401 -21.15 43.73 -24.85
C LEU E 401 -19.71 43.25 -24.67
N THR E 402 -19.50 42.31 -23.76
CA THR E 402 -18.17 41.76 -23.46
C THR E 402 -17.46 41.29 -24.73
N ASN E 403 -16.17 41.60 -24.85
CA ASN E 403 -15.35 41.11 -25.95
C ASN E 403 -15.82 41.64 -27.31
N ASN E 404 -15.70 42.94 -27.50
CA ASN E 404 -15.98 43.60 -28.76
C ASN E 404 -14.88 44.63 -29.00
N GLN E 405 -15.08 45.55 -29.92
CA GLN E 405 -14.07 46.53 -30.27
CA GLN E 405 -14.06 46.54 -30.24
C GLN E 405 -14.58 47.95 -30.04
N LEU E 406 -15.46 48.14 -29.05
CA LEU E 406 -16.04 49.46 -28.81
C LEU E 406 -15.00 50.41 -28.25
N THR E 407 -14.92 51.62 -28.80
CA THR E 407 -14.04 52.65 -28.26
C THR E 407 -14.79 53.76 -27.55
N THR E 408 -16.04 54.04 -27.93
CA THR E 408 -16.90 54.94 -27.18
C THR E 408 -18.30 54.34 -27.12
N LEU E 409 -19.10 54.88 -26.23
CA LEU E 409 -20.53 54.59 -26.18
C LEU E 409 -21.31 55.83 -26.57
N PRO E 410 -22.48 55.67 -27.21
CA PRO E 410 -23.33 56.83 -27.49
C PRO E 410 -23.75 57.53 -26.21
N ARG E 411 -23.86 58.86 -26.28
CA ARG E 411 -24.39 59.60 -25.13
C ARG E 411 -25.80 59.14 -24.79
N GLY E 412 -26.55 58.63 -25.77
CA GLY E 412 -27.86 58.11 -25.47
C GLY E 412 -27.87 56.86 -24.60
N ILE E 413 -26.70 56.31 -24.26
CA ILE E 413 -26.68 55.13 -23.39
C ILE E 413 -27.36 55.44 -22.04
N GLY E 414 -27.29 56.68 -21.58
CA GLY E 414 -27.90 57.09 -20.33
C GLY E 414 -29.42 57.11 -20.34
N HIS E 415 -30.03 56.91 -21.51
CA HIS E 415 -31.48 56.80 -21.61
C HIS E 415 -31.96 55.40 -21.25
N LEU E 416 -31.06 54.46 -21.01
CA LEU E 416 -31.44 53.08 -20.66
C LEU E 416 -31.75 52.99 -19.16
N THR E 417 -32.84 53.63 -18.77
CA THR E 417 -33.11 53.81 -17.34
C THR E 417 -33.62 52.55 -16.63
N ASN E 418 -33.98 51.49 -17.35
CA ASN E 418 -34.28 50.20 -16.72
C ASN E 418 -33.06 49.30 -16.61
N LEU E 419 -31.90 49.75 -17.09
CA LEU E 419 -30.74 48.88 -17.18
C LEU E 419 -30.24 48.57 -15.77
N THR E 420 -30.07 47.28 -15.46
CA THR E 420 -29.46 46.85 -14.20
C THR E 420 -28.08 46.23 -14.38
N HIS E 421 -27.77 45.68 -15.57
CA HIS E 421 -26.52 44.94 -15.82
C HIS E 421 -25.90 45.45 -17.12
N LEU E 422 -24.69 45.99 -17.04
CA LEU E 422 -24.00 46.47 -18.24
C LEU E 422 -22.62 45.82 -18.31
N GLY E 423 -22.42 44.92 -19.28
CA GLY E 423 -21.15 44.23 -19.44
C GLY E 423 -20.30 44.87 -20.53
N LEU E 424 -19.22 45.55 -20.14
CA LEU E 424 -18.34 46.23 -21.09
C LEU E 424 -16.91 45.70 -21.03
N GLY E 425 -16.70 44.54 -20.42
CA GLY E 425 -15.36 43.98 -20.33
C GLY E 425 -14.79 43.68 -21.70
N GLU E 426 -13.45 43.73 -21.77
CA GLU E 426 -12.71 43.33 -22.97
C GLU E 426 -13.17 44.10 -24.20
N ASN E 427 -13.13 45.42 -24.10
CA ASN E 427 -13.39 46.30 -25.24
C ASN E 427 -12.19 47.24 -25.38
N LEU E 428 -12.38 48.31 -26.15
CA LEU E 428 -11.31 49.28 -26.39
C LEU E 428 -11.66 50.66 -25.83
N LEU E 429 -12.47 50.71 -24.79
CA LEU E 429 -13.07 51.96 -24.35
C LEU E 429 -12.01 52.94 -23.86
N THR E 430 -12.16 54.21 -24.25
CA THR E 430 -11.29 55.26 -23.72
C THR E 430 -11.94 56.06 -22.62
N HIS E 431 -13.27 56.09 -22.58
CA HIS E 431 -13.94 56.77 -21.50
C HIS E 431 -15.39 56.31 -21.49
N LEU E 432 -16.02 56.51 -20.35
CA LEU E 432 -17.46 56.38 -20.25
C LEU E 432 -18.11 57.75 -20.35
N PRO E 433 -19.25 57.86 -21.03
CA PRO E 433 -19.92 59.15 -21.13
C PRO E 433 -20.45 59.60 -19.78
N GLU E 434 -20.46 60.93 -19.57
CA GLU E 434 -21.07 61.47 -18.37
C GLU E 434 -22.54 61.09 -18.26
N GLU E 435 -23.20 60.76 -19.38
CA GLU E 435 -24.60 60.35 -19.33
C GLU E 435 -24.79 59.03 -18.58
N ILE E 436 -23.70 58.36 -18.19
CA ILE E 436 -23.83 57.16 -17.37
C ILE E 436 -24.59 57.47 -16.07
N GLY E 437 -24.54 58.72 -15.62
CA GLY E 437 -25.18 59.16 -14.38
C GLY E 437 -26.69 59.04 -14.34
N THR E 438 -27.37 58.88 -15.47
CA THR E 438 -28.82 58.74 -15.39
C THR E 438 -29.26 57.28 -15.40
N LEU E 439 -28.32 56.34 -15.37
CA LEU E 439 -28.68 54.93 -15.25
C LEU E 439 -29.00 54.64 -13.78
N GLU E 440 -30.17 55.10 -13.36
CA GLU E 440 -30.47 55.09 -11.92
C GLU E 440 -30.70 53.68 -11.40
N ASN E 441 -31.04 52.70 -12.26
CA ASN E 441 -31.22 51.33 -11.82
C ASN E 441 -30.00 50.45 -11.99
N LEU E 442 -28.87 51.00 -12.42
CA LEU E 442 -27.70 50.18 -12.67
C LEU E 442 -27.19 49.55 -11.37
N GLU E 443 -27.01 48.23 -11.39
CA GLU E 443 -26.51 47.46 -10.26
C GLU E 443 -25.15 46.83 -10.50
N GLU E 444 -24.87 46.39 -11.72
CA GLU E 444 -23.63 45.72 -12.07
C GLU E 444 -23.03 46.35 -13.31
N LEU E 445 -21.76 46.75 -13.20
CA LEU E 445 -21.01 47.40 -14.27
C LEU E 445 -19.67 46.69 -14.40
N TYR E 446 -19.44 46.00 -15.52
CA TYR E 446 -18.19 45.29 -15.74
C TYR E 446 -17.34 46.06 -16.75
N LEU E 447 -16.18 46.53 -16.31
CA LEU E 447 -15.27 47.28 -17.15
C LEU E 447 -13.90 46.61 -17.30
N ASN E 448 -13.74 45.40 -16.76
CA ASN E 448 -12.44 44.76 -16.71
C ASN E 448 -11.83 44.62 -18.11
N ASP E 449 -10.50 44.63 -18.14
CA ASP E 449 -9.75 44.36 -19.37
C ASP E 449 -10.11 45.36 -20.46
N ASN E 450 -10.13 46.62 -20.08
CA ASN E 450 -10.21 47.71 -21.05
C ASN E 450 -8.90 48.47 -20.98
N PRO E 451 -7.91 48.13 -21.81
CA PRO E 451 -6.55 48.65 -21.61
C PRO E 451 -6.38 50.12 -21.97
N ASN E 452 -7.37 50.75 -22.62
CA ASN E 452 -7.34 52.19 -22.90
C ASN E 452 -8.21 52.99 -21.94
N LEU E 453 -8.83 52.37 -20.95
CA LEU E 453 -9.74 53.10 -20.06
C LEU E 453 -8.92 53.77 -18.97
N HIS E 454 -8.64 55.07 -19.14
CA HIS E 454 -7.73 55.76 -18.23
C HIS E 454 -8.43 56.68 -17.25
N SER E 455 -9.74 56.85 -17.38
CA SER E 455 -10.50 57.75 -16.53
CA SER E 455 -10.49 57.71 -16.49
C SER E 455 -11.91 57.19 -16.36
N LEU E 456 -12.61 57.71 -15.35
CA LEU E 456 -14.00 57.39 -15.08
C LEU E 456 -14.67 58.72 -14.75
N PRO E 457 -15.91 58.90 -15.17
CA PRO E 457 -16.57 60.19 -14.97
C PRO E 457 -17.12 60.32 -13.57
N PHE E 458 -17.17 61.57 -13.08
CA PHE E 458 -17.81 61.86 -11.80
C PHE E 458 -19.19 61.22 -11.71
N GLU E 459 -19.95 61.30 -12.80
CA GLU E 459 -21.36 60.88 -12.80
C GLU E 459 -21.53 59.40 -12.50
N LEU E 460 -20.46 58.60 -12.59
CA LEU E 460 -20.53 57.24 -12.09
C LEU E 460 -20.95 57.21 -10.62
N ALA E 461 -20.57 58.23 -9.85
CA ALA E 461 -20.96 58.26 -8.44
C ALA E 461 -22.45 58.49 -8.24
N LEU E 462 -23.18 58.89 -9.28
CA LEU E 462 -24.62 59.11 -9.17
C LEU E 462 -25.43 57.84 -9.35
N CYS E 463 -24.81 56.73 -9.75
CA CYS E 463 -25.50 55.44 -9.89
C CYS E 463 -25.61 54.82 -8.50
N SER E 464 -26.67 55.17 -7.78
CA SER E 464 -26.72 54.88 -6.35
C SER E 464 -26.99 53.42 -6.04
N LYS E 465 -27.50 52.65 -7.00
CA LYS E 465 -27.74 51.23 -6.79
C LYS E 465 -26.57 50.35 -7.22
N LEU E 466 -25.48 50.97 -7.65
CA LEU E 466 -24.38 50.20 -8.20
C LEU E 466 -23.69 49.44 -7.08
N SER E 467 -23.73 48.11 -7.15
CA SER E 467 -23.19 47.29 -6.10
C SER E 467 -22.01 46.44 -6.54
N ILE E 468 -21.81 46.26 -7.84
CA ILE E 468 -20.68 45.50 -8.37
C ILE E 468 -20.08 46.32 -9.49
N MET E 469 -18.79 46.61 -9.40
CA MET E 469 -18.06 47.25 -10.48
C MET E 469 -16.69 46.61 -10.61
N SER E 470 -16.41 46.00 -11.76
CA SER E 470 -15.11 45.37 -11.99
C SER E 470 -14.24 46.27 -12.85
N ILE E 471 -13.00 46.50 -12.43
CA ILE E 471 -12.10 47.36 -13.18
C ILE E 471 -10.73 46.72 -13.27
N GLU E 472 -10.65 45.40 -13.13
CA GLU E 472 -9.37 44.70 -13.22
C GLU E 472 -8.76 44.93 -14.59
N ASN E 473 -7.44 45.13 -14.62
CA ASN E 473 -6.70 45.37 -15.85
C ASN E 473 -7.22 46.58 -16.61
N CYS E 474 -7.67 47.60 -15.88
CA CYS E 474 -7.90 48.91 -16.45
C CYS E 474 -6.84 49.84 -15.89
N PRO E 475 -6.08 50.55 -16.73
CA PRO E 475 -4.98 51.34 -16.16
C PRO E 475 -5.45 52.50 -15.28
N LEU E 476 -6.51 53.22 -15.69
CA LEU E 476 -7.07 54.31 -14.87
C LEU E 476 -6.00 55.32 -14.45
N SER E 477 -5.06 55.60 -15.35
CA SER E 477 -3.88 56.39 -15.00
C SER E 477 -4.19 57.86 -14.72
N HIS E 478 -5.38 58.34 -15.08
CA HIS E 478 -5.74 59.71 -14.75
C HIS E 478 -6.27 59.87 -13.32
N LEU E 479 -6.46 58.78 -12.59
CA LEU E 479 -6.77 58.78 -11.17
C LEU E 479 -5.47 58.59 -10.37
N PRO E 480 -5.37 59.16 -9.16
CA PRO E 480 -4.17 58.94 -8.34
C PRO E 480 -3.95 57.46 -8.08
N PRO E 481 -2.70 57.00 -8.13
CA PRO E 481 -2.43 55.57 -7.94
C PRO E 481 -2.96 55.04 -6.60
N GLN E 482 -2.90 55.84 -5.53
CA GLN E 482 -3.40 55.31 -4.26
C GLN E 482 -4.91 55.21 -4.26
N ILE E 483 -5.59 56.02 -5.07
CA ILE E 483 -7.04 55.87 -5.17
C ILE E 483 -7.39 54.55 -5.84
N VAL E 484 -6.80 54.28 -7.02
CA VAL E 484 -7.24 53.07 -7.71
C VAL E 484 -6.81 51.83 -6.96
N ALA E 485 -5.71 51.89 -6.20
CA ALA E 485 -5.29 50.76 -5.38
C ALA E 485 -6.28 50.46 -4.25
N GLY E 486 -7.17 51.39 -3.94
CA GLY E 486 -8.23 51.09 -2.99
C GLY E 486 -9.39 50.29 -3.56
N GLY E 487 -9.43 50.10 -4.87
CA GLY E 487 -10.50 49.36 -5.48
C GLY E 487 -11.72 50.20 -5.81
N PRO E 488 -12.75 49.55 -6.33
CA PRO E 488 -13.90 50.29 -6.90
C PRO E 488 -14.65 51.20 -5.92
N SER E 489 -14.93 50.73 -4.70
CA SER E 489 -15.64 51.57 -3.75
C SER E 489 -14.85 52.83 -3.41
N PHE E 490 -13.55 52.68 -3.22
CA PHE E 490 -12.68 53.81 -2.93
C PHE E 490 -12.58 54.76 -4.13
N ILE E 491 -12.55 54.21 -5.35
CA ILE E 491 -12.58 55.05 -6.54
C ILE E 491 -13.86 55.89 -6.57
N ILE E 492 -15.00 55.24 -6.34
CA ILE E 492 -16.27 55.95 -6.49
C ILE E 492 -16.41 57.02 -5.40
N GLN E 493 -15.93 56.72 -4.20
CA GLN E 493 -15.94 57.73 -3.14
C GLN E 493 -15.05 58.92 -3.50
N PHE E 494 -13.89 58.65 -4.11
CA PHE E 494 -13.02 59.72 -4.58
C PHE E 494 -13.75 60.59 -5.60
N LEU E 495 -14.37 59.96 -6.60
CA LEU E 495 -15.11 60.70 -7.62
C LEU E 495 -16.19 61.56 -6.98
N LYS E 496 -16.92 60.99 -6.02
CA LYS E 496 -17.99 61.72 -5.33
C LYS E 496 -17.44 62.96 -4.62
N MET E 497 -16.27 62.85 -3.98
CA MET E 497 -15.70 64.00 -3.27
C MET E 497 -15.18 65.05 -4.24
N GLN E 498 -14.52 64.62 -5.32
CA GLN E 498 -13.94 65.60 -6.25
C GLN E 498 -15.01 66.40 -6.99
N GLY E 499 -16.17 65.80 -7.24
CA GLY E 499 -17.22 66.49 -7.97
C GLY E 499 -16.88 66.61 -9.45
N PRO E 500 -17.73 67.33 -10.19
CA PRO E 500 -17.58 67.37 -11.65
C PRO E 500 -16.67 68.44 -12.20
N TYR E 501 -16.15 69.35 -11.37
CA TYR E 501 -15.32 70.43 -11.91
C TYR E 501 -14.08 69.87 -12.59
N ARG E 502 -13.73 70.43 -13.75
CA ARG E 502 -12.52 70.05 -14.47
C ARG E 502 -11.79 71.31 -14.89
N ALA E 503 -10.57 71.46 -14.39
CA ALA E 503 -9.74 72.60 -14.77
C ALA E 503 -9.23 72.41 -16.20
N MET E 504 -9.39 73.44 -17.02
CA MET E 504 -8.86 73.45 -18.38
C MET E 504 -7.43 73.95 -18.33
N VAL E 505 -6.49 73.19 -18.90
CA VAL E 505 -5.12 73.69 -19.00
C VAL E 505 -4.49 73.34 -20.36
N ASN F 2 -19.69 13.48 -38.28
CA ASN F 2 -19.94 13.20 -36.87
C ASN F 2 -18.96 12.12 -36.36
N ALA F 3 -18.18 11.54 -37.27
CA ALA F 3 -17.20 10.52 -36.91
C ALA F 3 -15.94 11.18 -36.35
N LEU F 4 -15.46 10.69 -35.21
CA LEU F 4 -14.28 11.21 -34.56
C LEU F 4 -13.12 10.26 -34.77
N ASN F 5 -12.00 10.78 -35.26
CA ASN F 5 -10.82 9.94 -35.51
C ASN F 5 -10.06 9.81 -34.20
N LEU F 6 -10.53 8.88 -33.38
CA LEU F 6 -10.03 8.71 -32.02
C LEU F 6 -8.60 8.21 -31.99
N ASP F 7 -8.28 7.22 -32.83
CA ASP F 7 -6.95 6.62 -32.77
C ASP F 7 -5.86 7.61 -33.20
N SER F 8 -6.14 8.43 -34.20
CA SER F 8 -5.20 9.48 -34.58
C SER F 8 -4.95 10.45 -33.42
N ILE F 9 -6.02 10.84 -32.71
CA ILE F 9 -5.90 11.75 -31.56
C ILE F 9 -5.05 11.11 -30.47
N ILE F 10 -5.39 9.88 -30.09
CA ILE F 10 -4.67 9.20 -29.01
C ILE F 10 -3.21 9.01 -29.40
N GLY F 11 -2.96 8.69 -30.67
CA GLY F 11 -1.59 8.48 -31.11
C GLY F 11 -0.75 9.72 -30.92
N ARG F 12 -1.31 10.88 -31.26
CA ARG F 12 -0.57 12.13 -31.14
C ARG F 12 -0.43 12.56 -29.70
N LEU F 13 -1.40 12.22 -28.84
CA LEU F 13 -1.26 12.53 -27.43
C LEU F 13 -0.14 11.71 -26.81
N LEU F 14 -0.02 10.44 -27.22
CA LEU F 14 0.99 9.55 -26.67
C LEU F 14 2.36 9.70 -27.34
N GLU F 15 2.41 10.44 -28.45
CA GLU F 15 3.66 10.67 -29.19
C GLU F 15 4.72 11.31 -28.30
N VAL F 16 4.32 12.25 -27.44
CA VAL F 16 5.28 13.01 -26.66
C VAL F 16 5.80 12.24 -25.46
N GLN F 17 5.41 10.99 -25.31
CA GLN F 17 5.92 10.15 -24.22
C GLN F 17 7.43 10.03 -24.34
N GLY F 18 8.13 10.25 -23.23
CA GLY F 18 9.58 10.24 -23.23
C GLY F 18 10.22 11.56 -23.61
N SER F 19 9.46 12.53 -24.09
CA SER F 19 10.02 13.85 -24.32
C SER F 19 10.25 14.57 -22.99
N ARG F 20 10.83 15.75 -23.07
CA ARG F 20 11.00 16.57 -21.87
C ARG F 20 9.64 17.14 -21.45
N PRO F 21 9.29 17.05 -20.16
CA PRO F 21 7.99 17.59 -19.71
C PRO F 21 7.75 19.01 -20.19
N GLY F 22 6.50 19.30 -20.52
CA GLY F 22 6.11 20.58 -21.06
C GLY F 22 5.92 20.62 -22.56
N LYS F 23 6.35 19.57 -23.28
CA LYS F 23 6.17 19.52 -24.73
C LYS F 23 4.68 19.35 -25.05
N ASN F 24 4.15 20.25 -25.88
CA ASN F 24 2.72 20.31 -26.13
C ASN F 24 2.30 19.36 -27.24
N VAL F 25 1.04 18.95 -27.20
CA VAL F 25 0.38 18.24 -28.29
C VAL F 25 -0.59 19.21 -28.94
N GLN F 26 -0.59 19.27 -30.26
CA GLN F 26 -1.41 20.24 -30.98
CA GLN F 26 -1.41 20.25 -30.98
C GLN F 26 -2.56 19.51 -31.65
N LEU F 27 -3.64 19.30 -30.89
CA LEU F 27 -4.87 18.86 -31.51
C LEU F 27 -5.56 20.05 -32.17
N THR F 28 -6.47 19.77 -33.12
CA THR F 28 -7.26 20.87 -33.66
C THR F 28 -8.44 21.19 -32.75
N GLU F 29 -8.95 22.42 -32.89
CA GLU F 29 -10.16 22.80 -32.17
C GLU F 29 -11.30 21.82 -32.44
N ASN F 30 -11.47 21.42 -33.71
CA ASN F 30 -12.52 20.47 -34.07
C ASN F 30 -12.34 19.13 -33.36
N GLU F 31 -11.09 18.65 -33.29
CA GLU F 31 -10.82 17.39 -32.60
C GLU F 31 -11.17 17.51 -31.12
N ILE F 32 -10.82 18.62 -30.48
CA ILE F 32 -11.05 18.74 -29.04
C ILE F 32 -12.53 18.88 -28.77
N ARG F 33 -13.24 19.69 -29.59
CA ARG F 33 -14.69 19.76 -29.46
CA ARG F 33 -14.69 19.75 -29.47
C ARG F 33 -15.30 18.37 -29.59
N GLY F 34 -14.79 17.56 -30.52
CA GLY F 34 -15.31 16.21 -30.69
C GLY F 34 -15.11 15.34 -29.46
N LEU F 35 -13.94 15.43 -28.82
CA LEU F 35 -13.74 14.74 -27.55
C LEU F 35 -14.79 15.17 -26.53
N CYS F 36 -15.03 16.48 -26.41
CA CYS F 36 -16.00 16.99 -25.45
C CYS F 36 -17.40 16.47 -25.76
N LEU F 37 -17.82 16.54 -27.03
CA LEU F 37 -19.18 16.16 -27.40
C LEU F 37 -19.42 14.66 -27.29
N LYS F 38 -18.45 13.84 -27.71
CA LYS F 38 -18.65 12.39 -27.64
C LYS F 38 -18.55 11.88 -26.20
N SER F 39 -17.70 12.49 -25.39
CA SER F 39 -17.60 12.04 -24.01
C SER F 39 -18.82 12.49 -23.20
N ARG F 40 -19.28 13.73 -23.44
CA ARG F 40 -20.46 14.25 -22.74
C ARG F 40 -21.64 13.30 -22.90
N GLU F 41 -21.94 12.88 -24.13
CA GLU F 41 -23.08 12.01 -24.32
C GLU F 41 -22.85 10.65 -23.67
N ILE F 42 -21.59 10.21 -23.54
CA ILE F 42 -21.36 8.94 -22.86
C ILE F 42 -21.55 9.09 -21.36
N PHE F 43 -21.08 10.20 -20.77
CA PHE F 43 -21.34 10.44 -19.35
C PHE F 43 -22.84 10.41 -19.05
N LEU F 44 -23.63 11.06 -19.90
CA LEU F 44 -25.08 11.08 -19.67
C LEU F 44 -25.74 9.72 -19.93
N SER F 45 -25.05 8.80 -20.59
CA SER F 45 -25.60 7.47 -20.81
C SER F 45 -25.23 6.51 -19.69
N GLN F 46 -24.46 6.95 -18.72
CA GLN F 46 -24.07 6.11 -17.59
C GLN F 46 -24.56 6.75 -16.30
N PRO F 47 -24.71 5.97 -15.23
CA PRO F 47 -25.26 6.53 -13.99
C PRO F 47 -24.35 7.60 -13.40
N ILE F 48 -24.97 8.50 -12.64
CA ILE F 48 -24.22 9.51 -11.90
C ILE F 48 -23.58 8.93 -10.66
N LEU F 49 -24.11 7.81 -10.17
CA LEU F 49 -23.50 7.02 -9.09
C LEU F 49 -23.07 5.71 -9.76
N LEU F 50 -21.78 5.61 -10.09
CA LEU F 50 -21.30 4.44 -10.82
C LEU F 50 -21.22 3.25 -9.89
N GLU F 51 -21.58 2.06 -10.41
CA GLU F 51 -21.42 0.79 -9.69
C GLU F 51 -20.38 -0.03 -10.46
N LEU F 52 -19.18 -0.14 -9.92
CA LEU F 52 -18.04 -0.64 -10.66
C LEU F 52 -17.56 -1.95 -10.04
N GLU F 53 -16.84 -2.74 -10.82
CA GLU F 53 -16.32 -4.02 -10.37
C GLU F 53 -14.80 -4.02 -10.37
N ALA F 54 -14.20 -4.61 -9.34
CA ALA F 54 -12.76 -4.82 -9.38
C ALA F 54 -12.43 -5.98 -10.30
N PRO F 55 -11.17 -6.09 -10.79
CA PRO F 55 -9.98 -5.27 -10.55
C PRO F 55 -10.01 -3.93 -11.26
N LEU F 56 -9.42 -2.93 -10.63
CA LEU F 56 -9.26 -1.63 -11.27
C LEU F 56 -8.25 -0.82 -10.47
N LYS F 57 -7.75 0.23 -11.11
CA LYS F 57 -6.77 1.13 -10.54
C LYS F 57 -7.42 2.50 -10.36
N ILE F 58 -7.20 3.08 -9.19
CA ILE F 58 -7.84 4.32 -8.78
C ILE F 58 -6.75 5.36 -8.56
N CYS F 59 -6.95 6.54 -9.14
CA CYS F 59 -6.01 7.66 -9.13
C CYS F 59 -6.67 8.90 -8.59
N GLY F 60 -5.90 9.69 -7.86
CA GLY F 60 -6.33 10.98 -7.36
C GLY F 60 -5.99 12.10 -8.32
N ASP F 61 -5.84 13.32 -7.78
CA ASP F 61 -5.73 14.53 -8.58
C ASP F 61 -4.58 14.46 -9.58
N ILE F 62 -4.79 15.04 -10.75
CA ILE F 62 -3.75 15.21 -11.75
C ILE F 62 -3.38 16.67 -11.94
N HIS F 63 -4.38 17.56 -11.96
CA HIS F 63 -4.18 19.00 -12.11
C HIS F 63 -3.23 19.36 -13.25
N GLY F 64 -3.53 18.81 -14.43
CA GLY F 64 -2.82 19.23 -15.62
C GLY F 64 -1.36 18.85 -15.69
N GLN F 65 -0.90 17.98 -14.79
CA GLN F 65 0.50 17.52 -14.81
C GLN F 65 0.58 16.34 -15.77
N TYR F 66 0.54 16.68 -17.06
CA TYR F 66 0.30 15.68 -18.11
C TYR F 66 1.37 14.60 -18.14
N TYR F 67 2.63 14.97 -17.94
CA TYR F 67 3.65 13.93 -17.99
C TYR F 67 3.60 13.01 -16.78
N ASP F 68 3.04 13.46 -15.66
CA ASP F 68 2.77 12.53 -14.55
C ASP F 68 1.59 11.62 -14.86
N LEU F 69 0.60 12.09 -15.61
CA LEU F 69 -0.45 11.17 -16.07
C LEU F 69 0.15 10.06 -16.94
N LEU F 70 1.05 10.42 -17.87
CA LEU F 70 1.71 9.38 -18.66
C LEU F 70 2.48 8.40 -17.77
N ARG F 71 3.14 8.89 -16.71
CA ARG F 71 3.89 7.99 -15.82
C ARG F 71 2.96 7.04 -15.08
N LEU F 72 1.77 7.53 -14.70
CA LEU F 72 0.79 6.67 -14.05
C LEU F 72 0.40 5.51 -14.96
N PHE F 73 0.12 5.80 -16.23
CA PHE F 73 -0.24 4.75 -17.16
C PHE F 73 0.94 3.82 -17.44
N GLU F 74 2.15 4.36 -17.44
CA GLU F 74 3.32 3.50 -17.54
C GLU F 74 3.38 2.51 -16.38
N TYR F 75 3.10 2.99 -15.15
CA TYR F 75 3.10 2.11 -13.98
C TYR F 75 1.92 1.15 -14.00
N GLY F 76 0.72 1.64 -14.31
CA GLY F 76 -0.46 0.80 -14.15
C GLY F 76 -0.82 0.00 -15.38
N GLY F 77 -0.28 0.39 -16.53
CA GLY F 77 -0.67 -0.21 -17.79
C GLY F 77 -1.57 0.74 -18.58
N PHE F 78 -1.27 0.94 -19.89
CA PHE F 78 -2.12 1.86 -20.64
C PHE F 78 -3.44 1.17 -20.97
N PRO F 79 -4.55 1.90 -20.97
CA PRO F 79 -5.83 1.31 -21.38
C PRO F 79 -5.69 0.65 -22.74
N PRO F 80 -6.35 -0.50 -22.95
CA PRO F 80 -7.24 -1.16 -22.00
C PRO F 80 -6.56 -2.25 -21.16
N GLU F 81 -5.25 -2.17 -20.97
CA GLU F 81 -4.54 -3.19 -20.20
C GLU F 81 -5.08 -3.29 -18.78
N SER F 82 -5.47 -2.17 -18.19
CA SER F 82 -6.10 -2.13 -16.88
C SER F 82 -7.32 -1.22 -16.95
N ASN F 83 -8.26 -1.44 -16.03
CA ASN F 83 -9.40 -0.54 -15.84
C ASN F 83 -9.02 0.57 -14.86
N TYR F 84 -9.58 1.76 -15.08
CA TYR F 84 -9.21 2.95 -14.33
C TYR F 84 -10.45 3.68 -13.83
N LEU F 85 -10.33 4.21 -12.61
CA LEU F 85 -11.22 5.22 -12.08
C LEU F 85 -10.36 6.39 -11.61
N PHE F 86 -10.64 7.57 -12.11
CA PHE F 86 -10.02 8.77 -11.59
C PHE F 86 -11.03 9.53 -10.75
N LEU F 87 -10.51 10.23 -9.73
CA LEU F 87 -11.36 10.89 -8.75
C LEU F 87 -11.52 12.40 -8.94
N GLY F 88 -11.21 12.95 -10.11
CA GLY F 88 -11.50 14.35 -10.34
C GLY F 88 -10.24 15.22 -10.35
N ASP F 89 -10.48 16.49 -10.66
CA ASP F 89 -9.45 17.53 -10.66
C ASP F 89 -8.38 17.25 -11.70
N TYR F 90 -8.84 17.24 -12.94
CA TYR F 90 -7.98 16.99 -14.09
C TYR F 90 -7.26 18.24 -14.55
N VAL F 91 -7.86 19.41 -14.35
CA VAL F 91 -7.36 20.66 -14.91
C VAL F 91 -7.01 21.61 -13.76
N ASP F 92 -6.44 22.75 -14.15
CA ASP F 92 -5.97 23.85 -13.29
C ASP F 92 -4.62 23.55 -12.62
N ARG F 93 -3.86 24.62 -12.36
CA ARG F 93 -2.63 24.68 -11.58
C ARG F 93 -1.45 24.15 -12.38
N GLY F 94 -1.54 22.96 -12.95
CA GLY F 94 -0.48 22.43 -13.78
C GLY F 94 -0.33 23.23 -15.08
N LYS F 95 0.58 22.76 -15.92
CA LYS F 95 0.93 23.47 -17.14
C LYS F 95 0.23 22.93 -18.38
N GLN F 96 -0.29 21.70 -18.35
CA GLN F 96 -0.86 21.09 -19.55
C GLN F 96 -2.21 20.46 -19.22
N SER F 97 -3.15 21.30 -18.76
CA SER F 97 -4.50 20.83 -18.51
C SER F 97 -5.13 20.27 -19.77
N LEU F 98 -4.92 20.95 -20.92
CA LEU F 98 -5.58 20.51 -22.14
C LEU F 98 -5.15 19.10 -22.51
N GLU F 99 -3.83 18.83 -22.54
CA GLU F 99 -3.37 17.49 -22.87
C GLU F 99 -3.93 16.47 -21.89
N THR F 100 -3.94 16.83 -20.60
CA THR F 100 -4.43 15.93 -19.56
C THR F 100 -5.90 15.56 -19.80
N ILE F 101 -6.79 16.56 -19.90
CA ILE F 101 -8.21 16.21 -20.05
C ILE F 101 -8.47 15.60 -21.42
N CYS F 102 -7.71 16.00 -22.46
CA CYS F 102 -7.95 15.42 -23.78
C CYS F 102 -7.65 13.92 -23.79
N LEU F 103 -6.53 13.49 -23.19
CA LEU F 103 -6.24 12.06 -23.16
C LEU F 103 -7.26 11.31 -22.32
N LEU F 104 -7.66 11.88 -21.18
CA LEU F 104 -8.67 11.23 -20.35
C LEU F 104 -10.00 11.09 -21.09
N LEU F 105 -10.47 12.16 -21.73
CA LEU F 105 -11.72 12.03 -22.48
C LEU F 105 -11.57 11.04 -23.63
N ALA F 106 -10.43 11.04 -24.31
CA ALA F 106 -10.24 10.12 -25.42
C ALA F 106 -10.37 8.67 -24.97
N TYR F 107 -9.69 8.32 -23.86
CA TYR F 107 -9.80 6.96 -23.32
C TYR F 107 -11.24 6.64 -22.87
N LYS F 108 -11.92 7.62 -22.28
CA LYS F 108 -13.32 7.41 -21.92
C LYS F 108 -14.14 7.04 -23.14
N ILE F 109 -13.93 7.74 -24.27
CA ILE F 109 -14.69 7.45 -25.47
C ILE F 109 -14.27 6.11 -26.04
N LYS F 110 -12.97 5.82 -26.00
CA LYS F 110 -12.48 4.59 -26.62
C LYS F 110 -12.86 3.35 -25.82
N TYR F 111 -12.88 3.44 -24.48
CA TYR F 111 -13.11 2.28 -23.61
C TYR F 111 -14.16 2.63 -22.55
N PRO F 112 -15.40 2.91 -22.97
CA PRO F 112 -16.37 3.51 -22.03
C PRO F 112 -16.80 2.59 -20.91
N GLU F 113 -16.59 1.28 -21.03
CA GLU F 113 -16.97 0.34 -19.98
C GLU F 113 -15.80 -0.02 -19.06
N ASN F 114 -14.59 0.50 -19.32
CA ASN F 114 -13.39 0.12 -18.60
C ASN F 114 -12.61 1.31 -18.09
N PHE F 115 -13.15 2.52 -18.22
CA PHE F 115 -12.41 3.74 -17.94
C PHE F 115 -13.42 4.75 -17.44
N PHE F 116 -13.21 5.31 -16.25
CA PHE F 116 -14.21 6.14 -15.60
C PHE F 116 -13.55 7.35 -14.98
N LEU F 117 -14.27 8.47 -15.04
CA LEU F 117 -13.81 9.77 -14.56
C LEU F 117 -14.88 10.31 -13.65
N LEU F 118 -14.51 10.68 -12.42
CA LEU F 118 -15.44 11.40 -11.56
C LEU F 118 -15.18 12.90 -11.65
N ARG F 119 -16.13 13.68 -11.15
CA ARG F 119 -16.02 15.14 -11.14
C ARG F 119 -15.26 15.60 -9.90
N GLY F 120 -14.28 16.48 -10.09
CA GLY F 120 -13.64 17.17 -8.97
C GLY F 120 -14.18 18.59 -8.86
N ASN F 121 -13.80 19.27 -7.78
CA ASN F 121 -14.28 20.64 -7.64
C ASN F 121 -13.69 21.57 -8.69
N HIS F 122 -12.60 21.16 -9.36
CA HIS F 122 -12.06 21.97 -10.43
C HIS F 122 -12.73 21.74 -11.78
N GLU F 123 -13.60 20.73 -11.90
CA GLU F 123 -14.38 20.54 -13.12
C GLU F 123 -15.69 21.34 -13.03
N CYS F 124 -15.49 22.64 -12.93
CA CYS F 124 -16.55 23.58 -12.58
C CYS F 124 -16.10 24.95 -13.08
N ALA F 125 -16.94 25.59 -13.91
CA ALA F 125 -16.51 26.80 -14.61
C ALA F 125 -16.03 27.88 -13.64
N SER F 126 -16.76 28.09 -12.53
CA SER F 126 -16.39 29.22 -11.67
C SER F 126 -15.02 29.02 -11.02
N ILE F 127 -14.60 27.78 -10.83
CA ILE F 127 -13.30 27.50 -10.25
C ILE F 127 -12.20 27.51 -11.31
N ASN F 128 -12.40 26.80 -12.42
CA ASN F 128 -11.30 26.71 -13.37
C ASN F 128 -11.21 27.97 -14.25
N ARG F 129 -12.13 28.91 -14.07
CA ARG F 129 -11.94 30.27 -14.58
C ARG F 129 -10.76 30.95 -13.89
N ILE F 130 -10.57 30.66 -12.60
CA ILE F 130 -9.59 31.34 -11.77
C ILE F 130 -8.24 30.62 -11.79
N TYR F 131 -8.21 29.28 -11.78
CA TYR F 131 -6.97 28.57 -11.47
C TYR F 131 -6.24 28.04 -12.70
N GLY F 132 -6.60 28.47 -13.90
CA GLY F 132 -5.69 28.26 -15.01
C GLY F 132 -6.29 27.71 -16.28
N PHE F 133 -7.37 26.94 -16.18
CA PHE F 133 -7.86 26.25 -17.38
C PHE F 133 -8.43 27.25 -18.38
N TYR F 134 -9.20 28.23 -17.90
CA TYR F 134 -9.69 29.29 -18.78
C TYR F 134 -8.53 29.95 -19.53
N ASP F 135 -7.50 30.37 -18.78
CA ASP F 135 -6.35 31.04 -19.39
C ASP F 135 -5.67 30.16 -20.42
N GLU F 136 -5.56 28.87 -20.14
CA GLU F 136 -4.93 27.95 -21.09
C GLU F 136 -5.78 27.81 -22.35
N CYS F 137 -7.08 27.59 -22.18
CA CYS F 137 -7.98 27.55 -23.34
C CYS F 137 -7.90 28.83 -24.15
N LYS F 138 -7.92 29.97 -23.47
CA LYS F 138 -7.87 31.25 -24.18
C LYS F 138 -6.56 31.38 -24.96
N ARG F 139 -5.44 31.03 -24.31
CA ARG F 139 -4.14 31.20 -24.94
C ARG F 139 -3.96 30.30 -26.15
N ARG F 140 -4.38 29.04 -26.06
CA ARG F 140 -4.09 28.07 -27.10
C ARG F 140 -5.25 27.85 -28.08
N TYR F 141 -6.48 28.14 -27.68
CA TYR F 141 -7.58 27.96 -28.59
C TYR F 141 -8.49 29.18 -28.48
N ASN F 142 -9.66 29.05 -27.88
CA ASN F 142 -10.49 30.23 -27.62
C ASN F 142 -11.42 29.93 -26.46
N ILE F 143 -12.16 30.96 -26.03
CA ILE F 143 -13.01 30.78 -24.86
C ILE F 143 -14.26 29.99 -25.18
N LYS F 144 -14.69 29.99 -26.45
CA LYS F 144 -15.76 29.09 -26.87
C LYS F 144 -15.43 27.63 -26.57
N LEU F 145 -14.18 27.22 -26.80
CA LEU F 145 -13.78 25.86 -26.46
C LEU F 145 -13.85 25.62 -24.94
N TRP F 146 -13.47 26.62 -24.14
CA TRP F 146 -13.59 26.49 -22.69
C TRP F 146 -15.02 26.27 -22.26
N LYS F 147 -15.98 26.96 -22.90
CA LYS F 147 -17.40 26.73 -22.60
C LYS F 147 -17.86 25.35 -23.04
N THR F 148 -17.29 24.82 -24.12
CA THR F 148 -17.60 23.46 -24.54
C THR F 148 -17.12 22.46 -23.49
N PHE F 149 -15.93 22.68 -22.95
CA PHE F 149 -15.47 21.86 -21.83
C PHE F 149 -16.44 21.93 -20.65
N THR F 150 -16.96 23.13 -20.36
CA THR F 150 -17.89 23.30 -19.25
C THR F 150 -19.15 22.45 -19.44
N ASP F 151 -19.73 22.49 -20.64
CA ASP F 151 -20.88 21.63 -20.94
C ASP F 151 -20.56 20.17 -20.64
N CYS F 152 -19.36 19.74 -20.99
CA CYS F 152 -18.95 18.37 -20.77
C CYS F 152 -18.79 18.07 -19.27
N PHE F 153 -18.03 18.91 -18.56
CA PHE F 153 -17.79 18.72 -17.12
C PHE F 153 -19.09 18.69 -16.33
N ASN F 154 -20.09 19.47 -16.76
CA ASN F 154 -21.36 19.54 -16.05
C ASN F 154 -22.13 18.22 -16.13
N CYS F 155 -21.66 17.27 -16.95
CA CYS F 155 -22.26 15.95 -17.07
C CYS F 155 -21.46 14.82 -16.39
N LEU F 156 -20.33 15.11 -15.76
CA LEU F 156 -19.51 14.04 -15.19
C LEU F 156 -20.25 13.34 -14.05
N PRO F 157 -20.05 12.03 -13.87
CA PRO F 157 -20.56 11.38 -12.66
C PRO F 157 -19.88 11.90 -11.41
N ILE F 158 -20.53 11.69 -10.26
CA ILE F 158 -20.13 12.32 -9.00
C ILE F 158 -19.52 11.33 -8.02
N ALA F 159 -19.92 10.06 -8.07
CA ALA F 159 -19.43 9.12 -7.08
C ALA F 159 -19.46 7.74 -7.70
N ALA F 160 -18.75 6.81 -7.05
CA ALA F 160 -18.75 5.42 -7.50
C ALA F 160 -18.74 4.51 -6.27
N ILE F 161 -19.30 3.32 -6.42
CA ILE F 161 -19.17 2.28 -5.41
C ILE F 161 -18.57 1.05 -6.09
N VAL F 162 -17.42 0.59 -5.59
CA VAL F 162 -16.72 -0.56 -6.17
C VAL F 162 -17.11 -1.81 -5.39
N ASP F 163 -17.73 -2.77 -6.08
CA ASP F 163 -18.12 -4.07 -5.54
C ASP F 163 -18.82 -3.95 -4.17
N GLU F 164 -19.77 -3.03 -4.13
CA GLU F 164 -20.64 -2.77 -2.98
C GLU F 164 -19.89 -2.28 -1.73
N LYS F 165 -18.59 -2.06 -1.79
CA LYS F 165 -17.84 -1.89 -0.56
C LYS F 165 -16.96 -0.65 -0.48
N ILE F 166 -16.53 -0.07 -1.60
CA ILE F 166 -15.66 1.09 -1.57
C ILE F 166 -16.43 2.26 -2.20
N PHE F 167 -16.71 3.28 -1.39
CA PHE F 167 -17.41 4.47 -1.85
C PHE F 167 -16.36 5.51 -2.21
N CYS F 168 -16.43 6.03 -3.44
CA CYS F 168 -15.41 6.89 -4.03
C CYS F 168 -16.03 8.21 -4.46
N CYS F 169 -15.37 9.32 -4.12
CA CYS F 169 -15.77 10.64 -4.63
C CYS F 169 -14.56 11.56 -4.44
N HIS F 170 -14.64 12.76 -5.01
CA HIS F 170 -13.48 13.64 -4.98
C HIS F 170 -13.21 14.16 -3.56
N GLY F 171 -14.21 14.79 -2.95
CA GLY F 171 -14.05 15.41 -1.66
C GLY F 171 -14.35 14.49 -0.50
N GLY F 172 -15.63 14.36 -0.16
CA GLY F 172 -15.94 13.51 0.95
C GLY F 172 -17.42 13.46 1.23
N LEU F 173 -17.74 13.22 2.49
CA LEU F 173 -19.12 13.01 2.90
C LEU F 173 -19.84 14.35 3.05
N SER F 174 -21.15 14.26 3.22
CA SER F 174 -22.01 15.41 3.40
C SER F 174 -22.90 15.14 4.60
N PRO F 175 -23.18 16.15 5.43
CA PRO F 175 -24.21 15.97 6.45
C PRO F 175 -25.54 15.58 5.83
N ASP F 176 -25.81 16.02 4.59
CA ASP F 176 -27.08 15.74 3.95
C ASP F 176 -27.14 14.36 3.33
N LEU F 177 -26.02 13.62 3.26
CA LEU F 177 -26.02 12.34 2.57
C LEU F 177 -26.51 11.26 3.52
N GLN F 178 -27.78 10.88 3.35
CA GLN F 178 -28.37 9.86 4.19
C GLN F 178 -28.73 8.60 3.42
N SER F 179 -28.94 8.69 2.11
CA SER F 179 -29.17 7.49 1.31
C SER F 179 -28.49 7.67 -0.04
N MET F 180 -28.05 6.56 -0.64
CA MET F 180 -27.34 6.66 -1.90
C MET F 180 -28.25 7.18 -3.00
N GLU F 181 -29.56 6.97 -2.87
CA GLU F 181 -30.50 7.43 -3.88
C GLU F 181 -30.52 8.94 -3.99
N GLN F 182 -30.10 9.66 -2.94
CA GLN F 182 -29.99 11.12 -3.08
C GLN F 182 -28.97 11.49 -4.15
N ILE F 183 -27.87 10.74 -4.26
CA ILE F 183 -26.92 11.02 -5.33
C ILE F 183 -27.56 10.75 -6.69
N ARG F 184 -28.31 9.65 -6.81
CA ARG F 184 -28.99 9.33 -8.06
C ARG F 184 -30.00 10.40 -8.48
N ARG F 185 -30.49 11.20 -7.54
CA ARG F 185 -31.48 12.23 -7.86
C ARG F 185 -30.85 13.57 -8.23
N ILE F 186 -29.52 13.69 -8.13
CA ILE F 186 -28.81 14.85 -8.64
C ILE F 186 -28.92 14.86 -10.17
N MET F 187 -29.42 15.97 -10.71
CA MET F 187 -29.73 16.06 -12.14
C MET F 187 -28.58 16.64 -12.97
N ARG F 188 -28.45 16.18 -14.21
CA ARG F 188 -27.38 16.64 -15.08
C ARG F 188 -27.95 17.14 -16.39
N PRO F 189 -27.27 18.08 -17.07
CA PRO F 189 -26.07 18.80 -16.65
C PRO F 189 -26.34 19.71 -15.47
N THR F 190 -25.29 19.99 -14.70
CA THR F 190 -25.46 20.87 -13.55
C THR F 190 -24.14 21.57 -13.26
N ASP F 191 -24.25 22.82 -12.81
CA ASP F 191 -23.14 23.49 -12.14
C ASP F 191 -23.00 22.93 -10.72
N VAL F 192 -21.88 23.24 -10.07
CA VAL F 192 -21.67 22.86 -8.67
C VAL F 192 -22.20 23.99 -7.80
N PRO F 193 -23.19 23.76 -6.95
CA PRO F 193 -23.71 24.83 -6.09
C PRO F 193 -22.71 25.16 -5.00
N ASP F 194 -22.91 26.31 -4.36
CA ASP F 194 -21.97 26.70 -3.31
C ASP F 194 -22.34 26.13 -1.94
N GLN F 195 -23.45 25.40 -1.83
CA GLN F 195 -23.73 24.66 -0.60
C GLN F 195 -24.63 23.49 -0.93
N GLY F 196 -24.58 22.45 -0.10
CA GLY F 196 -25.45 21.30 -0.25
C GLY F 196 -24.69 20.05 -0.66
N LEU F 197 -25.48 19.01 -0.93
CA LEU F 197 -24.94 17.66 -1.12
C LEU F 197 -23.91 17.60 -2.23
N LEU F 198 -24.26 18.09 -3.43
CA LEU F 198 -23.32 18.06 -4.56
C LEU F 198 -22.04 18.83 -4.27
N CYS F 199 -22.16 19.98 -3.61
CA CYS F 199 -20.98 20.74 -3.18
C CYS F 199 -20.12 19.91 -2.22
N ASP F 200 -20.74 19.33 -1.18
CA ASP F 200 -19.97 18.60 -0.17
C ASP F 200 -19.22 17.42 -0.77
N LEU F 201 -19.86 16.67 -1.68
CA LEU F 201 -19.20 15.50 -2.27
C LEU F 201 -17.91 15.87 -3.00
N LEU F 202 -17.82 17.10 -3.48
CA LEU F 202 -16.67 17.60 -4.22
C LEU F 202 -15.71 18.41 -3.38
N TRP F 203 -16.13 18.82 -2.18
CA TRP F 203 -15.36 19.83 -1.45
C TRP F 203 -14.97 19.44 -0.02
N SER F 204 -15.65 18.51 0.64
CA SER F 204 -15.41 18.31 2.06
C SER F 204 -14.07 17.58 2.31
N ASP F 205 -13.60 17.65 3.56
CA ASP F 205 -12.33 17.05 3.96
C ASP F 205 -12.49 16.27 5.26
N PRO F 206 -11.80 15.15 5.42
CA PRO F 206 -11.70 14.53 6.75
C PRO F 206 -10.84 15.39 7.67
N ASP F 207 -11.04 15.26 8.98
CA ASP F 207 -10.28 16.07 9.94
C ASP F 207 -10.02 15.27 11.20
N LYS F 208 -8.76 15.26 11.66
CA LYS F 208 -8.38 14.46 12.80
C LYS F 208 -8.88 15.03 14.11
N ASP F 209 -9.03 16.35 14.19
CA ASP F 209 -9.28 16.96 15.49
C ASP F 209 -10.76 17.07 15.85
N VAL F 210 -11.66 17.10 14.88
CA VAL F 210 -13.09 17.25 15.14
C VAL F 210 -13.76 15.92 14.82
N GLN F 211 -14.35 15.28 15.84
CA GLN F 211 -14.83 13.90 15.65
C GLN F 211 -16.12 13.84 14.83
N GLY F 212 -16.99 14.85 14.95
CA GLY F 212 -18.20 14.97 14.14
C GLY F 212 -18.04 15.86 12.92
N TRP F 213 -18.96 16.79 12.70
CA TRP F 213 -18.92 17.72 11.58
C TRP F 213 -18.39 19.08 12.04
N GLY F 214 -17.57 19.72 11.19
CA GLY F 214 -17.04 21.03 11.51
C GLY F 214 -17.05 21.94 10.30
N GLU F 215 -16.70 23.20 10.55
CA GLU F 215 -16.56 24.18 9.47
C GLU F 215 -15.27 23.94 8.72
N ASN F 216 -15.32 24.01 7.40
CA ASN F 216 -14.15 23.77 6.57
C ASN F 216 -13.39 25.07 6.38
N ASP F 217 -12.07 25.02 6.61
CA ASP F 217 -11.31 26.25 6.47
C ASP F 217 -11.10 26.66 5.01
N ARG F 218 -11.57 25.87 4.04
CA ARG F 218 -11.67 26.36 2.67
C ARG F 218 -12.72 27.44 2.51
N GLY F 219 -13.59 27.65 3.49
CA GLY F 219 -14.68 28.58 3.35
C GLY F 219 -15.89 28.02 2.64
N VAL F 220 -15.84 26.75 2.25
CA VAL F 220 -16.88 26.01 1.55
C VAL F 220 -17.05 24.69 2.27
N SER F 221 -18.29 24.20 2.40
CA SER F 221 -18.58 22.82 2.82
C SER F 221 -18.03 22.56 4.25
N PHE F 222 -17.64 21.32 4.55
CA PHE F 222 -17.45 20.89 5.94
C PHE F 222 -16.21 20.03 6.07
N THR F 223 -15.79 19.79 7.32
CA THR F 223 -14.95 18.67 7.67
C THR F 223 -15.77 17.63 8.40
N PHE F 224 -15.30 16.39 8.37
CA PHE F 224 -15.93 15.29 9.10
C PHE F 224 -14.86 14.47 9.78
N GLY F 225 -15.17 13.96 10.97
CA GLY F 225 -14.20 13.21 11.77
C GLY F 225 -14.33 11.70 11.63
N ALA F 226 -13.53 11.00 12.44
CA ALA F 226 -13.47 9.55 12.35
C ALA F 226 -14.80 8.89 12.72
N GLU F 227 -15.54 9.49 13.66
CA GLU F 227 -16.85 8.95 14.04
C GLU F 227 -17.86 9.05 12.89
N VAL F 228 -17.85 10.18 12.16
CA VAL F 228 -18.73 10.27 11.00
C VAL F 228 -18.41 9.15 10.02
N VAL F 229 -17.12 8.91 9.77
CA VAL F 229 -16.73 7.88 8.82
C VAL F 229 -17.18 6.50 9.29
N ALA F 230 -16.91 6.18 10.57
CA ALA F 230 -17.34 4.88 11.10
C ALA F 230 -18.85 4.72 10.96
N LYS F 231 -19.61 5.73 11.33
CA LYS F 231 -21.07 5.62 11.26
C LYS F 231 -21.53 5.46 9.82
N PHE F 232 -20.90 6.17 8.90
CA PHE F 232 -21.34 6.09 7.50
C PHE F 232 -21.07 4.70 6.93
N LEU F 233 -19.88 4.13 7.21
CA LEU F 233 -19.58 2.80 6.69
C LEU F 233 -20.52 1.74 7.27
N HIS F 234 -20.86 1.87 8.55
CA HIS F 234 -21.72 0.87 9.17
C HIS F 234 -23.14 0.94 8.62
N LYS F 235 -23.66 2.16 8.44
CA LYS F 235 -25.02 2.33 7.96
C LYS F 235 -25.19 1.75 6.55
N HIS F 236 -24.20 1.93 5.68
CA HIS F 236 -24.32 1.54 4.30
C HIS F 236 -23.61 0.24 3.98
N ASP F 237 -23.15 -0.51 4.99
CA ASP F 237 -22.46 -1.78 4.78
C ASP F 237 -21.27 -1.62 3.85
N LEU F 238 -20.48 -0.57 4.05
CA LEU F 238 -19.29 -0.29 3.27
C LEU F 238 -18.02 -0.58 4.09
N ASP F 239 -16.92 -0.78 3.38
CA ASP F 239 -15.61 -1.04 3.99
C ASP F 239 -14.65 0.14 3.95
N LEU F 240 -14.77 1.05 2.99
CA LEU F 240 -13.73 2.03 2.76
C LEU F 240 -14.31 3.22 2.01
N ILE F 241 -13.94 4.43 2.44
CA ILE F 241 -14.11 5.63 1.62
C ILE F 241 -12.79 5.95 0.94
N CYS F 242 -12.85 6.16 -0.38
CA CYS F 242 -11.67 6.45 -1.19
C CYS F 242 -11.89 7.81 -1.83
N ARG F 243 -11.08 8.81 -1.46
CA ARG F 243 -11.29 10.17 -1.94
C ARG F 243 -9.93 10.79 -2.28
N ALA F 244 -9.95 12.04 -2.74
CA ALA F 244 -8.73 12.70 -3.19
C ALA F 244 -8.65 14.10 -2.59
N HIS F 245 -8.42 15.13 -3.43
CA HIS F 245 -8.69 16.53 -3.06
C HIS F 245 -7.68 17.18 -2.11
N GLN F 246 -6.88 16.41 -1.37
CA GLN F 246 -5.90 17.00 -0.46
C GLN F 246 -4.53 16.40 -0.74
N VAL F 247 -3.51 17.25 -0.90
CA VAL F 247 -2.18 16.76 -1.20
C VAL F 247 -1.62 16.07 0.05
N VAL F 248 -1.01 14.91 -0.14
CA VAL F 248 -0.46 14.13 0.96
C VAL F 248 0.96 13.74 0.59
N GLU F 249 1.84 13.66 1.59
CA GLU F 249 3.29 13.63 1.34
CA GLU F 249 3.28 13.65 1.30
C GLU F 249 3.69 12.42 0.50
N ASP F 250 3.13 11.27 0.81
CA ASP F 250 3.50 10.03 0.15
C ASP F 250 2.50 9.58 -0.91
N GLY F 251 1.66 10.49 -1.41
CA GLY F 251 0.73 10.15 -2.44
C GLY F 251 -0.57 9.56 -1.94
N TYR F 252 -0.54 8.92 -0.77
CA TYR F 252 -1.77 8.43 -0.18
C TYR F 252 -1.63 8.46 1.33
N GLU F 253 -2.77 8.43 2.01
CA GLU F 253 -2.75 8.54 3.46
C GLU F 253 -4.04 7.99 4.03
N PHE F 254 -3.93 7.04 4.96
CA PHE F 254 -5.10 6.47 5.59
C PHE F 254 -5.63 7.37 6.69
N PHE F 255 -6.89 7.13 7.08
CA PHE F 255 -7.60 7.94 8.05
C PHE F 255 -8.59 7.05 8.77
N ALA F 256 -8.81 7.33 10.06
CA ALA F 256 -9.78 6.60 10.89
C ALA F 256 -9.58 5.08 10.80
N LYS F 257 -8.38 4.64 11.17
CA LYS F 257 -8.05 3.22 11.20
C LYS F 257 -8.34 2.54 9.86
N ARG F 258 -7.88 3.21 8.79
CA ARG F 258 -7.95 2.71 7.43
C ARG F 258 -9.39 2.61 6.89
N GLN F 259 -10.34 3.30 7.51
CA GLN F 259 -11.69 3.32 6.96
C GLN F 259 -11.85 4.33 5.84
N LEU F 260 -10.87 5.20 5.65
CA LEU F 260 -10.84 6.17 4.56
C LEU F 260 -9.41 6.23 4.04
N VAL F 261 -9.25 6.46 2.74
CA VAL F 261 -7.93 6.74 2.16
C VAL F 261 -8.05 7.97 1.28
N THR F 262 -7.07 8.86 1.40
CA THR F 262 -6.86 9.98 0.49
C THR F 262 -5.80 9.59 -0.52
N LEU F 263 -6.14 9.68 -1.80
CA LEU F 263 -5.21 9.47 -2.91
C LEU F 263 -4.93 10.79 -3.63
N PHE F 264 -3.69 10.98 -4.05
CA PHE F 264 -3.30 12.20 -4.73
C PHE F 264 -2.23 11.80 -5.72
N SER F 265 -2.41 12.16 -6.99
CA SER F 265 -1.58 11.58 -8.03
C SER F 265 -0.73 12.62 -8.78
N ALA F 266 -0.56 13.81 -8.20
CA ALA F 266 0.24 14.85 -8.84
C ALA F 266 1.51 15.09 -8.04
N PRO F 267 2.65 14.48 -8.42
CA PRO F 267 3.88 14.69 -7.65
C PRO F 267 4.35 16.12 -7.75
N ASN F 268 5.02 16.59 -6.70
CA ASN F 268 5.57 17.95 -6.67
C ASN F 268 4.49 18.98 -7.03
N TYR F 269 3.34 18.82 -6.40
CA TYR F 269 2.14 19.59 -6.71
C TYR F 269 2.41 21.09 -6.75
N CYS F 270 2.07 21.72 -7.87
CA CYS F 270 2.28 23.15 -8.13
C CYS F 270 3.74 23.55 -8.17
N GLY F 271 4.67 22.60 -8.07
CA GLY F 271 6.04 22.96 -7.83
C GLY F 271 6.26 23.54 -6.43
N GLU F 272 5.20 23.54 -5.62
CA GLU F 272 5.26 24.13 -4.29
C GLU F 272 5.46 23.10 -3.19
N PHE F 273 5.00 21.87 -3.39
CA PHE F 273 5.17 20.79 -2.43
C PHE F 273 6.19 19.79 -2.98
N ASP F 274 6.72 18.94 -2.10
CA ASP F 274 7.66 17.91 -2.53
C ASP F 274 7.01 16.52 -2.49
N ASN F 275 5.70 16.47 -2.63
CA ASN F 275 4.95 15.25 -2.39
C ASN F 275 5.13 14.24 -3.52
N ALA F 276 4.96 12.98 -3.18
CA ALA F 276 4.80 11.97 -4.21
C ALA F 276 3.32 11.87 -4.60
N GLY F 277 3.08 11.23 -5.72
CA GLY F 277 1.76 10.80 -6.10
C GLY F 277 1.64 9.30 -5.90
N ALA F 278 0.42 8.81 -5.83
CA ALA F 278 0.20 7.39 -5.63
C ALA F 278 -1.00 6.92 -6.45
N MET F 279 -1.02 5.61 -6.69
CA MET F 279 -2.09 4.91 -7.40
C MET F 279 -2.46 3.70 -6.58
N MET F 280 -3.76 3.47 -6.39
CA MET F 280 -4.24 2.33 -5.61
C MET F 280 -4.86 1.31 -6.57
N SER F 281 -4.35 0.08 -6.49
CA SER F 281 -4.86 -1.04 -7.26
C SER F 281 -5.78 -1.89 -6.39
N VAL F 282 -6.98 -2.16 -6.87
CA VAL F 282 -7.97 -2.98 -6.17
C VAL F 282 -8.10 -4.30 -6.93
N ASP F 283 -7.81 -5.41 -6.25
CA ASP F 283 -7.93 -6.70 -6.92
C ASP F 283 -9.32 -7.29 -6.69
N GLU F 284 -9.56 -8.48 -7.23
CA GLU F 284 -10.89 -9.11 -7.21
C GLU F 284 -11.42 -9.33 -5.81
N THR F 285 -10.56 -9.40 -4.80
CA THR F 285 -10.99 -9.62 -3.44
C THR F 285 -11.12 -8.33 -2.67
N LEU F 286 -10.96 -7.19 -3.34
CA LEU F 286 -10.93 -5.86 -2.74
C LEU F 286 -9.70 -5.64 -1.85
N MET F 287 -8.62 -6.40 -2.07
CA MET F 287 -7.34 -6.07 -1.44
C MET F 287 -6.72 -4.89 -2.15
N CYS F 288 -6.22 -3.92 -1.38
CA CYS F 288 -5.68 -2.67 -1.91
C CYS F 288 -4.16 -2.67 -1.92
N SER F 289 -3.57 -2.32 -3.06
CA SER F 289 -2.13 -2.26 -3.25
C SER F 289 -1.74 -0.86 -3.72
N PHE F 290 -0.62 -0.34 -3.22
CA PHE F 290 -0.24 1.06 -3.46
C PHE F 290 1.10 1.12 -4.20
N GLN F 291 1.15 1.94 -5.25
CA GLN F 291 2.40 2.32 -5.90
C GLN F 291 2.62 3.82 -5.70
N ILE F 292 3.82 4.17 -5.26
CA ILE F 292 4.24 5.55 -5.08
C ILE F 292 4.95 5.99 -6.35
N LEU F 293 4.70 7.22 -6.77
CA LEU F 293 5.43 7.83 -7.89
C LEU F 293 6.21 9.04 -7.36
N LYS F 294 7.54 8.89 -7.29
CA LYS F 294 8.39 9.95 -6.78
C LYS F 294 8.27 11.21 -7.65
N PRO F 295 8.48 12.40 -7.06
CA PRO F 295 8.46 13.66 -7.80
C PRO F 295 9.63 13.82 -8.77
PG GNP G . 45.52 -19.37 11.29
O1G GNP G . 45.73 -20.51 10.33
O2G GNP G . 44.38 -18.47 10.82
O3G GNP G . 46.84 -18.65 11.54
N3B GNP G . 45.06 -20.07 12.78
PB GNP G . 44.60 -19.21 14.10
O1B GNP G . 45.72 -18.63 14.89
O2B GNP G . 43.60 -18.14 13.70
O3A GNP G . 43.83 -20.37 14.98
PA GNP G . 42.25 -20.47 15.20
O1A GNP G . 41.63 -20.83 13.86
O2A GNP G . 41.70 -19.32 15.93
O5' GNP G . 42.20 -21.70 16.19
C5' GNP G . 42.80 -22.97 15.83
C4' GNP G . 42.10 -24.08 16.59
O4' GNP G . 42.37 -23.97 18.00
C3' GNP G . 40.58 -24.08 16.45
O3' GNP G . 40.08 -25.41 16.48
C2' GNP G . 40.14 -23.31 17.68
O2' GNP G . 38.81 -23.62 18.08
C1' GNP G . 41.16 -23.82 18.72
N9 GNP G . 41.38 -22.83 19.77
C8 GNP G . 41.64 -21.50 19.58
N7 GNP G . 41.80 -20.83 20.70
C5 GNP G . 41.63 -21.79 21.68
C6 GNP G . 41.66 -21.67 23.12
O6 GNP G . 41.87 -20.67 23.77
N1 GNP G . 41.43 -22.88 23.76
C2 GNP G . 41.17 -24.06 23.11
N2 GNP G . 40.97 -25.13 23.88
N3 GNP G . 41.13 -24.19 21.77
C4 GNP G . 41.36 -23.02 21.13
MG MG H . 42.99 -17.46 11.84
C1 GOL I . 38.04 -20.05 14.65
O1 GOL I . 38.60 -21.02 15.57
C2 GOL I . 38.73 -20.22 13.22
O2 GOL I . 39.07 -21.50 12.92
C3 GOL I . 37.89 -19.47 12.09
O3 GOL I . 36.58 -19.31 12.54
C1 GOL J . 30.47 -6.53 -0.69
O1 GOL J . 29.09 -6.42 -0.86
C2 GOL J . 31.09 -6.38 -2.11
O2 GOL J . 32.45 -6.24 -2.08
C3 GOL J . 30.64 -7.66 -2.95
O3 GOL J . 31.44 -8.77 -2.55
C1 GOL K . 25.28 -30.19 3.10
O1 GOL K . 25.13 -31.32 3.94
C2 GOL K . 24.21 -30.23 1.93
O2 GOL K . 23.43 -31.39 1.89
C3 GOL K . 23.38 -28.93 2.09
O3 GOL K . 22.42 -28.87 1.05
C1 GOL L . 40.31 -45.99 28.40
O1 GOL L . 40.21 -44.66 28.92
C2 GOL L . 41.59 -46.64 29.03
O2 GOL L . 41.78 -47.99 28.69
C3 GOL L . 42.77 -45.77 28.52
O3 GOL L . 43.90 -46.18 29.24
MN MN M . 8.88 -8.31 16.53
MN MN N . 11.62 -8.21 16.51
P PO4 O . 9.82 -7.71 19.48
O1 PO4 O . 10.20 -8.12 20.89
O2 PO4 O . 10.97 -7.92 18.51
O3 PO4 O . 8.63 -8.57 19.05
O4 PO4 O . 9.48 -6.24 19.43
C1 GOL P . 14.41 -15.14 -5.52
O1 GOL P . 14.44 -13.84 -4.97
C2 GOL P . 15.83 -15.47 -6.06
O2 GOL P . 15.90 -15.45 -7.45
C3 GOL P . 16.73 -14.40 -5.38
O3 GOL P . 17.87 -14.29 -6.13
C1 GOL Q . 29.09 -25.11 11.13
O1 GOL Q . 30.00 -25.62 12.09
C2 GOL Q . 29.91 -24.17 10.22
O2 GOL Q . 30.80 -24.89 9.40
C3 GOL Q . 28.83 -23.35 9.44
O3 GOL Q . 29.46 -22.31 8.71
P PO4 R . 31.76 8.88 -1.49
O1 PO4 R . 33.23 8.55 -1.67
O2 PO4 R . 31.40 8.91 -0.03
O3 PO4 R . 30.94 7.80 -2.16
O4 PO4 R . 31.46 10.22 -2.14
PG GNP S . -45.25 15.41 -12.30
O1G GNP S . -45.56 14.59 -13.51
O2G GNP S . -44.01 14.82 -11.61
O3G GNP S . -46.45 15.48 -11.33
N3B GNP S . -44.87 16.97 -12.83
PB GNP S . -44.24 18.15 -11.86
O1B GNP S . -45.29 18.84 -11.07
O2B GNP S . -43.12 17.59 -11.00
O3A GNP S . -43.63 19.21 -12.94
PA GNP S . -42.09 19.43 -13.25
O1A GNP S . -41.56 18.16 -13.91
O2A GNP S . -41.43 19.98 -12.09
O5' GNP S . -42.21 20.58 -14.34
C5' GNP S . -42.96 20.38 -15.56
C4' GNP S . -42.40 21.30 -16.63
O4' GNP S . -42.62 22.69 -16.27
C3' GNP S . -40.89 21.18 -16.90
O3' GNP S . -40.65 21.33 -18.30
C2' GNP S . -40.31 22.32 -16.05
O2' GNP S . -39.06 22.79 -16.56
C1' GNP S . -41.39 23.39 -16.20
N9 GNP S . -41.46 24.30 -15.05
C8 GNP S . -41.59 23.92 -13.73
N7 GNP S . -41.64 24.95 -12.90
C5 GNP S . -41.56 26.06 -13.74
C6 GNP S . -41.56 27.47 -13.43
O6 GNP S . -41.64 27.98 -12.34
N1 GNP S . -41.45 28.25 -14.58
C2 GNP S . -41.34 27.75 -15.85
N2 GNP S . -41.24 28.65 -16.85
N3 GNP S . -41.35 26.45 -16.14
C4 GNP S . -41.45 25.66 -15.05
MG MG T . -42.48 15.70 -10.72
C1 GOL U . -37.59 16.70 -13.15
O1 GOL U . -37.16 15.63 -13.89
C2 GOL U . -38.18 17.70 -14.22
O2 GOL U . -39.33 17.23 -14.83
C3 GOL U . -38.34 19.06 -13.43
O3 GOL U . -38.60 20.09 -14.38
C1 GOL V . -32.69 10.17 2.43
O1 GOL V . -32.75 9.15 3.39
C2 GOL V . -34.15 10.35 1.87
O2 GOL V . -34.21 11.13 0.71
C3 GOL V . -34.97 10.96 3.04
O3 GOL V . -35.76 12.00 2.53
C1 GOL W . -29.52 -0.21 -4.58
O1 GOL W . -30.00 0.35 -5.78
C2 GOL W . -29.82 0.74 -3.36
O2 GOL W . -29.61 0.04 -2.17
C3 GOL W . -28.78 1.95 -3.49
O3 GOL W . -27.48 1.40 -3.39
C1 GOL X . -25.10 7.21 -25.82
O1 GOL X . -23.91 6.49 -26.06
C2 GOL X . -25.51 7.92 -27.13
O2 GOL X . -25.87 6.99 -28.08
C3 GOL X . -26.73 8.81 -26.72
O3 GOL X . -27.12 9.54 -27.86
C1 GOL Y . -44.51 35.18 -37.66
O1 GOL Y . -44.26 35.58 -36.31
C2 GOL Y . -45.93 35.71 -38.07
O2 GOL Y . -46.41 35.11 -39.25
C3 GOL Y . -46.82 35.38 -36.88
O3 GOL Y . -47.86 36.31 -36.93
C1 GOL Z . -18.96 51.24 -4.89
O1 GOL Z . -20.12 51.88 -4.44
C2 GOL Z . -19.24 49.71 -5.15
O2 GOL Z . -20.15 49.51 -6.16
C3 GOL Z . -17.86 49.11 -5.54
O3 GOL Z . -18.04 47.74 -5.75
C1 GOL AA . -45.07 -19.76 2.32
O1 GOL AA . -45.89 -20.45 1.44
C2 GOL AA . -44.14 -20.81 2.98
O2 GOL AA . -43.33 -21.43 2.05
C3 GOL AA . -43.33 -20.02 4.06
O3 GOL AA . -42.25 -20.84 4.45
P PO4 BA . -28.36 -0.96 12.22
O1 PO4 BA . -27.40 -2.08 12.54
O2 PO4 BA . -27.71 0.38 12.55
O3 PO4 BA . -29.62 -1.12 13.03
O4 PO4 BA . -28.70 -0.98 10.75
MN MN CA . -7.41 19.30 -5.59
MN MN DA . -10.05 19.27 -5.22
P PO4 EA . -8.27 22.12 -4.65
O1 PO4 EA . -7.82 22.14 -3.21
O2 PO4 EA . -7.17 21.52 -5.50
O3 PO4 EA . -9.53 21.29 -4.77
O4 PO4 EA . -8.49 23.54 -5.11
C1 GOL FA . -17.71 26.49 -6.36
O1 GOL FA . -18.57 25.65 -7.09
C2 GOL FA . -18.44 26.73 -5.02
O2 GOL FA . -18.84 25.52 -4.45
C3 GOL FA . -17.45 27.55 -4.12
O3 GOL FA . -18.25 28.40 -3.32
C1 GOL GA . -15.68 -3.57 -14.74
O1 GOL GA . -15.89 -3.74 -16.12
C2 GOL GA . -15.93 -2.06 -14.35
O2 GOL GA . -16.99 -1.94 -13.45
C3 GOL GA . -14.58 -1.58 -13.72
O3 GOL GA . -13.67 -1.59 -14.77
C1 GOL HA . -7.69 23.45 4.08
O1 GOL HA . -8.05 22.56 5.09
C2 GOL HA . -7.38 22.63 2.79
O2 GOL HA . -6.77 23.44 1.80
C3 GOL HA . -6.46 21.47 3.27
O3 GOL HA . -5.97 20.78 2.15
#